data_2M8R
#
_entry.id   2M8R
#
_entity_poly.entity_id   1
_entity_poly.type   'polypeptide(L)'
_entity_poly.pdbx_seq_one_letter_code
;GSHMDSSISKQALSEIETRHSEIIKLENSIRELHDMFMDMAMLVESQGEMIDRIEYNVEHAVDYVERAVSDTKKAVKYQS
KARRKKIMIIICCVILGIIIASTIGGIFG
;
_entity_poly.pdbx_strand_id   A
#
# COMPACT_ATOMS: atom_id res chain seq x y z
N GLY A 1 2.90 0.97 -27.83
CA GLY A 1 2.53 0.43 -29.14
C GLY A 1 2.13 -1.03 -29.04
N SER A 2 1.20 -1.45 -29.89
CA SER A 2 0.74 -2.83 -29.89
C SER A 2 -0.03 -3.15 -31.17
N HIS A 3 -1.02 -2.32 -31.47
CA HIS A 3 -1.83 -2.52 -32.68
C HIS A 3 -2.44 -3.91 -32.68
N MET A 4 -3.76 -3.98 -32.43
CA MET A 4 -4.46 -5.26 -32.41
C MET A 4 -3.62 -6.32 -31.69
N ASP A 5 -4.01 -7.57 -31.88
CA ASP A 5 -3.30 -8.68 -31.24
C ASP A 5 -2.86 -8.32 -29.82
N SER A 6 -1.62 -8.65 -29.48
CA SER A 6 -1.10 -8.35 -28.16
C SER A 6 -1.80 -9.20 -27.10
N SER A 7 -1.66 -10.51 -27.22
CA SER A 7 -2.29 -11.42 -26.27
C SER A 7 -1.56 -11.39 -24.93
N ILE A 8 -0.31 -11.83 -24.93
CA ILE A 8 0.48 -11.87 -23.71
C ILE A 8 0.73 -10.44 -23.19
N SER A 9 1.06 -9.53 -24.09
CA SER A 9 1.31 -8.14 -23.71
C SER A 9 0.02 -7.45 -23.28
N LYS A 10 -0.85 -8.19 -22.59
CA LYS A 10 -2.10 -7.63 -22.12
C LYS A 10 -1.86 -6.56 -21.05
N GLN A 11 -0.92 -6.84 -20.16
CA GLN A 11 -0.60 -5.90 -19.08
C GLN A 11 -0.48 -4.48 -19.63
N ALA A 12 0.49 -4.28 -20.51
CA ALA A 12 0.70 -2.96 -21.11
C ALA A 12 -0.53 -2.49 -21.89
N LEU A 13 -1.28 -3.45 -22.42
CA LEU A 13 -2.49 -3.12 -23.18
C LEU A 13 -3.57 -2.60 -22.24
N SER A 14 -3.96 -3.46 -21.29
CA SER A 14 -4.99 -3.11 -20.32
C SER A 14 -4.54 -1.97 -19.41
N GLU A 15 -3.23 -1.80 -19.28
CA GLU A 15 -2.70 -0.76 -18.41
C GLU A 15 -3.50 0.53 -18.56
N ILE A 16 -3.50 1.10 -19.76
CA ILE A 16 -4.21 2.35 -20.00
C ILE A 16 -5.68 2.24 -19.61
N GLU A 17 -6.19 1.02 -19.59
CA GLU A 17 -7.59 0.79 -19.24
C GLU A 17 -7.90 1.30 -17.84
N THR A 18 -6.91 1.91 -17.19
CA THR A 18 -7.12 2.44 -15.86
C THR A 18 -7.91 3.74 -15.93
N ARG A 19 -7.91 4.35 -17.10
CA ARG A 19 -8.64 5.60 -17.31
C ARG A 19 -10.14 5.35 -17.26
N HIS A 20 -10.53 4.12 -17.61
CA HIS A 20 -11.94 3.75 -17.60
C HIS A 20 -12.35 3.21 -16.25
N SER A 21 -11.38 2.68 -15.51
CA SER A 21 -11.65 2.13 -14.19
C SER A 21 -11.66 3.24 -13.13
N GLU A 22 -10.94 4.31 -13.41
CA GLU A 22 -10.87 5.45 -12.49
C GLU A 22 -12.26 5.82 -11.99
N ILE A 23 -13.18 6.05 -12.93
CA ILE A 23 -14.55 6.41 -12.56
C ILE A 23 -15.19 5.30 -11.73
N ILE A 24 -15.01 4.06 -12.19
CA ILE A 24 -15.58 2.91 -11.49
C ILE A 24 -15.11 2.87 -10.04
N LYS A 25 -13.83 3.10 -9.85
CA LYS A 25 -13.25 3.09 -8.52
C LYS A 25 -13.93 4.13 -7.64
N LEU A 26 -13.98 5.37 -8.12
CA LEU A 26 -14.60 6.45 -7.37
C LEU A 26 -16.04 6.10 -7.00
N GLU A 27 -16.82 5.70 -8.01
CA GLU A 27 -18.22 5.34 -7.78
C GLU A 27 -18.35 4.24 -6.74
N ASN A 28 -17.75 3.09 -7.02
CA ASN A 28 -17.81 1.95 -6.11
C ASN A 28 -17.25 2.32 -4.73
N SER A 29 -16.35 3.30 -4.71
CA SER A 29 -15.74 3.72 -3.46
C SER A 29 -16.75 4.50 -2.62
N ILE A 30 -17.69 5.15 -3.29
CA ILE A 30 -18.72 5.92 -2.59
C ILE A 30 -19.74 4.99 -1.94
N ARG A 31 -20.14 3.96 -2.69
CA ARG A 31 -21.12 3.01 -2.18
C ARG A 31 -20.48 2.06 -1.17
N GLU A 32 -19.17 1.92 -1.28
CA GLU A 32 -18.44 1.03 -0.39
C GLU A 32 -18.15 1.74 0.95
N LEU A 33 -17.39 2.83 0.87
CA LEU A 33 -17.06 3.58 2.08
C LEU A 33 -18.32 4.03 2.80
N HIS A 34 -19.35 4.36 2.04
CA HIS A 34 -20.62 4.79 2.62
C HIS A 34 -21.13 3.75 3.61
N ASP A 35 -21.33 2.52 3.13
CA ASP A 35 -21.81 1.46 3.99
C ASP A 35 -20.80 1.14 5.08
N MET A 36 -19.58 0.79 4.67
CA MET A 36 -18.53 0.45 5.63
C MET A 36 -18.48 1.45 6.77
N PHE A 37 -18.75 2.72 6.47
CA PHE A 37 -18.74 3.76 7.49
C PHE A 37 -19.39 3.24 8.76
N MET A 38 -20.48 2.51 8.61
CA MET A 38 -21.20 1.94 9.75
C MET A 38 -20.48 0.71 10.28
N ASP A 39 -19.80 -0.02 9.39
CA ASP A 39 -19.07 -1.22 9.81
C ASP A 39 -17.89 -0.84 10.69
N MET A 40 -17.03 0.00 10.16
CA MET A 40 -15.85 0.44 10.90
C MET A 40 -16.27 1.08 12.22
N ALA A 41 -17.52 1.51 12.27
CA ALA A 41 -18.05 2.12 13.48
C ALA A 41 -18.08 1.10 14.62
N MET A 42 -18.15 -0.16 14.24
CA MET A 42 -18.20 -1.26 15.20
C MET A 42 -16.87 -1.40 15.94
N LEU A 43 -15.81 -1.70 15.20
CA LEU A 43 -14.50 -1.89 15.79
C LEU A 43 -13.95 -0.58 16.35
N VAL A 44 -14.47 0.53 15.86
CA VAL A 44 -14.02 1.84 16.31
C VAL A 44 -14.47 2.12 17.75
N GLU A 45 -15.72 1.78 18.03
CA GLU A 45 -16.28 2.02 19.37
C GLU A 45 -15.90 0.92 20.36
N SER A 46 -16.36 -0.29 20.08
CA SER A 46 -16.10 -1.43 20.96
C SER A 46 -14.66 -1.93 20.83
N GLN A 47 -14.35 -2.55 19.71
CA GLN A 47 -13.01 -3.08 19.49
C GLN A 47 -12.01 -1.96 19.23
N GLY A 48 -12.40 -0.73 19.52
CA GLY A 48 -11.52 0.41 19.30
C GLY A 48 -10.28 0.28 20.17
N GLU A 49 -10.45 -0.32 21.34
CA GLU A 49 -9.34 -0.50 22.26
C GLU A 49 -8.24 -1.34 21.62
N MET A 50 -8.63 -2.31 20.79
CA MET A 50 -7.66 -3.17 20.13
C MET A 50 -7.16 -2.54 18.84
N ILE A 51 -8.10 -2.09 18.02
CA ILE A 51 -7.76 -1.48 16.74
C ILE A 51 -6.79 -0.32 16.95
N ASP A 52 -6.86 0.32 18.11
CA ASP A 52 -5.98 1.44 18.41
C ASP A 52 -4.52 1.01 18.30
N ARG A 53 -4.21 -0.09 18.96
CA ARG A 53 -2.85 -0.61 18.96
C ARG A 53 -2.23 -0.55 17.56
N ILE A 54 -3.07 -0.48 16.54
CA ILE A 54 -2.57 -0.41 15.16
C ILE A 54 -1.82 0.89 14.94
N GLU A 55 -2.29 1.93 15.60
CA GLU A 55 -1.66 3.24 15.48
C GLU A 55 -0.26 3.20 16.06
N TYR A 56 -0.18 2.97 17.37
CA TYR A 56 1.10 2.92 18.07
C TYR A 56 2.10 2.06 17.30
N ASN A 57 1.59 1.16 16.46
CA ASN A 57 2.45 0.29 15.69
C ASN A 57 3.41 1.10 14.83
N VAL A 58 2.99 2.32 14.50
CA VAL A 58 3.82 3.21 13.69
C VAL A 58 5.12 3.53 14.41
N GLU A 59 5.00 4.14 15.59
CA GLU A 59 6.16 4.50 16.38
C GLU A 59 7.20 3.40 16.33
N HIS A 60 6.75 2.15 16.33
CA HIS A 60 7.66 1.01 16.27
C HIS A 60 8.50 1.09 14.99
N ALA A 61 7.83 1.02 13.85
CA ALA A 61 8.54 1.06 12.57
C ALA A 61 9.55 2.20 12.58
N VAL A 62 9.07 3.43 12.76
CA VAL A 62 9.95 4.58 12.77
C VAL A 62 11.13 4.35 13.72
N ASP A 63 10.91 3.55 14.76
CA ASP A 63 11.97 3.27 15.74
C ASP A 63 13.17 2.60 15.08
N TYR A 64 12.94 1.41 14.52
CA TYR A 64 14.02 0.67 13.87
C TYR A 64 14.39 1.28 12.53
N VAL A 65 13.37 1.53 11.71
CA VAL A 65 13.59 2.13 10.39
C VAL A 65 14.57 3.29 10.48
N GLU A 66 14.29 4.23 11.38
CA GLU A 66 15.16 5.40 11.55
C GLU A 66 16.62 4.98 11.49
N ARG A 67 16.95 3.86 12.15
CA ARG A 67 18.32 3.38 12.16
C ARG A 67 18.63 2.60 10.89
N ALA A 68 17.58 2.10 10.24
CA ALA A 68 17.75 1.33 9.02
C ALA A 68 17.98 2.26 7.83
N VAL A 69 17.04 3.15 7.59
CA VAL A 69 17.16 4.10 6.49
C VAL A 69 18.50 4.81 6.53
N SER A 70 19.05 4.98 7.74
CA SER A 70 20.33 5.65 7.90
C SER A 70 21.46 4.76 7.38
N ASP A 71 21.27 3.45 7.48
CA ASP A 71 22.28 2.50 7.02
C ASP A 71 22.07 2.18 5.55
N THR A 72 20.87 1.73 5.21
CA THR A 72 20.55 1.39 3.83
C THR A 72 21.03 2.47 2.89
N LYS A 73 20.46 3.67 3.04
CA LYS A 73 20.85 4.80 2.18
C LYS A 73 22.35 5.02 2.23
N LYS A 74 23.02 4.28 3.11
CA LYS A 74 24.47 4.41 3.24
C LYS A 74 24.84 5.64 4.06
N ALA A 75 23.82 6.41 4.43
CA ALA A 75 24.02 7.62 5.23
C ALA A 75 24.38 8.80 4.32
N VAL A 76 23.36 9.58 3.95
CA VAL A 76 23.58 10.73 3.09
C VAL A 76 22.27 11.47 2.86
N LYS A 77 21.96 12.41 3.75
CA LYS A 77 20.72 13.19 3.64
C LYS A 77 20.80 14.45 4.49
N TYR A 78 19.71 15.20 4.53
CA TYR A 78 19.65 16.42 5.31
C TYR A 78 18.31 16.55 6.03
N GLN A 79 18.35 16.97 7.28
CA GLN A 79 17.13 17.13 8.07
C GLN A 79 16.51 15.77 8.37
N SER A 80 15.84 15.67 9.51
CA SER A 80 15.21 14.41 9.90
C SER A 80 13.81 14.31 9.30
N LYS A 81 13.44 15.30 8.49
CA LYS A 81 12.13 15.30 7.86
C LYS A 81 11.95 14.06 6.99
N ALA A 82 13.03 13.62 6.37
CA ALA A 82 12.98 12.43 5.52
C ALA A 82 12.24 11.29 6.22
N ARG A 83 12.67 10.99 7.45
CA ARG A 83 12.05 9.91 8.22
C ARG A 83 10.54 9.93 8.06
N ARG A 84 9.99 11.08 7.67
CA ARG A 84 8.55 11.20 7.49
C ARG A 84 8.12 10.58 6.15
N LYS A 85 8.65 11.12 5.06
CA LYS A 85 8.32 10.62 3.73
C LYS A 85 8.85 9.22 3.52
N LYS A 86 10.04 8.94 4.07
CA LYS A 86 10.65 7.62 3.94
C LYS A 86 9.61 6.53 4.13
N ILE A 87 8.69 6.75 5.05
CA ILE A 87 7.66 5.76 5.33
C ILE A 87 6.93 5.39 4.03
N MET A 88 6.66 6.38 3.21
CA MET A 88 5.96 6.16 1.95
C MET A 88 6.93 5.74 0.83
N ILE A 89 8.17 6.18 0.93
CA ILE A 89 9.16 5.89 -0.11
C ILE A 89 9.89 4.55 0.10
N ILE A 90 10.61 4.42 1.21
CA ILE A 90 11.39 3.21 1.47
C ILE A 90 10.52 2.07 2.03
N ILE A 91 9.97 2.24 3.23
CA ILE A 91 9.16 1.20 3.83
C ILE A 91 8.10 0.69 2.87
N CYS A 92 7.64 1.57 1.99
CA CYS A 92 6.62 1.18 1.01
C CYS A 92 7.28 0.46 -0.16
N CYS A 93 8.42 0.96 -0.61
CA CYS A 93 9.14 0.36 -1.73
C CYS A 93 9.48 -1.09 -1.42
N VAL A 94 9.81 -1.37 -0.17
CA VAL A 94 10.16 -2.73 0.22
C VAL A 94 9.01 -3.68 -0.08
N ILE A 95 7.79 -3.19 0.16
CA ILE A 95 6.60 -4.00 -0.10
C ILE A 95 6.53 -4.41 -1.56
N LEU A 96 6.86 -3.49 -2.46
CA LEU A 96 6.83 -3.79 -3.89
C LEU A 96 7.46 -5.15 -4.16
N GLY A 97 8.55 -5.43 -3.48
CA GLY A 97 9.24 -6.71 -3.67
C GLY A 97 8.39 -7.86 -3.14
N ILE A 98 7.54 -7.57 -2.16
CA ILE A 98 6.69 -8.59 -1.56
C ILE A 98 5.41 -8.77 -2.39
N ILE A 99 4.85 -7.67 -2.87
CA ILE A 99 3.63 -7.73 -3.66
C ILE A 99 3.75 -8.79 -4.74
N ILE A 100 4.86 -8.77 -5.46
CA ILE A 100 5.08 -9.74 -6.51
C ILE A 100 4.86 -11.15 -5.95
N ALA A 101 5.46 -11.42 -4.80
CA ALA A 101 5.30 -12.72 -4.16
C ALA A 101 3.83 -13.01 -3.91
N SER A 102 3.02 -11.96 -3.82
CA SER A 102 1.59 -12.12 -3.60
C SER A 102 0.93 -12.78 -4.82
N THR A 103 1.00 -12.09 -5.95
CA THR A 103 0.43 -12.60 -7.18
C THR A 103 0.84 -14.05 -7.38
N ILE A 104 2.05 -14.37 -6.96
CA ILE A 104 2.58 -15.73 -7.08
C ILE A 104 2.23 -16.54 -5.84
N GLY A 105 1.78 -15.86 -4.79
CA GLY A 105 1.41 -16.54 -3.55
C GLY A 105 0.18 -17.42 -3.77
N GLY A 106 -0.66 -17.02 -4.72
CA GLY A 106 -1.87 -17.77 -5.02
C GLY A 106 -3.10 -17.04 -4.50
N ILE A 107 -2.87 -16.00 -3.72
CA ILE A 107 -3.96 -15.22 -3.15
C ILE A 107 -4.65 -14.42 -4.23
N PHE A 108 -3.88 -13.60 -4.95
CA PHE A 108 -4.45 -12.79 -6.02
C PHE A 108 -4.66 -13.62 -7.27
N GLY A 109 -3.61 -14.31 -7.69
CA GLY A 109 -3.69 -15.15 -8.88
C GLY A 109 -4.21 -16.55 -8.53
N GLY A 1 8.61 -11.44 -38.22
CA GLY A 1 7.23 -10.97 -38.20
C GLY A 1 6.94 -10.09 -39.40
N SER A 2 5.72 -10.18 -39.92
CA SER A 2 5.32 -9.38 -41.07
C SER A 2 3.80 -9.31 -41.18
N HIS A 3 3.32 -8.70 -42.25
CA HIS A 3 1.89 -8.58 -42.48
C HIS A 3 1.22 -7.90 -41.28
N MET A 4 1.67 -6.69 -40.97
CA MET A 4 1.12 -5.94 -39.84
C MET A 4 1.73 -6.40 -38.53
N ASP A 5 1.99 -5.45 -37.64
CA ASP A 5 2.57 -5.77 -36.34
C ASP A 5 1.51 -6.32 -35.39
N SER A 6 1.91 -6.56 -34.15
CA SER A 6 1.00 -7.08 -33.14
C SER A 6 1.56 -6.85 -31.74
N SER A 7 2.82 -7.22 -31.55
CA SER A 7 3.49 -7.05 -30.27
C SER A 7 2.53 -7.28 -29.10
N ILE A 8 2.53 -8.49 -28.57
CA ILE A 8 1.65 -8.83 -27.46
C ILE A 8 1.98 -7.95 -26.24
N SER A 9 0.93 -7.39 -25.63
CA SER A 9 1.12 -6.54 -24.46
C SER A 9 -0.22 -6.11 -23.89
N LYS A 10 -0.92 -7.03 -23.25
CA LYS A 10 -2.22 -6.72 -22.65
C LYS A 10 -2.06 -5.68 -21.55
N GLN A 11 -1.15 -5.95 -20.62
CA GLN A 11 -0.90 -5.04 -19.51
C GLN A 11 -0.85 -3.60 -20.01
N ALA A 12 0.09 -3.32 -20.89
CA ALA A 12 0.23 -1.98 -21.46
C ALA A 12 -1.05 -1.54 -22.16
N LEU A 13 -1.81 -2.52 -22.65
CA LEU A 13 -3.06 -2.21 -23.34
C LEU A 13 -4.10 -1.76 -22.32
N SER A 14 -4.39 -2.64 -21.36
CA SER A 14 -5.37 -2.35 -20.32
C SER A 14 -4.91 -1.19 -19.43
N GLU A 15 -3.61 -0.96 -19.40
CA GLU A 15 -3.07 0.11 -18.56
C GLU A 15 -3.92 1.37 -18.66
N ILE A 16 -4.05 1.91 -19.86
CA ILE A 16 -4.84 3.12 -20.06
C ILE A 16 -6.28 2.94 -19.57
N GLU A 17 -6.74 1.69 -19.53
CA GLU A 17 -8.10 1.40 -19.08
C GLU A 17 -8.37 1.94 -17.69
N THR A 18 -7.37 2.60 -17.10
CA THR A 18 -7.55 3.17 -15.77
C THR A 18 -8.37 4.45 -15.85
N ARG A 19 -8.43 5.02 -17.04
CA ARG A 19 -9.18 6.24 -17.27
C ARG A 19 -10.68 5.98 -17.12
N HIS A 20 -11.07 4.73 -17.33
CA HIS A 20 -12.47 4.36 -17.22
C HIS A 20 -12.74 3.61 -15.91
N SER A 21 -11.92 2.60 -15.64
CA SER A 21 -12.08 1.82 -14.42
C SER A 21 -12.21 2.75 -13.22
N GLU A 22 -11.47 3.85 -13.24
CA GLU A 22 -11.52 4.81 -12.14
C GLU A 22 -12.95 5.25 -11.87
N ILE A 23 -13.71 5.50 -12.94
CA ILE A 23 -15.10 5.92 -12.79
C ILE A 23 -15.89 4.86 -12.03
N ILE A 24 -15.83 3.64 -12.52
CA ILE A 24 -16.55 2.53 -11.88
C ILE A 24 -16.09 2.36 -10.45
N LYS A 25 -14.79 2.45 -10.24
CA LYS A 25 -14.22 2.28 -8.91
C LYS A 25 -14.79 3.32 -7.96
N LEU A 26 -14.65 4.59 -8.31
CA LEU A 26 -15.17 5.66 -7.46
C LEU A 26 -16.60 5.39 -7.04
N GLU A 27 -17.41 4.96 -7.99
CA GLU A 27 -18.81 4.67 -7.71
C GLU A 27 -18.94 3.62 -6.61
N ASN A 28 -18.35 2.45 -6.84
CA ASN A 28 -18.41 1.38 -5.86
C ASN A 28 -17.80 1.82 -4.53
N SER A 29 -16.79 2.68 -4.60
CA SER A 29 -16.14 3.18 -3.40
C SER A 29 -17.11 3.98 -2.54
N ILE A 30 -18.09 4.61 -3.19
CA ILE A 30 -19.08 5.39 -2.47
C ILE A 30 -20.09 4.48 -1.79
N ARG A 31 -20.47 3.41 -2.48
CA ARG A 31 -21.44 2.47 -1.93
C ARG A 31 -20.79 1.59 -0.86
N GLU A 32 -19.47 1.47 -0.94
CA GLU A 32 -18.72 0.66 0.01
C GLU A 32 -18.43 1.47 1.27
N LEU A 33 -17.64 2.53 1.11
CA LEU A 33 -17.29 3.39 2.24
C LEU A 33 -18.54 3.82 2.99
N HIS A 34 -19.60 4.09 2.24
CA HIS A 34 -20.86 4.52 2.85
C HIS A 34 -21.31 3.51 3.90
N ASP A 35 -21.51 2.26 3.48
CA ASP A 35 -21.93 1.22 4.41
C ASP A 35 -20.86 0.98 5.47
N MET A 36 -19.66 0.63 5.03
CA MET A 36 -18.56 0.36 5.95
C MET A 36 -18.50 1.40 7.05
N PHE A 37 -18.82 2.65 6.70
CA PHE A 37 -18.80 3.72 7.68
C PHE A 37 -19.42 3.24 9.00
N MET A 38 -20.51 2.50 8.88
CA MET A 38 -21.20 1.97 10.05
C MET A 38 -20.49 0.73 10.58
N ASP A 39 -19.75 0.06 9.71
CA ASP A 39 -19.03 -1.15 10.10
C ASP A 39 -17.82 -0.80 10.95
N MET A 40 -16.95 0.03 10.39
CA MET A 40 -15.75 0.45 11.10
C MET A 40 -16.12 1.14 12.40
N ALA A 41 -17.35 1.61 12.48
CA ALA A 41 -17.84 2.27 13.68
C ALA A 41 -17.90 1.28 14.84
N MET A 42 -17.96 0.01 14.50
CA MET A 42 -18.03 -1.05 15.51
C MET A 42 -16.72 -1.18 16.28
N LEU A 43 -15.65 -1.53 15.57
CA LEU A 43 -14.35 -1.70 16.21
C LEU A 43 -13.78 -0.37 16.68
N VAL A 44 -14.22 0.73 16.06
CA VAL A 44 -13.73 2.05 16.42
C VAL A 44 -14.19 2.45 17.83
N GLU A 45 -15.48 2.25 18.11
CA GLU A 45 -16.02 2.61 19.41
C GLU A 45 -15.77 1.53 20.46
N SER A 46 -16.03 0.28 20.08
CA SER A 46 -15.85 -0.84 20.99
C SER A 46 -14.39 -1.28 21.07
N GLN A 47 -13.91 -1.90 19.99
CA GLN A 47 -12.53 -2.37 19.95
C GLN A 47 -11.58 -1.22 19.62
N GLY A 48 -12.04 0.01 19.79
CA GLY A 48 -11.19 1.16 19.52
C GLY A 48 -9.86 0.98 20.21
N GLU A 49 -9.89 0.28 21.33
CA GLU A 49 -8.67 0.05 22.09
C GLU A 49 -7.58 -0.54 21.21
N MET A 50 -7.98 -1.23 20.15
CA MET A 50 -7.03 -1.84 19.23
C MET A 50 -6.57 -0.84 18.18
N ILE A 51 -7.51 -0.01 17.73
CA ILE A 51 -7.21 0.97 16.69
C ILE A 51 -5.89 1.68 16.99
N ASP A 52 -5.48 1.65 18.25
CA ASP A 52 -4.23 2.29 18.64
C ASP A 52 -3.05 1.34 18.37
N ARG A 53 -3.27 0.08 18.65
CA ARG A 53 -2.24 -0.93 18.44
C ARG A 53 -1.61 -0.79 17.07
N ILE A 54 -2.43 -0.62 16.04
CA ILE A 54 -1.93 -0.47 14.68
C ILE A 54 -1.24 0.87 14.53
N GLU A 55 -1.69 1.86 15.28
CA GLU A 55 -1.11 3.17 15.22
C GLU A 55 0.35 3.13 15.65
N TYR A 56 0.57 2.79 16.91
CA TYR A 56 1.93 2.72 17.44
C TYR A 56 2.83 1.91 16.50
N ASN A 57 2.21 1.10 15.66
CA ASN A 57 2.97 0.28 14.71
C ASN A 57 3.90 1.16 13.88
N VAL A 58 3.47 2.40 13.63
CA VAL A 58 4.25 3.33 12.85
C VAL A 58 5.63 3.53 13.47
N GLU A 59 5.65 3.99 14.72
CA GLU A 59 6.91 4.24 15.42
C GLU A 59 7.94 3.15 15.09
N HIS A 60 7.50 1.90 15.10
CA HIS A 60 8.40 0.79 14.79
C HIS A 60 8.94 0.92 13.36
N ALA A 61 8.03 0.88 12.39
CA ALA A 61 8.40 0.98 10.99
C ALA A 61 9.20 2.26 10.73
N VAL A 62 9.11 3.21 11.64
CA VAL A 62 9.83 4.47 11.49
C VAL A 62 11.27 4.32 11.97
N ASP A 63 11.43 3.91 13.23
CA ASP A 63 12.76 3.73 13.80
C ASP A 63 13.64 2.93 12.85
N TYR A 64 13.16 1.77 12.43
CA TYR A 64 13.91 0.91 11.52
C TYR A 64 14.24 1.66 10.23
N VAL A 65 13.19 2.03 9.50
CA VAL A 65 13.37 2.75 8.24
C VAL A 65 14.41 3.86 8.40
N GLU A 66 14.20 4.74 9.37
CA GLU A 66 15.13 5.83 9.60
C GLU A 66 16.54 5.30 9.87
N ARG A 67 16.64 4.38 10.81
CA ARG A 67 17.94 3.79 11.16
C ARG A 67 18.68 3.38 9.89
N ALA A 68 17.94 3.07 8.84
CA ALA A 68 18.54 2.66 7.58
C ALA A 68 19.59 3.68 7.14
N VAL A 69 19.25 4.96 7.28
CA VAL A 69 20.17 6.03 6.90
C VAL A 69 21.14 6.34 8.03
N SER A 70 20.60 6.78 9.16
CA SER A 70 21.43 7.11 10.31
C SER A 70 22.52 6.07 10.50
N ASP A 71 22.12 4.80 10.46
CA ASP A 71 23.08 3.70 10.64
C ASP A 71 24.16 3.76 9.56
N THR A 72 23.78 4.23 8.37
CA THR A 72 24.72 4.34 7.26
C THR A 72 25.55 5.61 7.38
N LYS A 73 24.87 6.75 7.43
CA LYS A 73 25.55 8.03 7.54
C LYS A 73 26.13 8.20 8.94
N LYS A 74 25.28 8.12 9.95
CA LYS A 74 25.71 8.27 11.33
C LYS A 74 26.03 9.72 11.65
N ALA A 75 25.98 10.57 10.63
CA ALA A 75 26.26 11.99 10.81
C ALA A 75 25.12 12.68 11.56
N VAL A 76 24.50 11.95 12.48
CA VAL A 76 23.41 12.51 13.27
C VAL A 76 22.22 12.85 12.37
N LYS A 77 21.82 11.90 11.53
CA LYS A 77 20.70 12.12 10.62
C LYS A 77 20.99 13.30 9.70
N TYR A 78 20.51 13.22 8.47
CA TYR A 78 20.73 14.29 7.50
C TYR A 78 19.67 14.26 6.41
N GLN A 79 18.48 14.76 6.74
CA GLN A 79 17.38 14.78 5.78
C GLN A 79 16.10 15.30 6.44
N SER A 80 15.03 15.38 5.66
CA SER A 80 13.75 15.86 6.19
C SER A 80 12.60 15.05 5.59
N LYS A 81 12.26 15.35 4.34
CA LYS A 81 11.17 14.64 3.66
C LYS A 81 11.49 13.15 3.56
N ALA A 82 12.66 12.83 3.04
CA ALA A 82 13.07 11.44 2.89
C ALA A 82 12.77 10.65 4.15
N ARG A 83 12.57 11.36 5.25
CA ARG A 83 12.26 10.71 6.52
C ARG A 83 10.90 10.02 6.45
N ARG A 84 9.85 10.82 6.24
CA ARG A 84 8.49 10.29 6.16
C ARG A 84 8.24 9.65 4.80
N LYS A 85 8.98 10.10 3.78
CA LYS A 85 8.82 9.57 2.43
C LYS A 85 9.41 8.16 2.32
N LYS A 86 10.53 7.93 3.01
CA LYS A 86 11.17 6.62 2.98
C LYS A 86 10.17 5.52 3.32
N ILE A 87 9.32 5.79 4.29
CA ILE A 87 8.31 4.81 4.71
C ILE A 87 7.46 4.38 3.52
N MET A 88 7.13 5.32 2.65
CA MET A 88 6.31 5.04 1.48
C MET A 88 7.15 4.46 0.35
N ILE A 89 8.46 4.70 0.39
CA ILE A 89 9.35 4.23 -0.67
C ILE A 89 9.82 2.78 -0.45
N ILE A 90 10.44 2.53 0.69
CA ILE A 90 10.96 1.19 1.00
C ILE A 90 9.84 0.20 1.28
N ILE A 91 9.11 0.45 2.37
CA ILE A 91 8.01 -0.43 2.75
C ILE A 91 7.12 -0.74 1.56
N CYS A 92 7.17 0.10 0.54
CA CYS A 92 6.39 -0.11 -0.67
C CYS A 92 7.11 -1.09 -1.59
N CYS A 93 8.29 -0.69 -2.05
CA CYS A 93 9.08 -1.53 -2.95
C CYS A 93 9.27 -2.91 -2.35
N VAL A 94 9.32 -2.99 -1.03
CA VAL A 94 9.49 -4.28 -0.36
C VAL A 94 8.22 -5.11 -0.52
N ILE A 95 7.08 -4.42 -0.50
CA ILE A 95 5.80 -5.09 -0.66
C ILE A 95 5.61 -5.55 -2.10
N LEU A 96 5.83 -4.63 -3.04
CA LEU A 96 5.67 -4.94 -4.46
C LEU A 96 6.23 -6.33 -4.76
N GLY A 97 7.37 -6.65 -4.15
CA GLY A 97 7.99 -7.94 -4.36
C GLY A 97 7.07 -9.07 -3.91
N ILE A 98 6.40 -8.86 -2.79
CA ILE A 98 5.48 -9.86 -2.24
C ILE A 98 4.21 -9.94 -3.09
N ILE A 99 3.77 -8.82 -3.63
CA ILE A 99 2.57 -8.80 -4.44
C ILE A 99 2.62 -9.90 -5.48
N ILE A 100 3.70 -9.91 -6.26
CA ILE A 100 3.85 -10.92 -7.29
C ILE A 100 3.63 -12.30 -6.68
N ALA A 101 4.26 -12.55 -5.54
CA ALA A 101 4.10 -13.82 -4.84
C ALA A 101 2.63 -14.06 -4.49
N SER A 102 1.86 -12.99 -4.37
CA SER A 102 0.44 -13.11 -4.06
C SER A 102 -0.31 -13.76 -5.22
N THR A 103 -0.31 -13.08 -6.36
CA THR A 103 -0.98 -13.59 -7.54
C THR A 103 -0.60 -15.06 -7.74
N ILE A 104 0.64 -15.38 -7.43
CA ILE A 104 1.13 -16.75 -7.56
C ILE A 104 0.91 -17.52 -6.26
N GLY A 105 0.56 -16.79 -5.20
CA GLY A 105 0.30 -17.43 -3.91
C GLY A 105 -1.01 -18.21 -3.96
N GLY A 106 -1.93 -17.74 -4.80
CA GLY A 106 -3.23 -18.38 -4.94
C GLY A 106 -4.31 -17.56 -4.24
N ILE A 107 -3.90 -16.43 -3.69
CA ILE A 107 -4.83 -15.56 -2.98
C ILE A 107 -5.76 -14.86 -3.96
N PHE A 108 -5.19 -14.21 -4.96
CA PHE A 108 -5.99 -13.51 -5.96
C PHE A 108 -6.59 -14.50 -6.96
N GLY A 109 -5.73 -15.36 -7.49
CA GLY A 109 -6.18 -16.36 -8.45
C GLY A 109 -5.00 -17.09 -9.07
N GLY A 1 -11.14 -17.74 -38.15
CA GLY A 1 -9.99 -17.01 -38.68
C GLY A 1 -9.50 -15.97 -37.67
N SER A 2 -8.19 -15.90 -37.50
CA SER A 2 -7.61 -14.94 -36.56
C SER A 2 -6.18 -14.61 -36.96
N HIS A 3 -5.96 -14.39 -38.25
CA HIS A 3 -4.62 -14.06 -38.75
C HIS A 3 -4.22 -12.65 -38.32
N MET A 4 -2.95 -12.32 -38.51
CA MET A 4 -2.44 -11.01 -38.14
C MET A 4 -2.75 -10.71 -36.67
N ASP A 5 -2.08 -9.70 -36.12
CA ASP A 5 -2.28 -9.32 -34.73
C ASP A 5 -1.73 -7.93 -34.47
N SER A 6 -2.33 -7.23 -33.51
CA SER A 6 -1.89 -5.89 -33.17
C SER A 6 -0.59 -5.94 -32.36
N SER A 7 -0.70 -6.31 -31.09
CA SER A 7 0.47 -6.38 -30.23
C SER A 7 0.14 -7.15 -28.95
N ILE A 8 1.17 -7.55 -28.22
CA ILE A 8 0.97 -8.29 -26.98
C ILE A 8 1.07 -7.36 -25.77
N SER A 9 1.92 -7.73 -24.81
CA SER A 9 2.10 -6.94 -23.60
C SER A 9 0.78 -6.31 -23.16
N LYS A 10 -0.05 -7.10 -22.48
CA LYS A 10 -1.34 -6.62 -22.01
C LYS A 10 -1.15 -5.55 -20.93
N GLN A 11 -0.24 -5.82 -20.00
CA GLN A 11 0.02 -4.88 -18.91
C GLN A 11 0.12 -3.45 -19.46
N ALA A 12 1.11 -3.22 -20.31
CA ALA A 12 1.31 -1.90 -20.90
C ALA A 12 0.07 -1.45 -21.69
N LEU A 13 -0.67 -2.42 -22.21
CA LEU A 13 -1.87 -2.12 -22.96
C LEU A 13 -2.97 -1.62 -22.02
N SER A 14 -3.35 -2.47 -21.08
CA SER A 14 -4.38 -2.15 -20.10
C SER A 14 -3.97 -0.98 -19.20
N GLU A 15 -2.66 -0.78 -19.09
CA GLU A 15 -2.15 0.27 -18.23
C GLU A 15 -2.99 1.55 -18.35
N ILE A 16 -3.05 2.11 -19.56
CA ILE A 16 -3.81 3.33 -19.77
C ILE A 16 -5.27 3.16 -19.38
N GLU A 17 -5.74 1.91 -19.35
CA GLU A 17 -7.14 1.64 -19.00
C GLU A 17 -7.47 2.16 -17.62
N THR A 18 -6.52 2.81 -16.97
CA THR A 18 -6.76 3.37 -15.65
C THR A 18 -7.55 4.66 -15.76
N ARG A 19 -7.53 5.24 -16.95
CA ARG A 19 -8.26 6.48 -17.21
C ARG A 19 -9.76 6.24 -17.17
N HIS A 20 -10.16 5.00 -17.45
CA HIS A 20 -11.57 4.65 -17.46
C HIS A 20 -11.94 3.84 -16.22
N SER A 21 -10.97 3.05 -15.73
CA SER A 21 -11.21 2.23 -14.55
C SER A 21 -11.22 3.08 -13.28
N GLU A 22 -10.28 4.01 -13.20
CA GLU A 22 -10.19 4.88 -12.04
C GLU A 22 -11.55 5.54 -11.76
N ILE A 23 -12.23 5.96 -12.82
CA ILE A 23 -13.54 6.60 -12.68
C ILE A 23 -14.51 5.64 -12.00
N ILE A 24 -14.68 4.47 -12.61
CA ILE A 24 -15.59 3.47 -12.07
C ILE A 24 -15.22 3.09 -10.65
N LYS A 25 -13.91 3.02 -10.40
CA LYS A 25 -13.41 2.66 -9.08
C LYS A 25 -13.95 3.61 -8.02
N LEU A 26 -13.72 4.90 -8.22
CA LEU A 26 -14.19 5.90 -7.26
C LEU A 26 -15.65 5.68 -6.93
N GLU A 27 -16.43 5.30 -7.93
CA GLU A 27 -17.86 5.07 -7.73
C GLU A 27 -18.09 4.00 -6.66
N ASN A 28 -17.60 2.79 -6.93
CA ASN A 28 -17.77 1.69 -5.98
C ASN A 28 -17.06 2.01 -4.66
N SER A 29 -15.90 2.63 -4.75
CA SER A 29 -15.13 2.98 -3.55
C SER A 29 -15.96 3.88 -2.64
N ILE A 30 -16.91 4.60 -3.23
CA ILE A 30 -17.77 5.50 -2.46
C ILE A 30 -18.94 4.73 -1.86
N ARG A 31 -19.47 3.77 -2.62
CA ARG A 31 -20.59 2.97 -2.15
C ARG A 31 -20.13 2.00 -1.07
N GLU A 32 -18.84 1.69 -1.08
CA GLU A 32 -18.28 0.77 -0.10
C GLU A 32 -17.94 1.52 1.18
N LEU A 33 -17.01 2.48 1.07
CA LEU A 33 -16.59 3.26 2.22
C LEU A 33 -17.81 3.81 2.96
N HIS A 34 -18.83 4.18 2.21
CA HIS A 34 -20.05 4.73 2.80
C HIS A 34 -20.61 3.75 3.83
N ASP A 35 -20.90 2.53 3.39
CA ASP A 35 -21.44 1.53 4.29
C ASP A 35 -20.45 1.21 5.40
N MET A 36 -19.25 0.77 5.03
CA MET A 36 -18.22 0.43 6.00
C MET A 36 -18.11 1.50 7.08
N PHE A 37 -18.31 2.76 6.69
CA PHE A 37 -18.22 3.86 7.65
C PHE A 37 -18.92 3.46 8.96
N MET A 38 -20.07 2.82 8.84
CA MET A 38 -20.83 2.38 9.99
C MET A 38 -20.17 1.15 10.62
N ASP A 39 -19.51 0.34 9.80
CA ASP A 39 -18.86 -0.87 10.29
C ASP A 39 -17.64 -0.50 11.15
N MET A 40 -16.73 0.25 10.56
CA MET A 40 -15.53 0.67 11.26
C MET A 40 -15.89 1.35 12.58
N ALA A 41 -17.13 1.81 12.66
CA ALA A 41 -17.61 2.45 13.87
C ALA A 41 -17.61 1.47 15.04
N MET A 42 -17.77 0.19 14.69
CA MET A 42 -17.81 -0.86 15.70
C MET A 42 -16.45 -1.05 16.37
N LEU A 43 -15.45 -1.43 15.58
CA LEU A 43 -14.12 -1.66 16.12
C LEU A 43 -13.50 -0.36 16.62
N VAL A 44 -14.01 0.76 16.13
CA VAL A 44 -13.49 2.06 16.55
C VAL A 44 -13.90 2.37 17.99
N GLU A 45 -15.15 2.09 18.33
CA GLU A 45 -15.65 2.37 19.67
C GLU A 45 -15.27 1.28 20.66
N SER A 46 -15.77 0.08 20.43
CA SER A 46 -15.52 -1.04 21.32
C SER A 46 -14.10 -1.59 21.17
N GLN A 47 -13.84 -2.24 20.04
CA GLN A 47 -12.52 -2.81 19.79
C GLN A 47 -11.49 -1.73 19.49
N GLY A 48 -11.86 -0.47 19.72
CA GLY A 48 -10.94 0.62 19.47
C GLY A 48 -9.68 0.45 20.29
N GLU A 49 -9.82 -0.21 21.44
CA GLU A 49 -8.70 -0.45 22.32
C GLU A 49 -7.66 -1.33 21.62
N MET A 50 -8.13 -2.28 20.81
CA MET A 50 -7.24 -3.18 20.11
C MET A 50 -6.76 -2.57 18.80
N ILE A 51 -7.70 -2.13 17.98
CA ILE A 51 -7.38 -1.53 16.69
C ILE A 51 -6.40 -0.38 16.88
N ASP A 52 -6.61 0.41 17.93
CA ASP A 52 -5.73 1.54 18.19
C ASP A 52 -4.29 1.11 18.05
N ARG A 53 -3.97 -0.01 18.66
CA ARG A 53 -2.61 -0.56 18.62
C ARG A 53 -2.02 -0.45 17.22
N ILE A 54 -2.89 -0.32 16.22
CA ILE A 54 -2.42 -0.21 14.84
C ILE A 54 -1.69 1.11 14.64
N GLU A 55 -2.22 2.16 15.26
CA GLU A 55 -1.62 3.47 15.16
C GLU A 55 -0.18 3.45 15.66
N TYR A 56 0.00 3.16 16.94
CA TYR A 56 1.32 3.10 17.54
C TYR A 56 2.24 2.20 16.73
N ASN A 57 1.64 1.31 15.94
CA ASN A 57 2.43 0.39 15.12
C ASN A 57 3.39 1.16 14.22
N VAL A 58 3.00 2.38 13.84
CA VAL A 58 3.84 3.20 12.98
C VAL A 58 5.20 3.45 13.63
N GLU A 59 5.19 3.96 14.85
CA GLU A 59 6.43 4.24 15.56
C GLU A 59 7.47 3.15 15.30
N HIS A 60 7.02 1.90 15.33
CA HIS A 60 7.93 0.78 15.09
C HIS A 60 8.53 0.85 13.69
N ALA A 61 7.67 0.77 12.68
CA ALA A 61 8.11 0.82 11.30
C ALA A 61 8.89 2.10 11.00
N VAL A 62 8.73 3.09 11.85
CA VAL A 62 9.43 4.35 11.67
C VAL A 62 10.85 4.26 12.26
N ASP A 63 10.92 3.88 13.53
CA ASP A 63 12.21 3.75 14.19
C ASP A 63 13.17 2.89 13.37
N TYR A 64 12.77 1.64 13.14
CA TYR A 64 13.60 0.73 12.36
C TYR A 64 14.09 1.41 11.09
N VAL A 65 13.17 1.77 10.21
CA VAL A 65 13.52 2.44 8.96
C VAL A 65 14.55 3.54 9.22
N GLU A 66 14.43 4.18 10.37
CA GLU A 66 15.36 5.25 10.73
C GLU A 66 16.79 4.75 10.74
N ARG A 67 17.00 3.60 11.36
CA ARG A 67 18.34 3.02 11.44
C ARG A 67 18.68 2.25 10.16
N ALA A 68 17.65 1.78 9.47
CA ALA A 68 17.85 1.02 8.24
C ALA A 68 18.16 1.96 7.07
N VAL A 69 17.25 2.89 6.81
CA VAL A 69 17.44 3.84 5.72
C VAL A 69 18.80 4.50 5.83
N SER A 70 19.24 4.77 7.06
CA SER A 70 20.53 5.39 7.28
C SER A 70 21.66 4.44 6.91
N ASP A 71 21.40 3.14 7.03
CA ASP A 71 22.40 2.13 6.71
C ASP A 71 22.89 2.29 5.27
N THR A 72 22.08 2.97 4.45
CA THR A 72 22.44 3.18 3.06
C THR A 72 23.37 4.39 2.92
N LYS A 73 22.88 5.55 3.33
CA LYS A 73 23.68 6.77 3.26
C LYS A 73 24.51 6.94 4.52
N LYS A 74 23.86 6.87 5.68
CA LYS A 74 24.56 7.02 6.94
C LYS A 74 25.30 8.35 7.01
N ALA A 75 25.13 9.15 5.98
CA ALA A 75 25.79 10.46 5.92
C ALA A 75 25.21 11.41 6.95
N VAL A 76 24.02 11.96 6.64
CA VAL A 76 23.37 12.90 7.55
C VAL A 76 21.87 12.63 7.59
N LYS A 77 21.14 13.38 6.78
CA LYS A 77 19.69 13.24 6.72
C LYS A 77 19.10 13.15 8.13
N TYR A 78 18.63 14.27 8.64
CA TYR A 78 18.04 14.31 9.97
C TYR A 78 16.98 15.40 10.06
N GLN A 79 16.49 15.85 8.91
CA GLN A 79 15.46 16.88 8.88
C GLN A 79 15.00 17.14 7.44
N SER A 80 13.82 16.62 7.10
CA SER A 80 13.28 16.79 5.77
C SER A 80 12.10 15.84 5.54
N LYS A 81 11.14 16.28 4.73
CA LYS A 81 9.97 15.47 4.44
C LYS A 81 10.37 14.01 4.22
N ALA A 82 11.55 13.81 3.65
CA ALA A 82 12.04 12.46 3.38
C ALA A 82 11.83 11.56 4.59
N ARG A 83 11.62 12.18 5.75
CA ARG A 83 11.39 11.41 6.97
C ARG A 83 10.08 10.64 6.89
N ARG A 84 8.98 11.36 6.78
CA ARG A 84 7.67 10.74 6.70
C ARG A 84 7.45 10.08 5.33
N LYS A 85 8.25 10.51 4.35
CA LYS A 85 8.13 9.95 2.99
C LYS A 85 8.77 8.57 2.92
N LYS A 86 9.82 8.37 3.70
CA LYS A 86 10.52 7.09 3.70
C LYS A 86 9.56 5.95 4.00
N ILE A 87 8.79 6.09 5.06
CA ILE A 87 7.84 5.05 5.44
C ILE A 87 7.01 4.64 4.23
N MET A 88 6.76 5.58 3.34
CA MET A 88 5.97 5.31 2.14
C MET A 88 6.83 4.65 1.05
N ILE A 89 8.12 4.94 1.06
CA ILE A 89 9.03 4.39 0.05
C ILE A 89 9.56 3.00 0.43
N ILE A 90 10.06 2.86 1.66
CA ILE A 90 10.61 1.58 2.10
C ILE A 90 9.52 0.54 2.36
N ILE A 91 8.67 0.82 3.34
CA ILE A 91 7.60 -0.11 3.68
C ILE A 91 6.86 -0.56 2.42
N CYS A 92 6.96 0.22 1.36
CA CYS A 92 6.32 -0.14 0.10
C CYS A 92 7.20 -1.11 -0.68
N CYS A 93 8.38 -0.64 -1.06
CA CYS A 93 9.32 -1.46 -1.81
C CYS A 93 9.40 -2.87 -1.21
N VAL A 94 9.32 -2.95 0.11
CA VAL A 94 9.36 -4.23 0.78
C VAL A 94 8.09 -5.03 0.49
N ILE A 95 6.98 -4.31 0.35
CA ILE A 95 5.71 -4.95 0.06
C ILE A 95 5.65 -5.39 -1.39
N LEU A 96 5.99 -4.47 -2.30
CA LEU A 96 5.97 -4.77 -3.73
C LEU A 96 6.52 -6.17 -3.99
N GLY A 97 7.62 -6.50 -3.30
CA GLY A 97 8.24 -7.81 -3.47
C GLY A 97 7.29 -8.91 -3.00
N ILE A 98 6.47 -8.60 -2.01
CA ILE A 98 5.51 -9.56 -1.47
C ILE A 98 4.30 -9.68 -2.39
N ILE A 99 3.87 -8.57 -2.98
CA ILE A 99 2.71 -8.58 -3.86
C ILE A 99 2.85 -9.70 -4.89
N ILE A 100 3.99 -9.73 -5.55
CA ILE A 100 4.23 -10.76 -6.56
C ILE A 100 3.97 -12.14 -5.95
N ALA A 101 4.56 -12.38 -4.79
CA ALA A 101 4.38 -13.66 -4.11
C ALA A 101 2.89 -13.90 -3.82
N SER A 102 2.12 -12.82 -3.73
CA SER A 102 0.68 -12.93 -3.48
C SER A 102 0.00 -13.59 -4.67
N THR A 103 0.06 -12.91 -5.80
CA THR A 103 -0.56 -13.43 -7.03
C THR A 103 -0.22 -14.90 -7.18
N ILE A 104 1.01 -15.25 -6.81
CA ILE A 104 1.49 -16.62 -6.90
C ILE A 104 1.19 -17.37 -5.61
N GLY A 105 0.84 -16.64 -4.56
CA GLY A 105 0.52 -17.25 -3.28
C GLY A 105 -0.85 -17.92 -3.32
N GLY A 106 -1.74 -17.36 -4.13
CA GLY A 106 -3.09 -17.90 -4.26
C GLY A 106 -3.94 -17.50 -3.06
N ILE A 107 -3.81 -16.25 -2.65
CA ILE A 107 -4.56 -15.74 -1.51
C ILE A 107 -6.01 -15.43 -1.92
N PHE A 108 -6.25 -15.44 -3.22
CA PHE A 108 -7.60 -15.17 -3.74
C PHE A 108 -8.51 -16.36 -3.54
N GLY A 109 -7.93 -17.47 -3.06
CA GLY A 109 -8.71 -18.68 -2.83
C GLY A 109 -8.89 -19.46 -4.13
N GLY A 1 9.55 -26.29 -25.89
CA GLY A 1 8.17 -26.75 -25.99
C GLY A 1 7.32 -26.15 -24.87
N SER A 2 7.61 -24.91 -24.52
CA SER A 2 6.86 -24.23 -23.46
C SER A 2 5.61 -23.57 -24.04
N HIS A 3 5.01 -22.68 -23.25
CA HIS A 3 3.80 -21.98 -23.69
C HIS A 3 3.67 -20.64 -22.97
N MET A 4 3.37 -20.70 -21.68
CA MET A 4 3.22 -19.48 -20.89
C MET A 4 2.44 -18.43 -21.68
N ASP A 5 2.49 -17.19 -21.22
CA ASP A 5 1.78 -16.11 -21.88
C ASP A 5 2.33 -14.75 -21.45
N SER A 6 2.32 -13.80 -22.38
CA SER A 6 2.82 -12.46 -22.09
C SER A 6 1.82 -11.69 -21.23
N SER A 7 1.27 -12.36 -20.23
CA SER A 7 0.32 -11.75 -19.33
C SER A 7 -1.07 -11.70 -19.97
N ILE A 8 -2.07 -11.36 -19.16
CA ILE A 8 -3.44 -11.29 -19.66
C ILE A 8 -3.81 -9.86 -20.05
N SER A 9 -3.29 -9.41 -21.19
CA SER A 9 -3.55 -8.05 -21.66
C SER A 9 -3.23 -7.04 -20.56
N LYS A 10 -2.18 -7.30 -19.81
CA LYS A 10 -1.78 -6.39 -18.74
C LYS A 10 -1.46 -5.01 -19.31
N GLN A 11 -0.42 -4.96 -20.15
CA GLN A 11 -0.01 -3.71 -20.77
C GLN A 11 -1.06 -3.21 -21.75
N ALA A 12 -1.87 -4.13 -22.26
CA ALA A 12 -2.90 -3.77 -23.21
C ALA A 12 -4.12 -3.21 -22.48
N LEU A 13 -4.76 -4.05 -21.67
CA LEU A 13 -5.92 -3.63 -20.91
C LEU A 13 -5.54 -2.55 -19.92
N SER A 14 -4.24 -2.39 -19.71
CA SER A 14 -3.75 -1.39 -18.76
C SER A 14 -4.28 -0.01 -19.12
N GLU A 15 -3.98 0.45 -20.33
CA GLU A 15 -4.43 1.77 -20.77
C GLU A 15 -5.95 1.85 -20.80
N ILE A 16 -6.60 0.78 -21.23
CA ILE A 16 -8.06 0.75 -21.29
C ILE A 16 -8.65 0.79 -19.88
N GLU A 17 -8.33 -0.23 -19.09
CA GLU A 17 -8.83 -0.34 -17.73
C GLU A 17 -8.35 0.82 -16.87
N THR A 18 -7.34 1.52 -17.36
CA THR A 18 -6.79 2.65 -16.63
C THR A 18 -7.78 3.81 -16.65
N ARG A 19 -8.08 4.30 -17.83
CA ARG A 19 -9.01 5.42 -17.98
C ARG A 19 -10.38 5.04 -17.44
N HIS A 20 -10.67 3.75 -17.42
CA HIS A 20 -11.96 3.28 -16.92
C HIS A 20 -11.87 2.99 -15.42
N SER A 21 -10.64 2.85 -14.92
CA SER A 21 -10.44 2.57 -13.51
C SER A 21 -10.64 3.84 -12.69
N GLU A 22 -10.50 4.99 -13.33
CA GLU A 22 -10.67 6.26 -12.64
C GLU A 22 -12.11 6.41 -12.16
N ILE A 23 -13.04 6.48 -13.10
CA ILE A 23 -14.45 6.63 -12.76
C ILE A 23 -14.92 5.47 -11.89
N ILE A 24 -14.60 4.25 -12.31
CA ILE A 24 -15.01 3.07 -11.57
C ILE A 24 -14.51 3.13 -10.14
N LYS A 25 -13.24 3.46 -9.98
CA LYS A 25 -12.64 3.55 -8.67
C LYS A 25 -13.38 4.58 -7.80
N LEU A 26 -13.55 5.78 -8.34
CA LEU A 26 -14.24 6.84 -7.62
C LEU A 26 -15.65 6.38 -7.22
N GLU A 27 -16.42 5.94 -8.21
CA GLU A 27 -17.78 5.49 -7.96
C GLU A 27 -17.80 4.41 -6.88
N ASN A 28 -17.01 3.36 -7.08
CA ASN A 28 -16.95 2.27 -6.12
C ASN A 28 -16.53 2.79 -4.75
N SER A 29 -15.83 3.92 -4.72
CA SER A 29 -15.38 4.50 -3.47
C SER A 29 -16.56 5.09 -2.70
N ILE A 30 -17.50 5.67 -3.42
CA ILE A 30 -18.68 6.27 -2.79
C ILE A 30 -19.59 5.19 -2.21
N ARG A 31 -19.65 4.05 -2.89
CA ARG A 31 -20.49 2.95 -2.44
C ARG A 31 -19.78 2.15 -1.34
N GLU A 32 -18.46 2.16 -1.37
CA GLU A 32 -17.68 1.44 -0.39
C GLU A 32 -17.54 2.25 0.90
N LEU A 33 -17.01 3.46 0.77
CA LEU A 33 -16.83 4.33 1.93
C LEU A 33 -18.17 4.58 2.63
N HIS A 34 -19.20 4.83 1.83
CA HIS A 34 -20.53 5.10 2.38
C HIS A 34 -20.94 4.00 3.36
N ASP A 35 -20.99 2.76 2.86
CA ASP A 35 -21.37 1.64 3.69
C ASP A 35 -20.36 1.43 4.82
N MET A 36 -19.10 1.23 4.43
CA MET A 36 -18.04 1.00 5.41
C MET A 36 -18.14 1.99 6.57
N PHE A 37 -18.55 3.22 6.28
CA PHE A 37 -18.69 4.22 7.33
C PHE A 37 -19.34 3.61 8.56
N MET A 38 -20.39 2.82 8.32
CA MET A 38 -21.11 2.17 9.40
C MET A 38 -20.34 0.95 9.91
N ASP A 39 -19.54 0.34 9.04
CA ASP A 39 -18.77 -0.83 9.41
C ASP A 39 -17.65 -0.47 10.37
N MET A 40 -16.80 0.46 9.95
CA MET A 40 -15.70 0.90 10.78
C MET A 40 -16.20 1.48 12.10
N ALA A 41 -17.46 1.89 12.10
CA ALA A 41 -18.07 2.44 13.29
C ALA A 41 -18.13 1.38 14.39
N MET A 42 -18.18 0.12 13.97
CA MET A 42 -18.25 -1.00 14.88
C MET A 42 -16.94 -1.17 15.66
N LEU A 43 -15.86 -1.44 14.94
CA LEU A 43 -14.56 -1.65 15.58
C LEU A 43 -14.02 -0.35 16.17
N VAL A 44 -14.52 0.77 15.68
CA VAL A 44 -14.08 2.07 16.17
C VAL A 44 -14.53 2.29 17.62
N GLU A 45 -15.78 1.94 17.90
CA GLU A 45 -16.33 2.12 19.23
C GLU A 45 -15.94 0.97 20.17
N SER A 46 -16.35 -0.23 19.81
CA SER A 46 -16.06 -1.41 20.63
C SER A 46 -14.60 -1.85 20.49
N GLN A 47 -14.27 -2.39 19.33
CA GLN A 47 -12.90 -2.87 19.09
C GLN A 47 -11.94 -1.70 18.94
N GLY A 48 -12.36 -0.52 19.36
CA GLY A 48 -11.51 0.65 19.26
C GLY A 48 -10.31 0.49 20.16
N GLU A 49 -10.50 -0.16 21.29
CA GLU A 49 -9.41 -0.38 22.23
C GLU A 49 -8.32 -1.20 21.57
N MET A 50 -8.71 -2.13 20.70
CA MET A 50 -7.75 -2.97 20.01
C MET A 50 -7.24 -2.28 18.75
N ILE A 51 -8.16 -1.84 17.91
CA ILE A 51 -7.80 -1.17 16.67
C ILE A 51 -6.72 -0.13 16.92
N ASP A 52 -6.66 0.36 18.16
CA ASP A 52 -5.67 1.37 18.52
C ASP A 52 -4.26 0.80 18.38
N ARG A 53 -4.05 -0.37 18.98
CA ARG A 53 -2.76 -1.03 18.93
C ARG A 53 -2.17 -0.94 17.52
N ILE A 54 -3.04 -0.92 16.50
CA ILE A 54 -2.58 -0.85 15.13
C ILE A 54 -1.94 0.51 14.86
N GLU A 55 -2.47 1.52 15.51
CA GLU A 55 -1.95 2.87 15.35
C GLU A 55 -0.51 2.93 15.84
N TYR A 56 -0.32 2.71 17.14
CA TYR A 56 1.00 2.76 17.74
C TYR A 56 1.97 1.85 16.98
N ASN A 57 1.43 0.88 16.26
CA ASN A 57 2.26 -0.05 15.50
C ASN A 57 3.24 0.73 14.61
N VAL A 58 2.92 1.98 14.36
CA VAL A 58 3.78 2.83 13.55
C VAL A 58 5.13 3.04 14.23
N GLU A 59 5.08 3.43 15.51
CA GLU A 59 6.29 3.67 16.27
C GLU A 59 7.33 2.60 15.97
N HIS A 60 6.89 1.35 15.81
CA HIS A 60 7.82 0.26 15.52
C HIS A 60 8.60 0.58 14.26
N ALA A 61 7.90 0.69 13.14
CA ALA A 61 8.56 0.99 11.87
C ALA A 61 9.53 2.15 12.04
N VAL A 62 9.01 3.31 12.43
CA VAL A 62 9.87 4.48 12.63
C VAL A 62 11.12 4.10 13.40
N ASP A 63 10.97 3.22 14.39
CA ASP A 63 12.10 2.79 15.21
C ASP A 63 13.15 2.10 14.35
N TYR A 64 12.75 0.99 13.73
CA TYR A 64 13.68 0.25 12.88
C TYR A 64 14.32 1.17 11.85
N VAL A 65 13.48 1.73 10.97
CA VAL A 65 13.98 2.63 9.93
C VAL A 65 14.98 3.63 10.52
N GLU A 66 14.51 4.44 11.47
CA GLU A 66 15.37 5.43 12.09
C GLU A 66 16.74 4.83 12.43
N ARG A 67 16.76 3.52 12.64
CA ARG A 67 18.00 2.82 12.97
C ARG A 67 18.79 2.50 11.70
N ALA A 68 18.07 2.19 10.63
CA ALA A 68 18.71 1.85 9.36
C ALA A 68 19.04 3.11 8.56
N VAL A 69 18.33 4.20 8.86
CA VAL A 69 18.55 5.46 8.16
C VAL A 69 20.05 5.76 8.06
N SER A 70 20.78 5.49 9.13
CA SER A 70 22.22 5.74 9.14
C SER A 70 22.87 5.21 7.87
N ASP A 71 22.22 4.23 7.24
CA ASP A 71 22.75 3.65 6.01
C ASP A 71 22.63 4.63 4.86
N THR A 72 21.46 5.24 4.72
CA THR A 72 21.22 6.21 3.65
C THR A 72 21.73 7.58 4.05
N LYS A 73 21.81 7.83 5.36
CA LYS A 73 22.28 9.12 5.86
C LYS A 73 23.74 9.35 5.47
N LYS A 74 24.61 8.44 5.90
CA LYS A 74 26.03 8.55 5.60
C LYS A 74 26.61 9.85 6.15
N ALA A 75 25.76 10.64 6.79
CA ALA A 75 26.17 11.92 7.36
C ALA A 75 26.17 13.00 6.29
N VAL A 76 24.98 13.53 6.00
CA VAL A 76 24.86 14.58 4.99
C VAL A 76 23.63 15.44 5.28
N LYS A 77 23.82 16.44 6.12
CA LYS A 77 22.74 17.35 6.48
C LYS A 77 21.70 16.63 7.33
N TYR A 78 20.88 17.40 8.04
CA TYR A 78 19.84 16.83 8.89
C TYR A 78 18.87 16.02 8.06
N GLN A 79 17.73 15.69 8.67
CA GLN A 79 16.70 14.90 7.99
C GLN A 79 15.35 15.61 8.06
N SER A 80 14.50 15.37 7.08
CA SER A 80 13.18 15.99 7.04
C SER A 80 12.14 15.03 6.48
N LYS A 81 11.41 15.48 5.47
CA LYS A 81 10.38 14.66 4.85
C LYS A 81 10.94 13.30 4.46
N ALA A 82 12.05 13.31 3.72
CA ALA A 82 12.67 12.06 3.28
C ALA A 82 12.74 11.06 4.42
N ARG A 83 12.72 11.55 5.66
CA ARG A 83 12.78 10.67 6.82
C ARG A 83 11.51 9.84 6.94
N ARG A 84 10.37 10.52 7.13
CA ARG A 84 9.10 9.83 7.26
C ARG A 84 8.70 9.18 5.93
N LYS A 85 9.24 9.71 4.82
CA LYS A 85 8.93 9.18 3.51
C LYS A 85 9.51 7.79 3.35
N LYS A 86 10.61 7.51 4.04
CA LYS A 86 11.24 6.20 3.98
C LYS A 86 10.22 5.10 4.21
N ILE A 87 9.41 5.25 5.26
CA ILE A 87 8.39 4.27 5.58
C ILE A 87 7.64 3.86 4.32
N MET A 88 7.43 4.82 3.44
CA MET A 88 6.72 4.57 2.19
C MET A 88 7.64 3.97 1.13
N ILE A 89 8.94 4.18 1.28
CA ILE A 89 9.91 3.67 0.30
C ILE A 89 10.34 2.23 0.60
N ILE A 90 10.82 1.97 1.82
CA ILE A 90 11.29 0.63 2.18
C ILE A 90 10.12 -0.35 2.34
N ILE A 91 9.28 -0.10 3.33
CA ILE A 91 8.14 -0.97 3.59
C ILE A 91 7.37 -1.24 2.31
N CYS A 92 7.56 -0.40 1.30
CA CYS A 92 6.90 -0.58 0.02
C CYS A 92 7.67 -1.60 -0.82
N CYS A 93 8.91 -1.24 -1.15
CA CYS A 93 9.75 -2.11 -1.95
C CYS A 93 9.78 -3.53 -1.37
N VAL A 94 9.69 -3.62 -0.06
CA VAL A 94 9.70 -4.93 0.60
C VAL A 94 8.41 -5.67 0.26
N ILE A 95 7.33 -4.91 0.09
CA ILE A 95 6.05 -5.49 -0.24
C ILE A 95 5.98 -5.82 -1.72
N LEU A 96 6.31 -4.85 -2.56
CA LEU A 96 6.28 -5.05 -4.01
C LEU A 96 6.84 -6.42 -4.37
N GLY A 97 7.98 -6.77 -3.77
CA GLY A 97 8.61 -8.06 -4.03
C GLY A 97 7.72 -9.21 -3.56
N ILE A 98 6.89 -8.94 -2.56
CA ILE A 98 5.99 -9.95 -2.02
C ILE A 98 4.72 -10.07 -2.85
N ILE A 99 4.20 -8.92 -3.32
CA ILE A 99 2.98 -8.93 -4.11
C ILE A 99 3.07 -10.00 -5.19
N ILE A 100 4.17 -9.98 -5.93
CA ILE A 100 4.37 -10.97 -6.99
C ILE A 100 4.14 -12.37 -6.43
N ALA A 101 4.77 -12.65 -5.29
CA ALA A 101 4.63 -13.95 -4.64
C ALA A 101 3.17 -14.22 -4.29
N SER A 102 2.39 -13.15 -4.11
CA SER A 102 0.97 -13.30 -3.78
C SER A 102 0.22 -13.90 -4.96
N THR A 103 0.19 -13.16 -6.06
CA THR A 103 -0.50 -13.62 -7.26
C THR A 103 -0.16 -15.08 -7.52
N ILE A 104 1.10 -15.42 -7.27
CA ILE A 104 1.59 -16.78 -7.47
C ILE A 104 1.39 -17.61 -6.20
N GLY A 105 1.08 -16.93 -5.09
CA GLY A 105 0.86 -17.62 -3.83
C GLY A 105 -0.45 -18.39 -3.85
N GLY A 106 -1.40 -17.88 -4.62
CA GLY A 106 -2.71 -18.53 -4.73
C GLY A 106 -3.59 -18.15 -3.55
N ILE A 107 -3.57 -16.87 -3.19
CA ILE A 107 -4.37 -16.38 -2.08
C ILE A 107 -5.82 -16.17 -2.51
N PHE A 108 -6.02 -15.89 -3.80
CA PHE A 108 -7.35 -15.66 -4.32
C PHE A 108 -8.12 -16.96 -4.46
N GLY A 109 -7.44 -18.09 -4.25
CA GLY A 109 -8.09 -19.39 -4.35
C GLY A 109 -7.20 -20.49 -3.75
N GLY A 1 -1.57 -5.69 -40.29
CA GLY A 1 -1.88 -4.93 -39.09
C GLY A 1 -3.32 -5.19 -38.65
N SER A 2 -3.60 -6.43 -38.24
CA SER A 2 -4.94 -6.79 -37.80
C SER A 2 -5.07 -6.61 -36.29
N HIS A 3 -4.96 -7.70 -35.56
CA HIS A 3 -5.07 -7.66 -34.10
C HIS A 3 -3.85 -6.99 -33.50
N MET A 4 -2.82 -6.80 -34.32
CA MET A 4 -1.58 -6.16 -33.85
C MET A 4 -0.77 -7.14 -33.02
N ASP A 5 0.55 -7.04 -33.12
CA ASP A 5 1.44 -7.94 -32.37
C ASP A 5 1.47 -7.54 -30.90
N SER A 6 2.42 -8.12 -30.16
CA SER A 6 2.55 -7.83 -28.74
C SER A 6 1.27 -8.14 -28.00
N SER A 7 0.99 -9.44 -27.84
CA SER A 7 -0.22 -9.87 -27.15
C SER A 7 -0.06 -9.71 -25.64
N ILE A 8 1.00 -10.31 -25.10
CA ILE A 8 1.25 -10.24 -23.67
C ILE A 8 1.41 -8.80 -23.21
N SER A 9 1.63 -7.89 -24.15
CA SER A 9 1.80 -6.48 -23.82
C SER A 9 0.49 -5.87 -23.32
N LYS A 10 -0.29 -6.65 -22.57
CA LYS A 10 -1.55 -6.17 -22.04
C LYS A 10 -1.30 -5.06 -21.02
N GLN A 11 -0.32 -5.27 -20.15
CA GLN A 11 0.00 -4.29 -19.12
C GLN A 11 0.03 -2.89 -19.70
N ALA A 12 0.96 -2.65 -20.63
CA ALA A 12 1.10 -1.34 -21.26
C ALA A 12 -0.20 -0.93 -21.97
N LEU A 13 -0.95 -1.93 -22.43
CA LEU A 13 -2.20 -1.66 -23.12
C LEU A 13 -3.26 -1.18 -22.13
N SER A 14 -3.55 -2.03 -21.15
CA SER A 14 -4.54 -1.73 -20.12
C SER A 14 -4.11 -0.55 -19.27
N GLU A 15 -2.82 -0.28 -19.24
CA GLU A 15 -2.30 0.83 -18.41
C GLU A 15 -3.21 2.05 -18.49
N ILE A 16 -3.38 2.58 -19.70
CA ILE A 16 -4.22 3.75 -19.89
C ILE A 16 -5.63 3.52 -19.36
N GLU A 17 -6.05 2.26 -19.32
CA GLU A 17 -7.39 1.90 -18.86
C GLU A 17 -7.65 2.42 -17.45
N THR A 18 -6.67 3.12 -16.87
CA THR A 18 -6.84 3.66 -15.54
C THR A 18 -7.68 4.94 -15.60
N ARG A 19 -7.75 5.52 -16.79
CA ARG A 19 -8.53 6.73 -16.99
C ARG A 19 -10.02 6.45 -16.87
N HIS A 20 -10.39 5.19 -17.12
CA HIS A 20 -11.79 4.78 -17.04
C HIS A 20 -12.05 4.06 -15.72
N SER A 21 -11.22 3.08 -15.41
CA SER A 21 -11.38 2.32 -14.16
C SER A 21 -11.51 3.26 -12.99
N GLU A 22 -10.80 4.39 -13.04
CA GLU A 22 -10.85 5.36 -11.95
C GLU A 22 -12.30 5.73 -11.63
N ILE A 23 -13.10 5.93 -12.67
CA ILE A 23 -14.51 6.28 -12.47
C ILE A 23 -15.20 5.19 -11.67
N ILE A 24 -15.07 3.96 -12.13
CA ILE A 24 -15.69 2.83 -11.46
C ILE A 24 -15.19 2.71 -10.02
N LYS A 25 -13.89 2.94 -9.85
CA LYS A 25 -13.27 2.87 -8.53
C LYS A 25 -13.91 3.87 -7.58
N LEU A 26 -13.88 5.15 -7.95
CA LEU A 26 -14.45 6.19 -7.11
C LEU A 26 -15.90 5.86 -6.76
N GLU A 27 -16.67 5.45 -7.77
CA GLU A 27 -18.06 5.12 -7.55
C GLU A 27 -18.21 4.07 -6.46
N ASN A 28 -17.56 2.92 -6.66
CA ASN A 28 -17.63 1.83 -5.69
C ASN A 28 -17.08 2.30 -4.34
N SER A 29 -16.19 3.28 -4.37
CA SER A 29 -15.61 3.81 -3.15
C SER A 29 -16.68 4.52 -2.30
N ILE A 30 -17.68 5.06 -2.99
CA ILE A 30 -18.76 5.76 -2.30
C ILE A 30 -19.83 4.77 -1.83
N ARG A 31 -19.98 3.68 -2.56
CA ARG A 31 -20.98 2.67 -2.22
C ARG A 31 -20.47 1.76 -1.11
N GLU A 32 -19.18 1.45 -1.16
CA GLU A 32 -18.58 0.59 -0.16
C GLU A 32 -18.37 1.35 1.15
N LEU A 33 -17.71 2.49 1.08
CA LEU A 33 -17.46 3.29 2.28
C LEU A 33 -18.77 3.67 2.93
N HIS A 34 -19.79 3.92 2.12
CA HIS A 34 -21.11 4.30 2.64
C HIS A 34 -21.59 3.26 3.66
N ASP A 35 -21.67 2.01 3.24
CA ASP A 35 -22.13 0.95 4.13
C ASP A 35 -21.11 0.73 5.25
N MET A 36 -19.87 0.42 4.87
CA MET A 36 -18.82 0.16 5.85
C MET A 36 -18.82 1.20 6.96
N PHE A 37 -19.23 2.42 6.63
CA PHE A 37 -19.28 3.49 7.62
C PHE A 37 -19.82 2.95 8.95
N MET A 38 -20.88 2.15 8.86
CA MET A 38 -21.48 1.59 10.06
C MET A 38 -20.67 0.39 10.56
N ASP A 39 -19.91 -0.24 9.66
CA ASP A 39 -19.10 -1.38 10.02
C ASP A 39 -17.89 -0.96 10.84
N MET A 40 -17.10 -0.07 10.28
CA MET A 40 -15.90 0.43 10.96
C MET A 40 -16.29 1.09 12.28
N ALA A 41 -17.55 1.49 12.38
CA ALA A 41 -18.04 2.12 13.59
C ALA A 41 -18.03 1.13 14.75
N MET A 42 -18.08 -0.15 14.40
CA MET A 42 -18.08 -1.21 15.39
C MET A 42 -16.74 -1.32 16.12
N LEU A 43 -15.69 -1.64 15.37
CA LEU A 43 -14.37 -1.79 15.97
C LEU A 43 -13.83 -0.46 16.45
N VAL A 44 -14.34 0.63 15.88
CA VAL A 44 -13.88 1.96 16.27
C VAL A 44 -14.33 2.30 17.69
N GLU A 45 -15.58 1.98 18.00
CA GLU A 45 -16.13 2.28 19.32
C GLU A 45 -15.75 1.21 20.34
N SER A 46 -16.17 -0.01 20.08
CA SER A 46 -15.89 -1.12 21.00
C SER A 46 -14.44 -1.59 20.89
N GLN A 47 -14.09 -2.23 19.79
CA GLN A 47 -12.74 -2.72 19.60
C GLN A 47 -11.77 -1.58 19.33
N GLY A 48 -12.20 -0.36 19.62
CA GLY A 48 -11.34 0.80 19.40
C GLY A 48 -10.09 0.69 20.25
N GLU A 49 -10.25 0.06 21.42
CA GLU A 49 -9.13 -0.12 22.32
C GLU A 49 -8.03 -0.92 21.65
N MET A 50 -8.43 -1.85 20.77
CA MET A 50 -7.47 -2.68 20.06
C MET A 50 -6.96 -1.98 18.81
N ILE A 51 -7.89 -1.53 17.98
CA ILE A 51 -7.53 -0.84 16.74
C ILE A 51 -6.45 0.18 16.99
N ASP A 52 -6.34 0.63 18.24
CA ASP A 52 -5.33 1.62 18.60
C ASP A 52 -3.94 1.04 18.41
N ARG A 53 -3.73 -0.13 19.00
CA ARG A 53 -2.42 -0.79 18.91
C ARG A 53 -1.87 -0.71 17.49
N ILE A 54 -2.76 -0.66 16.50
CA ILE A 54 -2.33 -0.57 15.11
C ILE A 54 -1.68 0.77 14.86
N GLU A 55 -2.21 1.80 15.50
CA GLU A 55 -1.67 3.13 15.34
C GLU A 55 -0.23 3.17 15.81
N TYR A 56 -0.03 2.95 17.10
CA TYR A 56 1.31 2.95 17.68
C TYR A 56 2.27 2.14 16.82
N ASN A 57 1.73 1.25 16.00
CA ASN A 57 2.57 0.43 15.13
C ASN A 57 3.49 1.31 14.31
N VAL A 58 3.06 2.55 14.06
CA VAL A 58 3.86 3.49 13.28
C VAL A 58 5.22 3.70 13.92
N GLU A 59 5.20 4.14 15.18
CA GLU A 59 6.45 4.39 15.90
C GLU A 59 7.51 3.35 15.57
N HIS A 60 7.11 2.08 15.60
CA HIS A 60 8.05 1.00 15.28
C HIS A 60 8.54 1.12 13.83
N ALA A 61 7.60 1.01 12.89
CA ALA A 61 7.93 1.09 11.47
C ALA A 61 8.72 2.36 11.14
N VAL A 62 8.69 3.33 12.04
CA VAL A 62 9.42 4.58 11.80
C VAL A 62 10.90 4.41 12.15
N ASP A 63 11.16 3.77 13.30
CA ASP A 63 12.52 3.54 13.73
C ASP A 63 13.13 2.36 12.99
N TYR A 64 12.31 1.33 12.78
CA TYR A 64 12.77 0.13 12.08
C TYR A 64 13.13 0.47 10.64
N VAL A 65 12.56 1.56 10.13
CA VAL A 65 12.84 1.98 8.76
C VAL A 65 14.16 2.74 8.68
N GLU A 66 14.30 3.76 9.51
CA GLU A 66 15.53 4.55 9.52
C GLU A 66 16.76 3.65 9.52
N ARG A 67 16.90 2.85 10.57
CA ARG A 67 18.04 1.95 10.67
C ARG A 67 18.22 1.17 9.38
N ALA A 68 17.11 0.66 8.84
CA ALA A 68 17.15 -0.09 7.60
C ALA A 68 18.03 0.61 6.57
N VAL A 69 17.73 1.89 6.33
CA VAL A 69 18.50 2.67 5.37
C VAL A 69 19.72 3.29 6.03
N SER A 70 19.48 4.12 7.05
CA SER A 70 20.57 4.77 7.76
C SER A 70 21.65 3.76 8.12
N ASP A 71 21.33 2.48 8.03
CA ASP A 71 22.29 1.43 8.35
C ASP A 71 23.56 1.62 7.52
N THR A 72 23.40 2.12 6.30
CA THR A 72 24.53 2.34 5.42
C THR A 72 25.21 3.68 5.73
N LYS A 73 24.47 4.76 5.53
CA LYS A 73 25.00 6.09 5.78
C LYS A 73 25.11 6.35 7.28
N LYS A 74 23.98 6.26 7.98
CA LYS A 74 23.96 6.48 9.42
C LYS A 74 23.97 7.98 9.74
N ALA A 75 24.12 8.79 8.69
CA ALA A 75 24.14 10.24 8.88
C ALA A 75 24.07 10.95 7.54
N VAL A 76 22.85 11.11 7.03
CA VAL A 76 22.66 11.78 5.74
C VAL A 76 22.57 13.28 5.93
N LYS A 77 21.94 13.69 7.02
CA LYS A 77 21.78 15.11 7.32
C LYS A 77 21.45 15.90 6.05
N TYR A 78 20.19 15.83 5.63
CA TYR A 78 19.75 16.53 4.43
C TYR A 78 18.24 16.57 4.35
N GLN A 79 17.72 17.41 3.47
CA GLN A 79 16.27 17.54 3.31
C GLN A 79 15.57 17.52 4.66
N SER A 80 14.31 17.08 4.66
CA SER A 80 13.54 17.02 5.90
C SER A 80 12.32 16.12 5.73
N LYS A 81 11.68 16.22 4.56
CA LYS A 81 10.49 15.42 4.28
C LYS A 81 10.87 13.95 4.10
N ALA A 82 12.03 13.72 3.49
CA ALA A 82 12.51 12.36 3.26
C ALA A 82 12.35 11.52 4.51
N ARG A 83 12.19 12.18 5.66
CA ARG A 83 12.03 11.49 6.93
C ARG A 83 10.71 10.73 6.96
N ARG A 84 9.61 11.48 6.87
CA ARG A 84 8.28 10.88 6.90
C ARG A 84 7.97 10.21 5.56
N LYS A 85 8.61 10.69 4.50
CA LYS A 85 8.39 10.12 3.18
C LYS A 85 9.00 8.73 3.06
N LYS A 86 10.12 8.52 3.76
CA LYS A 86 10.79 7.22 3.74
C LYS A 86 9.82 6.11 4.07
N ILE A 87 8.95 6.35 5.04
CA ILE A 87 7.96 5.35 5.45
C ILE A 87 7.18 4.87 4.24
N MET A 88 6.89 5.79 3.33
CA MET A 88 6.14 5.46 2.13
C MET A 88 7.04 4.85 1.05
N ILE A 89 8.33 5.13 1.13
CA ILE A 89 9.27 4.61 0.13
C ILE A 89 9.79 3.21 0.45
N ILE A 90 10.33 3.02 1.65
CA ILE A 90 10.87 1.71 2.04
C ILE A 90 9.76 0.69 2.28
N ILE A 91 8.95 0.95 3.29
CA ILE A 91 7.85 0.04 3.62
C ILE A 91 7.05 -0.32 2.38
N CYS A 92 7.16 0.51 1.34
CA CYS A 92 6.45 0.24 0.10
C CYS A 92 7.26 -0.74 -0.76
N CYS A 93 8.45 -0.29 -1.16
CA CYS A 93 9.34 -1.11 -1.98
C CYS A 93 9.54 -2.49 -1.35
N VAL A 94 9.57 -2.53 -0.03
CA VAL A 94 9.74 -3.79 0.67
C VAL A 94 8.52 -4.67 0.46
N ILE A 95 7.35 -4.03 0.44
CA ILE A 95 6.09 -4.74 0.25
C ILE A 95 5.98 -5.20 -1.21
N LEU A 96 6.22 -4.27 -2.13
CA LEU A 96 6.13 -4.56 -3.56
C LEU A 96 6.69 -5.94 -3.85
N GLY A 97 7.84 -6.23 -3.25
CA GLY A 97 8.48 -7.53 -3.46
C GLY A 97 7.57 -8.66 -3.02
N ILE A 98 6.90 -8.48 -1.88
CA ILE A 98 5.99 -9.50 -1.37
C ILE A 98 4.75 -9.65 -2.24
N ILE A 99 4.29 -8.54 -2.83
CA ILE A 99 3.11 -8.59 -3.68
C ILE A 99 3.24 -9.72 -4.70
N ILE A 100 4.36 -9.73 -5.42
CA ILE A 100 4.59 -10.76 -6.41
C ILE A 100 4.40 -12.14 -5.78
N ALA A 101 5.07 -12.36 -4.65
CA ALA A 101 4.98 -13.63 -3.95
C ALA A 101 3.53 -13.93 -3.55
N SER A 102 2.73 -12.88 -3.39
CA SER A 102 1.33 -13.05 -3.03
C SER A 102 0.55 -13.70 -4.17
N THR A 103 0.48 -12.99 -5.29
CA THR A 103 -0.22 -13.49 -6.47
C THR A 103 0.20 -14.93 -6.73
N ILE A 104 1.49 -15.19 -6.56
CA ILE A 104 2.04 -16.53 -6.77
C ILE A 104 1.88 -17.37 -5.50
N GLY A 105 1.52 -16.70 -4.40
CA GLY A 105 1.32 -17.39 -3.14
C GLY A 105 0.07 -18.26 -3.18
N GLY A 106 -0.90 -17.83 -3.99
CA GLY A 106 -2.15 -18.57 -4.13
C GLY A 106 -3.21 -18.00 -3.18
N ILE A 107 -3.20 -16.68 -3.04
CA ILE A 107 -4.16 -16.02 -2.16
C ILE A 107 -5.51 -15.87 -2.86
N PHE A 108 -5.47 -15.72 -4.18
CA PHE A 108 -6.70 -15.56 -4.96
C PHE A 108 -7.42 -16.90 -5.12
N GLY A 109 -6.76 -17.98 -4.71
CA GLY A 109 -7.36 -19.30 -4.83
C GLY A 109 -6.82 -20.04 -6.05
N GLY A 1 -13.20 -16.04 -20.19
CA GLY A 1 -12.65 -15.02 -21.09
C GLY A 1 -11.43 -15.55 -21.84
N SER A 2 -10.96 -14.77 -22.80
CA SER A 2 -9.80 -15.18 -23.60
C SER A 2 -8.91 -13.97 -23.88
N HIS A 3 -7.63 -14.11 -23.55
CA HIS A 3 -6.67 -13.02 -23.77
C HIS A 3 -5.83 -13.30 -25.01
N MET A 4 -5.74 -14.57 -25.40
CA MET A 4 -4.96 -14.96 -26.56
C MET A 4 -3.47 -14.89 -26.25
N ASP A 5 -2.64 -15.14 -27.26
CA ASP A 5 -1.19 -15.12 -27.09
C ASP A 5 -0.80 -15.75 -25.76
N SER A 6 0.42 -15.47 -25.31
CA SER A 6 0.91 -16.01 -24.05
C SER A 6 0.29 -15.28 -22.88
N SER A 7 1.04 -14.31 -22.34
CA SER A 7 0.56 -13.54 -21.21
C SER A 7 1.45 -12.32 -20.98
N ILE A 8 1.58 -11.49 -22.00
CA ILE A 8 2.41 -10.29 -21.90
C ILE A 8 1.92 -9.22 -22.87
N SER A 9 2.32 -7.97 -22.62
CA SER A 9 1.93 -6.85 -23.46
C SER A 9 0.60 -6.28 -23.01
N LYS A 10 -0.25 -7.12 -22.43
CA LYS A 10 -1.54 -6.68 -21.94
C LYS A 10 -1.35 -5.65 -20.84
N GLN A 11 -0.47 -5.97 -19.91
CA GLN A 11 -0.19 -5.07 -18.80
C GLN A 11 -0.04 -3.64 -19.32
N ALA A 12 0.97 -3.44 -20.17
CA ALA A 12 1.22 -2.11 -20.76
C ALA A 12 0.01 -1.61 -21.53
N LEU A 13 -0.77 -2.54 -22.07
CA LEU A 13 -1.97 -2.15 -22.83
C LEU A 13 -3.04 -1.63 -21.88
N SER A 14 -3.45 -2.49 -20.95
CA SER A 14 -4.47 -2.14 -19.97
C SER A 14 -4.01 -1.02 -19.04
N GLU A 15 -2.70 -0.87 -18.92
CA GLU A 15 -2.15 0.14 -18.03
C GLU A 15 -2.93 1.45 -18.13
N ILE A 16 -2.97 2.04 -19.31
CA ILE A 16 -3.67 3.30 -19.51
C ILE A 16 -5.15 3.18 -19.12
N GLU A 17 -5.67 1.96 -19.12
CA GLU A 17 -7.07 1.72 -18.79
C GLU A 17 -7.39 2.24 -17.38
N THR A 18 -6.41 2.83 -16.73
CA THR A 18 -6.62 3.37 -15.39
C THR A 18 -7.40 4.68 -15.48
N ARG A 19 -7.40 5.27 -16.66
CA ARG A 19 -8.10 6.52 -16.89
C ARG A 19 -9.61 6.30 -16.78
N HIS A 20 -10.03 5.07 -17.02
CA HIS A 20 -11.45 4.72 -16.93
C HIS A 20 -11.73 3.92 -15.68
N SER A 21 -10.92 2.90 -15.43
CA SER A 21 -11.07 2.05 -14.26
C SER A 21 -11.15 2.89 -12.99
N GLU A 22 -10.26 3.88 -12.89
CA GLU A 22 -10.23 4.75 -11.72
C GLU A 22 -11.60 5.36 -11.47
N ILE A 23 -12.27 5.76 -12.54
CA ILE A 23 -13.60 6.34 -12.42
C ILE A 23 -14.56 5.35 -11.76
N ILE A 24 -14.63 4.16 -12.36
CA ILE A 24 -15.51 3.12 -11.84
C ILE A 24 -15.14 2.78 -10.40
N LYS A 25 -13.86 2.71 -10.14
CA LYS A 25 -13.36 2.39 -8.81
C LYS A 25 -13.87 3.40 -7.78
N LEU A 26 -13.59 4.67 -8.02
CA LEU A 26 -14.03 5.73 -7.12
C LEU A 26 -15.52 5.59 -6.81
N GLU A 27 -16.31 5.33 -7.84
CA GLU A 27 -17.75 5.18 -7.68
C GLU A 27 -18.06 4.09 -6.66
N ASN A 28 -17.59 2.88 -6.93
CA ASN A 28 -17.85 1.76 -6.04
C ASN A 28 -17.27 2.04 -4.64
N SER A 29 -16.21 2.83 -4.60
CA SER A 29 -15.57 3.16 -3.33
C SER A 29 -16.49 4.02 -2.47
N ILE A 30 -17.39 4.76 -3.13
CA ILE A 30 -18.32 5.61 -2.40
C ILE A 30 -19.46 4.79 -1.81
N ARG A 31 -19.92 3.82 -2.57
CA ARG A 31 -21.02 2.96 -2.10
C ARG A 31 -20.50 1.94 -1.10
N GLU A 32 -19.21 1.67 -1.16
CA GLU A 32 -18.59 0.70 -0.26
C GLU A 32 -18.25 1.36 1.07
N LEU A 33 -17.33 2.33 1.03
CA LEU A 33 -16.92 3.02 2.24
C LEU A 33 -18.14 3.58 2.97
N HIS A 34 -19.15 4.00 2.21
CA HIS A 34 -20.36 4.54 2.80
C HIS A 34 -20.96 3.56 3.80
N ASP A 35 -21.29 2.37 3.32
CA ASP A 35 -21.86 1.34 4.18
C ASP A 35 -20.90 0.96 5.30
N MET A 36 -19.71 0.50 4.91
CA MET A 36 -18.70 0.09 5.88
C MET A 36 -18.58 1.11 7.00
N PHE A 37 -18.72 2.39 6.67
CA PHE A 37 -18.62 3.44 7.66
C PHE A 37 -19.35 3.02 8.94
N MET A 38 -20.51 2.40 8.76
CA MET A 38 -21.31 1.94 9.89
C MET A 38 -20.71 0.67 10.49
N ASP A 39 -20.08 -0.14 9.64
CA ASP A 39 -19.47 -1.38 10.10
C ASP A 39 -18.28 -1.10 11.01
N MET A 40 -17.33 -0.34 10.48
CA MET A 40 -16.15 0.02 11.25
C MET A 40 -16.54 0.70 12.55
N ALA A 41 -17.75 1.23 12.58
CA ALA A 41 -18.26 1.89 13.77
C ALA A 41 -18.39 0.89 14.91
N MET A 42 -18.51 -0.38 14.52
CA MET A 42 -18.65 -1.46 15.49
C MET A 42 -17.37 -1.66 16.29
N LEU A 43 -16.29 -2.01 15.59
CA LEU A 43 -15.01 -2.24 16.25
C LEU A 43 -14.47 -0.95 16.86
N VAL A 44 -14.81 0.18 16.26
CA VAL A 44 -14.35 1.47 16.75
C VAL A 44 -15.00 1.82 18.09
N GLU A 45 -16.29 1.57 18.20
CA GLU A 45 -17.02 1.89 19.42
C GLU A 45 -16.87 0.78 20.47
N SER A 46 -16.79 -0.46 19.99
CA SER A 46 -16.69 -1.61 20.88
C SER A 46 -15.27 -1.84 21.39
N GLN A 47 -14.38 -2.27 20.49
CA GLN A 47 -13.00 -2.56 20.87
C GLN A 47 -12.01 -1.57 20.25
N GLY A 48 -12.52 -0.42 19.83
CA GLY A 48 -11.67 0.59 19.23
C GLY A 48 -10.42 0.75 20.07
N GLU A 49 -10.54 0.38 21.34
CA GLU A 49 -9.43 0.48 22.26
C GLU A 49 -8.24 -0.35 21.77
N MET A 50 -8.52 -1.51 21.21
CA MET A 50 -7.47 -2.39 20.70
C MET A 50 -7.01 -1.92 19.33
N ILE A 51 -7.96 -1.58 18.48
CA ILE A 51 -7.64 -1.12 17.14
C ILE A 51 -6.68 0.06 17.19
N ASP A 52 -6.91 0.98 18.13
CA ASP A 52 -6.05 2.14 18.27
C ASP A 52 -4.60 1.72 18.22
N ARG A 53 -4.30 0.63 18.91
CA ARG A 53 -2.94 0.10 18.95
C ARG A 53 -2.30 0.12 17.57
N ILE A 54 -3.12 0.20 16.52
CA ILE A 54 -2.61 0.24 15.16
C ILE A 54 -1.85 1.53 14.93
N GLU A 55 -2.36 2.61 15.49
CA GLU A 55 -1.72 3.91 15.35
C GLU A 55 -0.29 3.85 15.89
N TYR A 56 -0.18 3.63 17.20
CA TYR A 56 1.13 3.55 17.85
C TYR A 56 2.05 2.59 17.11
N ASN A 57 1.45 1.69 16.33
CA ASN A 57 2.23 0.71 15.58
C ASN A 57 3.26 1.41 14.70
N VAL A 58 2.94 2.65 14.31
CA VAL A 58 3.85 3.43 13.47
C VAL A 58 5.20 3.60 14.15
N GLU A 59 5.19 4.10 15.38
CA GLU A 59 6.43 4.32 16.12
C GLU A 59 7.43 3.19 15.86
N HIS A 60 6.94 1.96 15.85
CA HIS A 60 7.81 0.81 15.62
C HIS A 60 8.43 0.90 14.22
N ALA A 61 7.58 0.88 13.20
CA ALA A 61 8.04 0.95 11.81
C ALA A 61 8.87 2.21 11.57
N VAL A 62 8.74 3.19 12.46
CA VAL A 62 9.50 4.42 12.33
C VAL A 62 10.89 4.27 12.91
N ASP A 63 10.96 3.90 14.18
CA ASP A 63 12.23 3.72 14.85
C ASP A 63 13.19 2.93 13.97
N TYR A 64 12.82 1.70 13.64
CA TYR A 64 13.65 0.86 12.80
C TYR A 64 14.13 1.64 11.57
N VAL A 65 13.19 2.13 10.78
CA VAL A 65 13.52 2.90 9.59
C VAL A 65 14.60 3.94 9.91
N GLU A 66 14.58 4.43 11.15
CA GLU A 66 15.56 5.43 11.57
C GLU A 66 16.97 4.85 11.52
N ARG A 67 17.11 3.60 11.97
CA ARG A 67 18.41 2.95 11.97
C ARG A 67 18.72 2.37 10.59
N ALA A 68 17.67 2.13 9.81
CA ALA A 68 17.85 1.58 8.47
C ALA A 68 18.18 2.69 7.47
N VAL A 69 17.28 3.66 7.36
CA VAL A 69 17.47 4.78 6.44
C VAL A 69 18.89 5.32 6.56
N SER A 70 19.47 5.19 7.76
CA SER A 70 20.82 5.67 8.00
C SER A 70 21.82 4.95 7.09
N ASP A 71 21.31 4.04 6.27
CA ASP A 71 22.16 3.29 5.35
C ASP A 71 22.53 4.12 4.14
N THR A 72 21.53 4.81 3.58
CA THR A 72 21.75 5.64 2.40
C THR A 72 22.32 7.00 2.81
N LYS A 73 22.26 7.30 4.11
CA LYS A 73 22.76 8.56 4.62
C LYS A 73 24.13 8.87 4.03
N LYS A 74 25.04 7.91 4.14
CA LYS A 74 26.39 8.08 3.61
C LYS A 74 27.14 9.16 4.39
N ALA A 75 26.44 9.80 5.32
CA ALA A 75 27.03 10.86 6.12
C ALA A 75 26.13 11.22 7.29
N VAL A 76 26.04 12.52 7.58
CA VAL A 76 25.20 13.00 8.67
C VAL A 76 24.29 14.12 8.20
N LYS A 77 24.89 15.27 7.93
CA LYS A 77 24.13 16.43 7.47
C LYS A 77 22.82 16.56 8.25
N TYR A 78 21.72 16.22 7.59
CA TYR A 78 20.41 16.30 8.23
C TYR A 78 19.34 15.69 7.34
N GLN A 79 18.12 15.59 7.87
CA GLN A 79 17.02 15.00 7.12
C GLN A 79 15.72 15.76 7.40
N SER A 80 14.70 15.50 6.58
CA SER A 80 13.42 16.16 6.74
C SER A 80 12.29 15.26 6.26
N LYS A 81 11.43 15.80 5.39
CA LYS A 81 10.32 15.03 4.86
C LYS A 81 10.79 13.65 4.40
N ALA A 82 11.90 13.63 3.65
CA ALA A 82 12.44 12.38 3.15
C ALA A 82 12.44 11.30 4.23
N ARG A 83 12.32 11.73 5.48
CA ARG A 83 12.31 10.79 6.59
C ARG A 83 11.01 9.98 6.60
N ARG A 84 9.89 10.68 6.70
CA ARG A 84 8.59 10.02 6.73
C ARG A 84 8.28 9.35 5.39
N LYS A 85 8.97 9.79 4.34
CA LYS A 85 8.75 9.22 3.01
C LYS A 85 9.38 7.84 2.88
N LYS A 86 10.44 7.60 3.64
CA LYS A 86 11.13 6.31 3.58
C LYS A 86 10.15 5.17 3.85
N ILE A 87 9.44 5.24 4.96
CA ILE A 87 8.49 4.20 5.30
C ILE A 87 7.61 3.88 4.09
N MET A 88 7.39 4.88 3.25
CA MET A 88 6.57 4.69 2.06
C MET A 88 7.38 4.06 0.93
N ILE A 89 8.70 4.29 0.95
CA ILE A 89 9.56 3.75 -0.10
C ILE A 89 10.04 2.33 0.22
N ILE A 90 10.54 2.12 1.43
CA ILE A 90 11.05 0.80 1.81
C ILE A 90 9.92 -0.20 2.06
N ILE A 91 9.11 0.06 3.07
CA ILE A 91 8.02 -0.83 3.40
C ILE A 91 7.19 -1.15 2.16
N CYS A 92 7.31 -0.31 1.14
CA CYS A 92 6.60 -0.54 -0.11
C CYS A 92 7.38 -1.51 -0.98
N CYS A 93 8.59 -1.11 -1.37
CA CYS A 93 9.44 -1.96 -2.19
C CYS A 93 9.48 -3.37 -1.64
N VAL A 94 9.41 -3.48 -0.32
CA VAL A 94 9.44 -4.79 0.32
C VAL A 94 8.14 -5.53 0.01
N ILE A 95 7.05 -4.78 -0.07
CA ILE A 95 5.75 -5.36 -0.36
C ILE A 95 5.65 -5.71 -1.85
N LEU A 96 6.00 -4.76 -2.71
CA LEU A 96 5.93 -4.99 -4.15
C LEU A 96 6.51 -6.35 -4.49
N GLY A 97 7.61 -6.71 -3.86
CA GLY A 97 8.25 -8.00 -4.10
C GLY A 97 7.36 -9.13 -3.62
N ILE A 98 6.50 -8.84 -2.64
CA ILE A 98 5.60 -9.85 -2.10
C ILE A 98 4.32 -9.96 -2.92
N ILE A 99 3.80 -8.82 -3.38
CA ILE A 99 2.58 -8.81 -4.16
C ILE A 99 2.62 -9.87 -5.26
N ILE A 100 3.71 -9.89 -6.01
CA ILE A 100 3.84 -10.86 -7.08
C ILE A 100 3.55 -12.26 -6.54
N ALA A 101 4.10 -12.58 -5.37
CA ALA A 101 3.88 -13.87 -4.75
C ALA A 101 2.40 -14.09 -4.45
N SER A 102 1.66 -12.99 -4.30
CA SER A 102 0.23 -13.08 -4.02
C SER A 102 -0.51 -13.66 -5.23
N THR A 103 -0.45 -12.93 -6.33
CA THR A 103 -1.10 -13.38 -7.55
C THR A 103 -0.82 -14.86 -7.78
N ILE A 104 0.41 -15.26 -7.44
CA ILE A 104 0.84 -16.64 -7.60
C ILE A 104 0.55 -17.44 -6.32
N GLY A 105 0.25 -16.73 -5.24
CA GLY A 105 -0.06 -17.40 -3.97
C GLY A 105 -1.46 -17.99 -4.01
N GLY A 106 -2.35 -17.36 -4.78
CA GLY A 106 -3.72 -17.83 -4.89
C GLY A 106 -4.52 -17.47 -3.64
N ILE A 107 -4.32 -16.24 -3.17
CA ILE A 107 -5.02 -15.77 -1.99
C ILE A 107 -6.46 -15.39 -2.34
N PHE A 108 -6.75 -15.31 -3.63
CA PHE A 108 -8.08 -14.96 -4.09
C PHE A 108 -9.03 -16.15 -3.94
N GLY A 109 -8.49 -17.29 -3.54
CA GLY A 109 -9.30 -18.49 -3.36
C GLY A 109 -8.46 -19.65 -2.85
N GLY A 1 -7.13 -20.96 -32.87
CA GLY A 1 -6.57 -20.31 -31.69
C GLY A 1 -5.14 -19.83 -31.94
N SER A 2 -5.03 -18.68 -32.59
CA SER A 2 -3.71 -18.12 -32.91
C SER A 2 -3.04 -17.62 -31.63
N HIS A 3 -3.82 -17.43 -30.58
CA HIS A 3 -3.30 -16.95 -29.31
C HIS A 3 -2.54 -15.64 -29.50
N MET A 4 -3.20 -14.66 -30.10
CA MET A 4 -2.57 -13.36 -30.34
C MET A 4 -1.27 -13.53 -31.11
N ASP A 5 -0.76 -12.43 -31.65
CA ASP A 5 0.48 -12.46 -32.40
C ASP A 5 1.03 -11.05 -32.60
N SER A 6 0.18 -10.05 -32.38
CA SER A 6 0.58 -8.66 -32.54
C SER A 6 1.45 -8.22 -31.36
N SER A 7 0.81 -7.99 -30.22
CA SER A 7 1.53 -7.56 -29.03
C SER A 7 0.65 -7.70 -27.79
N ILE A 8 0.72 -8.87 -27.16
CA ILE A 8 -0.07 -9.12 -25.97
C ILE A 8 0.19 -8.07 -24.89
N SER A 9 1.05 -8.41 -23.94
CA SER A 9 1.39 -7.50 -22.84
C SER A 9 0.19 -6.63 -22.46
N LYS A 10 -0.74 -7.22 -21.72
CA LYS A 10 -1.93 -6.50 -21.28
C LYS A 10 -1.56 -5.37 -20.33
N GLN A 11 -0.36 -5.46 -19.76
CA GLN A 11 0.09 -4.43 -18.83
C GLN A 11 0.17 -3.08 -19.52
N ALA A 12 1.07 -2.97 -20.49
CA ALA A 12 1.26 -1.73 -21.22
C ALA A 12 -0.04 -1.27 -21.88
N LEU A 13 -0.82 -2.24 -22.38
CA LEU A 13 -2.08 -1.92 -23.02
C LEU A 13 -3.09 -1.45 -21.97
N SER A 14 -3.37 -2.33 -21.01
CA SER A 14 -4.33 -2.03 -19.95
C SER A 14 -3.88 -0.86 -19.09
N GLU A 15 -2.58 -0.62 -19.05
CA GLU A 15 -2.04 0.47 -18.23
C GLU A 15 -2.91 1.72 -18.32
N ILE A 16 -3.04 2.28 -19.52
CA ILE A 16 -3.83 3.50 -19.71
C ILE A 16 -5.27 3.30 -19.24
N GLU A 17 -5.72 2.05 -19.22
CA GLU A 17 -7.10 1.76 -18.81
C GLU A 17 -7.40 2.29 -17.41
N THR A 18 -6.43 2.95 -16.79
CA THR A 18 -6.63 3.49 -15.46
C THR A 18 -7.45 4.78 -15.54
N ARG A 19 -7.49 5.36 -16.73
CA ARG A 19 -8.25 6.58 -16.96
C ARG A 19 -9.75 6.32 -16.82
N HIS A 20 -10.14 5.06 -17.05
CA HIS A 20 -11.54 4.69 -16.96
C HIS A 20 -11.80 3.91 -15.68
N SER A 21 -10.98 2.89 -15.43
CA SER A 21 -11.13 2.07 -14.23
C SER A 21 -11.22 2.95 -12.99
N GLU A 22 -10.36 3.96 -12.93
CA GLU A 22 -10.35 4.87 -11.79
C GLU A 22 -11.75 5.44 -11.55
N ILE A 23 -12.42 5.82 -12.63
CA ILE A 23 -13.76 6.37 -12.54
C ILE A 23 -14.69 5.36 -11.86
N ILE A 24 -14.74 4.17 -12.42
CA ILE A 24 -15.58 3.11 -11.88
C ILE A 24 -15.22 2.84 -10.43
N LYS A 25 -13.93 2.80 -10.16
CA LYS A 25 -13.44 2.55 -8.80
C LYS A 25 -13.95 3.63 -7.85
N LEU A 26 -13.68 4.89 -8.20
CA LEU A 26 -14.11 6.00 -7.36
C LEU A 26 -15.59 5.91 -7.02
N GLU A 27 -16.41 5.70 -8.04
CA GLU A 27 -17.84 5.59 -7.84
C GLU A 27 -18.17 4.47 -6.87
N ASN A 28 -17.62 3.28 -7.12
CA ASN A 28 -17.88 2.14 -6.25
C ASN A 28 -17.39 2.42 -4.84
N SER A 29 -16.47 3.37 -4.72
CA SER A 29 -15.92 3.73 -3.42
C SER A 29 -16.95 4.51 -2.60
N ILE A 30 -17.87 5.17 -3.30
CA ILE A 30 -18.91 5.95 -2.63
C ILE A 30 -19.97 5.02 -2.04
N ARG A 31 -20.28 3.95 -2.76
CA ARG A 31 -21.28 3.00 -2.31
C ARG A 31 -20.68 2.06 -1.27
N GLU A 32 -19.36 1.91 -1.30
CA GLU A 32 -18.68 1.04 -0.37
C GLU A 32 -18.41 1.76 0.96
N LEU A 33 -17.59 2.80 0.90
CA LEU A 33 -17.26 3.56 2.10
C LEU A 33 -18.52 3.95 2.86
N HIS A 34 -19.61 4.21 2.12
CA HIS A 34 -20.86 4.59 2.75
C HIS A 34 -21.27 3.56 3.80
N ASP A 35 -21.44 2.31 3.37
CA ASP A 35 -21.82 1.24 4.28
C ASP A 35 -20.73 0.99 5.30
N MET A 36 -19.53 0.66 4.83
CA MET A 36 -18.41 0.38 5.72
C MET A 36 -18.31 1.42 6.84
N PHE A 37 -18.44 2.70 6.48
CA PHE A 37 -18.35 3.75 7.48
C PHE A 37 -19.11 3.36 8.73
N MET A 38 -20.26 2.74 8.55
CA MET A 38 -21.08 2.29 9.67
C MET A 38 -20.49 1.03 10.30
N ASP A 39 -19.81 0.22 9.48
CA ASP A 39 -19.20 -1.01 9.99
C ASP A 39 -18.02 -0.69 10.88
N MET A 40 -17.07 0.05 10.33
CA MET A 40 -15.87 0.43 11.08
C MET A 40 -16.26 1.10 12.39
N ALA A 41 -17.48 1.62 12.43
CA ALA A 41 -17.99 2.27 13.63
C ALA A 41 -18.06 1.27 14.77
N MET A 42 -18.18 0.01 14.40
CA MET A 42 -18.29 -1.08 15.37
C MET A 42 -16.97 -1.27 16.11
N LEU A 43 -15.92 -1.62 15.38
CA LEU A 43 -14.61 -1.86 15.99
C LEU A 43 -14.01 -0.56 16.51
N VAL A 44 -14.47 0.57 16.00
CA VAL A 44 -13.95 1.86 16.43
C VAL A 44 -14.38 2.19 17.86
N GLU A 45 -15.65 1.96 18.17
CA GLU A 45 -16.17 2.27 19.50
C GLU A 45 -15.87 1.16 20.50
N SER A 46 -16.39 -0.03 20.23
CA SER A 46 -16.21 -1.16 21.13
C SER A 46 -14.79 -1.73 21.04
N GLN A 47 -14.49 -2.37 19.92
CA GLN A 47 -13.17 -2.97 19.74
C GLN A 47 -12.12 -1.90 19.46
N GLY A 48 -12.48 -0.64 19.69
CA GLY A 48 -11.55 0.45 19.46
C GLY A 48 -10.26 0.19 20.23
N GLU A 49 -10.40 -0.54 21.32
CA GLU A 49 -9.26 -0.87 22.15
C GLU A 49 -8.23 -1.65 21.35
N MET A 50 -8.71 -2.49 20.43
CA MET A 50 -7.83 -3.31 19.61
C MET A 50 -7.35 -2.54 18.38
N ILE A 51 -8.31 -1.95 17.67
CA ILE A 51 -7.98 -1.20 16.46
C ILE A 51 -6.98 -0.08 16.78
N ASP A 52 -7.10 0.50 17.96
CA ASP A 52 -6.19 1.57 18.36
C ASP A 52 -4.75 1.10 18.26
N ARG A 53 -4.48 -0.04 18.88
CA ARG A 53 -3.14 -0.61 18.88
C ARG A 53 -2.49 -0.53 17.51
N ILE A 54 -3.29 -0.38 16.46
CA ILE A 54 -2.74 -0.28 15.11
C ILE A 54 -1.95 1.00 14.96
N GLU A 55 -2.43 2.04 15.61
CA GLU A 55 -1.77 3.33 15.56
C GLU A 55 -0.33 3.23 16.07
N TYR A 56 -0.19 2.88 17.34
CA TYR A 56 1.13 2.74 17.94
C TYR A 56 2.05 1.91 17.06
N ASN A 57 1.46 1.10 16.18
CA ASN A 57 2.25 0.27 15.28
C ASN A 57 3.23 1.12 14.48
N VAL A 58 2.85 2.36 14.22
CA VAL A 58 3.71 3.26 13.47
C VAL A 58 5.06 3.43 14.14
N GLU A 59 5.04 3.89 15.39
CA GLU A 59 6.27 4.10 16.15
C GLU A 59 7.29 2.99 15.86
N HIS A 60 6.82 1.75 15.83
CA HIS A 60 7.70 0.62 15.56
C HIS A 60 8.32 0.75 14.17
N ALA A 61 7.47 0.72 13.15
CA ALA A 61 7.92 0.82 11.76
C ALA A 61 8.73 2.10 11.54
N VAL A 62 8.60 3.05 12.44
CA VAL A 62 9.33 4.31 12.32
C VAL A 62 10.75 4.16 12.89
N ASP A 63 10.82 3.72 14.14
CA ASP A 63 12.11 3.53 14.79
C ASP A 63 13.06 2.74 13.89
N TYR A 64 12.67 1.51 13.55
CA TYR A 64 13.48 0.66 12.71
C TYR A 64 13.98 1.45 11.49
N VAL A 65 13.04 1.90 10.66
CA VAL A 65 13.39 2.66 9.47
C VAL A 65 14.45 3.72 9.80
N GLU A 66 14.45 4.17 11.05
CA GLU A 66 15.40 5.18 11.48
C GLU A 66 16.82 4.62 11.47
N ARG A 67 16.95 3.36 11.91
CA ARG A 67 18.26 2.72 11.95
C ARG A 67 18.61 2.14 10.58
N ALA A 68 17.58 1.84 9.78
CA ALA A 68 17.79 1.29 8.46
C ALA A 68 18.14 2.39 7.46
N VAL A 69 17.29 3.39 7.37
CA VAL A 69 17.51 4.50 6.46
C VAL A 69 18.95 5.01 6.56
N SER A 70 19.50 4.94 7.77
CA SER A 70 20.87 5.40 8.01
C SER A 70 21.84 4.65 7.09
N ASP A 71 21.31 3.67 6.36
CA ASP A 71 22.13 2.88 5.45
C ASP A 71 22.45 3.68 4.18
N THR A 72 21.40 4.07 3.46
CA THR A 72 21.57 4.84 2.24
C THR A 72 22.05 6.25 2.53
N LYS A 73 21.81 6.70 3.77
CA LYS A 73 22.23 8.04 4.17
C LYS A 73 23.73 8.23 3.96
N LYS A 74 24.51 7.33 4.53
CA LYS A 74 25.97 7.40 4.38
C LYS A 74 26.52 8.65 5.05
N ALA A 75 25.61 9.50 5.53
CA ALA A 75 26.00 10.75 6.19
C ALA A 75 26.25 11.84 5.16
N VAL A 76 25.18 12.52 4.76
CA VAL A 76 25.27 13.59 3.78
C VAL A 76 24.08 14.53 3.91
N LYS A 77 24.21 15.55 4.73
CA LYS A 77 23.14 16.51 4.94
C LYS A 77 21.87 15.81 5.38
N TYR A 78 21.43 16.11 6.60
CA TYR A 78 20.22 15.51 7.14
C TYR A 78 18.98 16.20 6.58
N GLN A 79 17.89 15.44 6.46
CA GLN A 79 16.65 15.98 5.93
C GLN A 79 15.60 16.08 7.03
N SER A 80 14.34 16.25 6.63
CA SER A 80 13.24 16.36 7.59
C SER A 80 12.10 15.43 7.20
N LYS A 81 11.24 15.90 6.30
CA LYS A 81 10.11 15.10 5.84
C LYS A 81 10.60 13.82 5.17
N ALA A 82 11.53 13.98 4.23
CA ALA A 82 12.08 12.82 3.52
C ALA A 82 12.48 11.74 4.51
N ARG A 83 12.65 12.12 5.77
CA ARG A 83 13.03 11.18 6.82
C ARG A 83 11.89 10.20 7.09
N ARG A 84 10.76 10.73 7.54
CA ARG A 84 9.60 9.89 7.83
C ARG A 84 9.03 9.30 6.55
N LYS A 85 8.89 10.14 5.53
CA LYS A 85 8.35 9.69 4.24
C LYS A 85 8.91 8.32 3.88
N LYS A 86 10.13 8.03 4.33
CA LYS A 86 10.77 6.76 4.02
C LYS A 86 9.81 5.61 4.31
N ILE A 87 9.04 5.75 5.38
CA ILE A 87 8.09 4.71 5.75
C ILE A 87 7.24 4.31 4.55
N MET A 88 6.95 5.28 3.70
CA MET A 88 6.15 5.03 2.50
C MET A 88 7.01 4.46 1.37
N ILE A 89 8.31 4.73 1.44
CA ILE A 89 9.23 4.27 0.40
C ILE A 89 9.73 2.84 0.66
N ILE A 90 10.27 2.60 1.84
CA ILE A 90 10.81 1.29 2.19
C ILE A 90 9.72 0.27 2.46
N ILE A 91 8.93 0.50 3.51
CA ILE A 91 7.87 -0.44 3.86
C ILE A 91 7.13 -0.91 2.61
N CYS A 92 7.20 -0.12 1.55
CA CYS A 92 6.53 -0.50 0.31
C CYS A 92 7.43 -1.46 -0.49
N CYS A 93 8.72 -1.16 -0.48
CA CYS A 93 9.70 -1.98 -1.20
C CYS A 93 9.64 -3.44 -0.75
N VAL A 94 9.51 -3.63 0.56
CA VAL A 94 9.43 -4.99 1.10
C VAL A 94 8.10 -5.64 0.72
N ILE A 95 7.10 -4.80 0.45
CA ILE A 95 5.79 -5.30 0.06
C ILE A 95 5.79 -5.68 -1.42
N LEU A 96 6.20 -4.73 -2.26
CA LEU A 96 6.25 -4.97 -3.70
C LEU A 96 6.76 -6.37 -3.99
N GLY A 97 7.83 -6.75 -3.30
CA GLY A 97 8.43 -8.07 -3.50
C GLY A 97 7.48 -9.17 -3.03
N ILE A 98 6.62 -8.84 -2.08
CA ILE A 98 5.67 -9.81 -1.55
C ILE A 98 4.45 -9.96 -2.47
N ILE A 99 4.01 -8.84 -3.04
CA ILE A 99 2.85 -8.88 -3.93
C ILE A 99 2.98 -10.03 -4.92
N ILE A 100 4.15 -10.13 -5.53
CA ILE A 100 4.39 -11.18 -6.50
C ILE A 100 4.12 -12.54 -5.86
N ALA A 101 4.76 -12.80 -4.73
CA ALA A 101 4.58 -14.06 -4.02
C ALA A 101 3.10 -14.30 -3.69
N SER A 102 2.35 -13.21 -3.51
CA SER A 102 0.92 -13.32 -3.20
C SER A 102 0.17 -13.90 -4.39
N THR A 103 0.18 -13.16 -5.49
CA THR A 103 -0.50 -13.60 -6.70
C THR A 103 -0.17 -15.05 -6.98
N ILE A 104 1.09 -15.41 -6.74
CA ILE A 104 1.56 -16.77 -6.95
C ILE A 104 1.32 -17.61 -5.71
N GLY A 105 0.99 -16.96 -4.61
CA GLY A 105 0.72 -17.66 -3.36
C GLY A 105 -0.59 -18.43 -3.46
N GLY A 106 -1.52 -17.90 -4.24
CA GLY A 106 -2.83 -18.53 -4.43
C GLY A 106 -3.83 -17.98 -3.41
N ILE A 107 -3.74 -16.68 -3.15
CA ILE A 107 -4.64 -16.03 -2.21
C ILE A 107 -6.00 -15.79 -2.86
N PHE A 108 -5.99 -15.58 -4.17
CA PHE A 108 -7.23 -15.32 -4.90
C PHE A 108 -8.03 -16.60 -5.11
N GLY A 109 -7.45 -17.73 -4.75
CA GLY A 109 -8.13 -19.01 -4.91
C GLY A 109 -7.98 -19.53 -6.34
N GLY A 1 1.08 -13.67 -41.86
CA GLY A 1 2.18 -12.71 -41.82
C GLY A 1 3.37 -13.26 -41.06
N SER A 2 3.11 -13.84 -39.89
CA SER A 2 4.18 -14.42 -39.08
C SER A 2 5.14 -13.33 -38.62
N HIS A 3 4.84 -12.09 -38.99
CA HIS A 3 5.68 -10.96 -38.60
C HIS A 3 5.32 -10.46 -37.21
N MET A 4 4.02 -10.33 -36.95
CA MET A 4 3.55 -9.86 -35.66
C MET A 4 4.42 -8.72 -35.14
N ASP A 5 4.28 -8.42 -33.85
CA ASP A 5 5.05 -7.35 -33.23
C ASP A 5 5.01 -7.47 -31.71
N SER A 6 6.07 -7.00 -31.06
CA SER A 6 6.15 -7.06 -29.61
C SER A 6 5.26 -5.99 -28.97
N SER A 7 4.38 -5.40 -29.77
CA SER A 7 3.50 -4.35 -29.27
C SER A 7 2.46 -4.93 -28.32
N ILE A 8 2.42 -6.26 -28.22
CA ILE A 8 1.46 -6.91 -27.34
C ILE A 8 1.43 -6.23 -25.98
N SER A 9 2.22 -6.73 -25.04
CA SER A 9 2.29 -6.16 -23.69
C SER A 9 0.95 -5.59 -23.26
N LYS A 10 0.12 -6.42 -22.62
CA LYS A 10 -1.19 -5.98 -22.16
C LYS A 10 -1.04 -4.92 -21.07
N GLN A 11 -0.19 -5.22 -20.09
CA GLN A 11 0.02 -4.30 -18.99
C GLN A 11 0.19 -2.87 -19.50
N ALA A 12 1.23 -2.64 -20.29
CA ALA A 12 1.48 -1.31 -20.84
C ALA A 12 0.28 -0.82 -21.64
N LEU A 13 -0.52 -1.76 -22.13
CA LEU A 13 -1.72 -1.41 -22.90
C LEU A 13 -2.83 -0.91 -21.97
N SER A 14 -3.22 -1.75 -21.04
CA SER A 14 -4.27 -1.43 -20.07
C SER A 14 -3.84 -0.29 -19.14
N GLU A 15 -2.55 -0.05 -19.09
CA GLU A 15 -2.02 1.00 -18.20
C GLU A 15 -2.92 2.22 -18.21
N ILE A 16 -3.14 2.79 -19.37
CA ILE A 16 -3.99 3.98 -19.50
C ILE A 16 -5.41 3.71 -19.03
N GLU A 17 -5.82 2.44 -19.03
CA GLU A 17 -7.17 2.07 -18.63
C GLU A 17 -7.49 2.61 -17.23
N THR A 18 -6.54 3.28 -16.62
CA THR A 18 -6.76 3.85 -15.29
C THR A 18 -7.55 5.14 -15.39
N ARG A 19 -7.55 5.72 -16.59
CA ARG A 19 -8.28 6.96 -16.84
C ARG A 19 -9.78 6.70 -16.80
N HIS A 20 -10.17 5.47 -17.09
CA HIS A 20 -11.59 5.10 -17.10
C HIS A 20 -11.94 4.27 -15.87
N SER A 21 -11.20 3.19 -15.67
CA SER A 21 -11.44 2.31 -14.53
C SER A 21 -11.61 3.13 -13.25
N GLU A 22 -10.85 4.21 -13.14
CA GLU A 22 -10.92 5.07 -11.96
C GLU A 22 -12.33 5.60 -11.77
N ILE A 23 -12.99 5.92 -12.88
CA ILE A 23 -14.35 6.43 -12.83
C ILE A 23 -15.26 5.42 -12.13
N ILE A 24 -15.26 4.21 -12.66
CA ILE A 24 -16.08 3.14 -12.10
C ILE A 24 -15.70 2.88 -10.66
N LYS A 25 -14.40 2.93 -10.38
CA LYS A 25 -13.89 2.69 -9.05
C LYS A 25 -14.46 3.71 -8.06
N LEU A 26 -14.24 4.99 -8.34
CA LEU A 26 -14.74 6.05 -7.48
C LEU A 26 -16.20 5.82 -7.14
N GLU A 27 -16.98 5.47 -8.15
CA GLU A 27 -18.41 5.23 -7.95
C GLU A 27 -18.65 4.17 -6.87
N ASN A 28 -18.13 2.98 -7.09
CA ASN A 28 -18.28 1.89 -6.14
C ASN A 28 -17.69 2.27 -4.78
N SER A 29 -16.60 3.04 -4.81
CA SER A 29 -15.95 3.47 -3.59
C SER A 29 -16.92 4.25 -2.70
N ILE A 30 -17.93 4.85 -3.33
CA ILE A 30 -18.92 5.62 -2.58
C ILE A 30 -20.00 4.70 -2.03
N ARG A 31 -20.28 3.62 -2.74
CA ARG A 31 -21.31 2.68 -2.33
C ARG A 31 -20.76 1.73 -1.26
N GLU A 32 -19.46 1.50 -1.30
CA GLU A 32 -18.81 0.62 -0.34
C GLU A 32 -18.48 1.38 0.94
N LEU A 33 -17.58 2.36 0.82
CA LEU A 33 -17.18 3.15 1.97
C LEU A 33 -18.39 3.66 2.73
N HIS A 34 -19.46 3.97 2.00
CA HIS A 34 -20.68 4.46 2.62
C HIS A 34 -21.16 3.47 3.68
N ASP A 35 -21.40 2.23 3.27
CA ASP A 35 -21.86 1.21 4.20
C ASP A 35 -20.81 0.95 5.27
N MET A 36 -19.61 0.56 4.83
CA MET A 36 -18.52 0.26 5.77
C MET A 36 -18.44 1.33 6.85
N PHE A 37 -18.69 2.58 6.48
CA PHE A 37 -18.64 3.67 7.43
C PHE A 37 -19.27 3.24 8.75
N MET A 38 -20.41 2.57 8.66
CA MET A 38 -21.11 2.09 9.84
C MET A 38 -20.44 0.84 10.40
N ASP A 39 -19.76 0.09 9.53
CA ASP A 39 -19.09 -1.12 9.96
C ASP A 39 -17.88 -0.80 10.84
N MET A 40 -16.99 0.00 10.29
CA MET A 40 -15.78 0.41 11.01
C MET A 40 -16.17 1.12 12.30
N ALA A 41 -17.39 1.63 12.33
CA ALA A 41 -17.89 2.32 13.51
C ALA A 41 -18.01 1.36 14.68
N MET A 42 -18.11 0.07 14.34
CA MET A 42 -18.24 -0.98 15.34
C MET A 42 -16.96 -1.15 16.15
N LEU A 43 -15.88 -1.54 15.47
CA LEU A 43 -14.61 -1.76 16.15
C LEU A 43 -14.01 -0.44 16.63
N VAL A 44 -14.41 0.65 16.02
CA VAL A 44 -13.89 1.96 16.40
C VAL A 44 -14.39 2.37 17.79
N GLU A 45 -15.69 2.24 18.02
CA GLU A 45 -16.28 2.62 19.30
C GLU A 45 -16.11 1.54 20.36
N SER A 46 -16.43 0.31 20.00
CA SER A 46 -16.34 -0.81 20.93
C SER A 46 -14.92 -1.34 21.02
N GLN A 47 -14.47 -2.00 19.96
CA GLN A 47 -13.12 -2.57 19.94
C GLN A 47 -12.08 -1.49 19.66
N GLY A 48 -12.47 -0.23 19.84
CA GLY A 48 -11.56 0.87 19.61
C GLY A 48 -10.26 0.61 20.36
N GLU A 49 -10.38 -0.13 21.45
CA GLU A 49 -9.23 -0.44 22.27
C GLU A 49 -8.20 -1.23 21.46
N MET A 50 -8.69 -1.99 20.49
CA MET A 50 -7.81 -2.80 19.64
C MET A 50 -7.28 -1.98 18.47
N ILE A 51 -8.19 -1.35 17.75
CA ILE A 51 -7.82 -0.53 16.59
C ILE A 51 -6.66 0.39 16.96
N ASP A 52 -6.52 0.69 18.24
CA ASP A 52 -5.45 1.56 18.70
C ASP A 52 -4.10 0.90 18.48
N ARG A 53 -3.97 -0.33 18.98
CA ARG A 53 -2.72 -1.07 18.83
C ARG A 53 -2.17 -0.93 17.42
N ILE A 54 -3.06 -0.73 16.46
CA ILE A 54 -2.62 -0.58 15.07
C ILE A 54 -1.93 0.75 14.89
N GLU A 55 -2.45 1.76 15.54
CA GLU A 55 -1.87 3.09 15.45
C GLU A 55 -0.45 3.07 16.02
N TYR A 56 -0.34 2.81 17.31
CA TYR A 56 0.95 2.77 17.97
C TYR A 56 1.91 1.84 17.25
N ASN A 57 1.38 0.92 16.44
CA ASN A 57 2.21 -0.01 15.71
C ASN A 57 3.18 0.75 14.81
N VAL A 58 2.82 1.97 14.45
CA VAL A 58 3.66 2.79 13.59
C VAL A 58 5.02 3.03 14.24
N GLU A 59 5.01 3.55 15.47
CA GLU A 59 6.26 3.83 16.18
C GLU A 59 7.28 2.74 15.93
N HIS A 60 6.85 1.48 15.97
CA HIS A 60 7.76 0.37 15.75
C HIS A 60 8.35 0.43 14.34
N ALA A 61 7.49 0.36 13.33
CA ALA A 61 7.93 0.40 11.93
C ALA A 61 8.71 1.67 11.65
N VAL A 62 8.56 2.67 12.51
CA VAL A 62 9.28 3.94 12.33
C VAL A 62 10.69 3.83 12.89
N ASP A 63 10.80 3.35 14.12
CA ASP A 63 12.10 3.20 14.76
C ASP A 63 13.04 2.38 13.89
N TYR A 64 12.66 1.14 13.62
CA TYR A 64 13.47 0.26 12.79
C TYR A 64 13.94 0.99 11.54
N VAL A 65 12.99 1.40 10.70
CA VAL A 65 13.33 2.12 9.48
C VAL A 65 14.36 3.20 9.76
N GLU A 66 14.30 3.78 10.96
CA GLU A 66 15.24 4.82 11.34
C GLU A 66 16.66 4.27 11.39
N ARG A 67 16.80 3.04 11.87
CA ARG A 67 18.11 2.41 11.95
C ARG A 67 18.61 2.02 10.57
N ALA A 68 17.67 1.83 9.65
CA ALA A 68 18.02 1.45 8.29
C ALA A 68 18.39 2.68 7.47
N VAL A 69 17.66 3.77 7.70
CA VAL A 69 17.92 5.02 6.98
C VAL A 69 19.41 5.33 6.98
N SER A 70 20.08 5.02 8.09
CA SER A 70 21.50 5.27 8.20
C SER A 70 22.24 4.79 6.97
N ASP A 71 21.56 3.97 6.15
CA ASP A 71 22.18 3.44 4.95
C ASP A 71 22.16 4.48 3.83
N THR A 72 21.02 5.15 3.67
CA THR A 72 20.89 6.17 2.64
C THR A 72 21.47 7.49 3.12
N LYS A 73 21.75 7.58 4.42
CA LYS A 73 22.31 8.79 5.00
C LYS A 73 23.46 9.30 4.14
N LYS A 74 24.46 8.45 3.92
CA LYS A 74 25.60 8.82 3.12
C LYS A 74 26.41 9.92 3.80
N ALA A 75 25.90 10.38 4.94
CA ALA A 75 26.58 11.44 5.69
C ALA A 75 25.96 11.60 7.06
N VAL A 76 25.92 12.83 7.55
CA VAL A 76 25.36 13.12 8.87
C VAL A 76 24.04 13.87 8.73
N LYS A 77 23.60 14.05 7.49
CA LYS A 77 22.34 14.77 7.25
C LYS A 77 21.79 14.40 5.87
N TYR A 78 20.47 14.53 5.72
CA TYR A 78 19.82 14.21 4.46
C TYR A 78 18.39 14.72 4.45
N GLN A 79 18.16 15.83 3.75
CA GLN A 79 16.83 16.42 3.66
C GLN A 79 16.13 16.35 5.02
N SER A 80 14.81 16.31 4.98
CA SER A 80 14.02 16.26 6.21
C SER A 80 12.80 15.37 6.02
N LYS A 81 12.01 15.66 4.99
CA LYS A 81 10.81 14.88 4.72
C LYS A 81 11.16 13.41 4.52
N ALA A 82 12.33 13.16 3.95
CA ALA A 82 12.78 11.80 3.69
C ALA A 82 12.55 10.93 4.93
N ARG A 83 12.36 11.57 6.07
CA ARG A 83 12.13 10.84 7.32
C ARG A 83 10.81 10.09 7.26
N ARG A 84 9.71 10.83 7.14
CA ARG A 84 8.39 10.22 7.07
C ARG A 84 8.15 9.61 5.69
N LYS A 85 8.91 10.08 4.71
CA LYS A 85 8.76 9.58 3.34
C LYS A 85 9.33 8.16 3.22
N LYS A 86 10.43 7.90 3.91
CA LYS A 86 11.06 6.59 3.86
C LYS A 86 10.06 5.49 4.17
N ILE A 87 9.19 5.75 5.15
CA ILE A 87 8.17 4.78 5.53
C ILE A 87 7.39 4.32 4.30
N MET A 88 7.17 5.24 3.38
CA MET A 88 6.43 4.95 2.17
C MET A 88 7.32 4.31 1.11
N ILE A 89 8.63 4.54 1.22
CA ILE A 89 9.58 4.00 0.24
C ILE A 89 10.02 2.58 0.57
N ILE A 90 10.52 2.36 1.79
CA ILE A 90 11.00 1.04 2.19
C ILE A 90 9.85 0.06 2.40
N ILE A 91 9.03 0.34 3.41
CA ILE A 91 7.90 -0.53 3.71
C ILE A 91 7.10 -0.85 2.45
N CYS A 92 7.26 -0.03 1.42
CA CYS A 92 6.57 -0.28 0.16
C CYS A 92 7.36 -1.28 -0.68
N CYS A 93 8.58 -0.89 -1.04
CA CYS A 93 9.45 -1.75 -1.85
C CYS A 93 9.56 -3.12 -1.22
N VAL A 94 9.52 -3.17 0.10
CA VAL A 94 9.60 -4.45 0.81
C VAL A 94 8.37 -5.28 0.53
N ILE A 95 7.22 -4.61 0.48
CA ILE A 95 5.96 -5.28 0.19
C ILE A 95 5.93 -5.78 -1.25
N LEU A 96 6.36 -4.92 -2.17
CA LEU A 96 6.37 -5.28 -3.58
C LEU A 96 6.91 -6.70 -3.77
N GLY A 97 7.94 -7.03 -3.01
CA GLY A 97 8.54 -8.36 -3.09
C GLY A 97 7.55 -9.42 -2.61
N ILE A 98 6.66 -9.02 -1.72
CA ILE A 98 5.67 -9.93 -1.17
C ILE A 98 4.47 -10.08 -2.12
N ILE A 99 4.08 -8.98 -2.75
CA ILE A 99 2.94 -9.02 -3.67
C ILE A 99 3.08 -10.19 -4.63
N ILE A 100 4.24 -10.28 -5.25
CA ILE A 100 4.50 -11.36 -6.20
C ILE A 100 4.21 -12.70 -5.53
N ALA A 101 4.81 -12.93 -4.37
CA ALA A 101 4.60 -14.17 -3.64
C ALA A 101 3.13 -14.39 -3.31
N SER A 102 2.38 -13.30 -3.18
CA SER A 102 0.95 -13.41 -2.87
C SER A 102 0.19 -14.01 -4.06
N THR A 103 0.20 -13.29 -5.17
CA THR A 103 -0.48 -13.75 -6.37
C THR A 103 -0.13 -15.20 -6.63
N ILE A 104 1.14 -15.52 -6.43
CA ILE A 104 1.65 -16.88 -6.62
C ILE A 104 1.42 -17.71 -5.36
N GLY A 105 1.06 -17.03 -4.27
CA GLY A 105 0.80 -17.72 -3.01
C GLY A 105 -0.51 -18.50 -3.09
N GLY A 106 -1.43 -18.00 -3.91
CA GLY A 106 -2.73 -18.66 -4.07
C GLY A 106 -3.73 -18.12 -3.06
N ILE A 107 -3.66 -16.81 -2.82
CA ILE A 107 -4.55 -16.17 -1.88
C ILE A 107 -5.92 -15.94 -2.50
N PHE A 108 -6.02 -16.15 -3.80
CA PHE A 108 -7.30 -15.98 -4.50
C PHE A 108 -8.23 -17.14 -4.21
N GLY A 109 -7.70 -18.18 -3.60
CA GLY A 109 -8.50 -19.36 -3.27
C GLY A 109 -8.87 -20.13 -4.54
N GLY A 1 6.03 -21.83 -32.94
CA GLY A 1 5.33 -20.94 -33.86
C GLY A 1 5.11 -19.57 -33.23
N SER A 2 4.38 -18.71 -33.93
CA SER A 2 4.10 -17.37 -33.43
C SER A 2 3.22 -17.44 -32.19
N HIS A 3 1.94 -17.74 -32.39
CA HIS A 3 1.00 -17.83 -31.27
C HIS A 3 1.15 -16.62 -30.36
N MET A 4 1.40 -16.90 -29.08
CA MET A 4 1.55 -15.83 -28.09
C MET A 4 0.34 -14.91 -28.12
N ASP A 5 0.43 -13.80 -27.40
CA ASP A 5 -0.66 -12.84 -27.35
C ASP A 5 -1.85 -13.40 -26.58
N SER A 6 -2.09 -14.70 -26.73
CA SER A 6 -3.20 -15.35 -26.04
C SER A 6 -2.86 -15.57 -24.57
N SER A 7 -2.30 -14.54 -23.94
CA SER A 7 -1.93 -14.63 -22.54
C SER A 7 -1.64 -13.24 -21.97
N ILE A 8 -1.12 -12.35 -22.81
CA ILE A 8 -0.81 -10.99 -22.37
C ILE A 8 -2.10 -10.25 -22.00
N SER A 9 -2.21 -9.01 -22.50
CA SER A 9 -3.36 -8.15 -22.23
C SER A 9 -3.09 -7.24 -21.04
N LYS A 10 -1.98 -7.47 -20.36
CA LYS A 10 -1.62 -6.66 -19.21
C LYS A 10 -1.45 -5.20 -19.63
N GLN A 11 -0.46 -4.96 -20.48
CA GLN A 11 -0.19 -3.61 -20.97
C GLN A 11 -1.30 -3.12 -21.89
N ALA A 12 -2.05 -4.08 -22.43
CA ALA A 12 -3.14 -3.74 -23.34
C ALA A 12 -4.36 -3.29 -22.54
N LEU A 13 -4.90 -4.21 -21.75
CA LEU A 13 -6.07 -3.89 -20.94
C LEU A 13 -5.73 -2.79 -19.95
N SER A 14 -4.44 -2.54 -19.79
CA SER A 14 -3.98 -1.50 -18.86
C SER A 14 -4.56 -0.14 -19.24
N GLU A 15 -4.26 0.30 -20.47
CA GLU A 15 -4.75 1.59 -20.94
C GLU A 15 -6.28 1.64 -20.91
N ILE A 16 -6.90 0.54 -21.32
CA ILE A 16 -8.37 0.48 -21.33
C ILE A 16 -8.91 0.52 -19.91
N GLU A 17 -8.54 -0.48 -19.12
CA GLU A 17 -9.00 -0.58 -17.74
C GLU A 17 -8.52 0.60 -16.92
N THR A 18 -7.55 1.33 -17.45
CA THR A 18 -7.01 2.49 -16.75
C THR A 18 -8.02 3.62 -16.76
N ARG A 19 -8.37 4.08 -17.95
CA ARG A 19 -9.33 5.17 -18.10
C ARG A 19 -10.67 4.77 -17.50
N HIS A 20 -10.91 3.47 -17.42
CA HIS A 20 -12.17 2.97 -16.86
C HIS A 20 -12.02 2.70 -15.37
N SER A 21 -10.78 2.54 -14.91
CA SER A 21 -10.50 2.28 -13.51
C SER A 21 -10.72 3.54 -12.68
N GLU A 22 -10.43 4.70 -13.28
CA GLU A 22 -10.60 5.96 -12.59
C GLU A 22 -12.04 6.16 -12.13
N ILE A 23 -12.95 6.24 -13.10
CA ILE A 23 -14.36 6.42 -12.79
C ILE A 23 -14.86 5.32 -11.86
N ILE A 24 -14.45 4.09 -12.14
CA ILE A 24 -14.86 2.96 -11.32
C ILE A 24 -14.43 3.16 -9.88
N LYS A 25 -13.22 3.67 -9.69
CA LYS A 25 -12.70 3.90 -8.36
C LYS A 25 -13.60 4.86 -7.59
N LEU A 26 -13.93 5.98 -8.22
CA LEU A 26 -14.80 6.97 -7.59
C LEU A 26 -16.14 6.35 -7.21
N GLU A 27 -16.78 5.72 -8.19
CA GLU A 27 -18.08 5.09 -7.97
C GLU A 27 -17.99 4.07 -6.85
N ASN A 28 -17.16 3.06 -7.02
CA ASN A 28 -17.01 2.01 -6.03
C ASN A 28 -16.61 2.59 -4.67
N SER A 29 -15.89 3.71 -4.71
CA SER A 29 -15.44 4.36 -3.48
C SER A 29 -16.62 4.98 -2.73
N ILE A 30 -17.56 5.55 -3.49
CA ILE A 30 -18.73 6.17 -2.88
C ILE A 30 -19.63 5.12 -2.24
N ARG A 31 -19.80 4.00 -2.92
CA ARG A 31 -20.65 2.92 -2.41
C ARG A 31 -19.92 2.14 -1.32
N GLU A 32 -18.59 2.16 -1.36
CA GLU A 32 -17.80 1.44 -0.39
C GLU A 32 -17.66 2.25 0.90
N LEU A 33 -17.10 3.45 0.78
CA LEU A 33 -16.93 4.31 1.95
C LEU A 33 -18.26 4.60 2.62
N HIS A 34 -19.29 4.82 1.81
CA HIS A 34 -20.62 5.11 2.34
C HIS A 34 -21.04 4.03 3.33
N ASP A 35 -21.11 2.79 2.86
CA ASP A 35 -21.51 1.68 3.72
C ASP A 35 -20.48 1.46 4.81
N MET A 36 -19.24 1.22 4.41
CA MET A 36 -18.16 0.98 5.37
C MET A 36 -18.24 1.95 6.54
N PHE A 37 -18.63 3.19 6.25
CA PHE A 37 -18.74 4.19 7.30
C PHE A 37 -19.38 3.59 8.55
N MET A 38 -20.41 2.78 8.33
CA MET A 38 -21.12 2.14 9.43
C MET A 38 -20.34 0.93 9.94
N ASP A 39 -19.59 0.28 9.07
CA ASP A 39 -18.82 -0.89 9.46
C ASP A 39 -17.65 -0.50 10.37
N MET A 40 -16.82 0.39 9.86
CA MET A 40 -15.67 0.87 10.63
C MET A 40 -16.12 1.47 11.94
N ALA A 41 -17.39 1.87 11.98
CA ALA A 41 -17.95 2.46 13.19
C ALA A 41 -17.99 1.43 14.30
N MET A 42 -18.05 0.16 13.90
CA MET A 42 -18.10 -0.95 14.84
C MET A 42 -16.78 -1.11 15.58
N LEU A 43 -15.72 -1.41 14.83
CA LEU A 43 -14.40 -1.61 15.43
C LEU A 43 -13.87 -0.30 16.02
N VAL A 44 -14.39 0.81 15.54
CA VAL A 44 -13.96 2.12 16.03
C VAL A 44 -14.45 2.36 17.46
N GLU A 45 -15.71 1.99 17.71
CA GLU A 45 -16.31 2.19 19.02
C GLU A 45 -15.93 1.08 20.00
N SER A 46 -16.37 -0.13 19.69
CA SER A 46 -16.10 -1.29 20.56
C SER A 46 -14.66 -1.75 20.44
N GLN A 47 -14.31 -2.35 19.30
CA GLN A 47 -12.96 -2.85 19.09
C GLN A 47 -11.98 -1.71 18.87
N GLY A 48 -12.39 -0.50 19.23
CA GLY A 48 -11.53 0.65 19.06
C GLY A 48 -10.30 0.54 19.95
N GLU A 49 -10.52 -0.04 21.13
CA GLU A 49 -9.44 -0.22 22.08
C GLU A 49 -8.34 -1.10 21.50
N MET A 50 -8.74 -2.09 20.70
CA MET A 50 -7.77 -3.00 20.08
C MET A 50 -7.23 -2.42 18.79
N ILE A 51 -8.14 -2.05 17.90
CA ILE A 51 -7.76 -1.48 16.62
C ILE A 51 -6.76 -0.34 16.81
N ASP A 52 -6.82 0.30 17.96
CA ASP A 52 -5.91 1.41 18.25
C ASP A 52 -4.48 0.97 18.08
N ARG A 53 -4.15 -0.16 18.70
CA ARG A 53 -2.79 -0.70 18.64
C ARG A 53 -2.23 -0.61 17.22
N ILE A 54 -3.10 -0.53 16.22
CA ILE A 54 -2.64 -0.45 14.84
C ILE A 54 -1.92 0.88 14.61
N GLU A 55 -2.37 1.90 15.32
CA GLU A 55 -1.77 3.21 15.18
C GLU A 55 -0.32 3.18 15.63
N TYR A 56 -0.10 2.90 16.92
CA TYR A 56 1.25 2.84 17.46
C TYR A 56 2.15 1.96 16.59
N ASN A 57 1.55 1.06 15.82
CA ASN A 57 2.31 0.18 14.95
C ASN A 57 3.43 0.95 14.26
N VAL A 58 3.25 2.26 14.12
CA VAL A 58 4.26 3.10 13.49
C VAL A 58 5.52 3.13 14.34
N GLU A 59 5.34 3.34 15.64
CA GLU A 59 6.46 3.39 16.57
C GLU A 59 7.50 2.33 16.20
N HIS A 60 7.04 1.11 15.97
CA HIS A 60 7.95 0.03 15.61
C HIS A 60 8.71 0.38 14.33
N ALA A 61 7.98 0.56 13.23
CA ALA A 61 8.61 0.87 11.97
C ALA A 61 9.64 1.98 12.15
N VAL A 62 9.18 3.15 12.60
CA VAL A 62 10.09 4.27 12.82
C VAL A 62 11.34 3.82 13.58
N ASP A 63 11.14 2.98 14.60
CA ASP A 63 12.25 2.49 15.39
C ASP A 63 13.33 1.89 14.50
N TYR A 64 12.97 0.84 13.77
CA TYR A 64 13.91 0.18 12.88
C TYR A 64 14.45 1.17 11.85
N VAL A 65 13.53 1.80 11.12
CA VAL A 65 13.92 2.76 10.10
C VAL A 65 15.02 3.68 10.62
N GLU A 66 14.71 4.44 11.67
CA GLU A 66 15.68 5.35 12.26
C GLU A 66 17.08 4.74 12.27
N ARG A 67 17.16 3.43 12.47
CA ARG A 67 18.44 2.74 12.51
C ARG A 67 18.90 2.37 11.09
N ALA A 68 17.95 2.11 10.21
CA ALA A 68 18.28 1.73 8.83
C ALA A 68 18.65 2.95 7.99
N VAL A 69 17.99 4.08 8.24
CA VAL A 69 18.26 5.29 7.48
C VAL A 69 19.77 5.50 7.35
N SER A 70 20.50 5.16 8.40
CA SER A 70 21.96 5.32 8.38
C SER A 70 22.54 4.90 7.03
N ASP A 71 21.79 4.07 6.30
CA ASP A 71 22.24 3.59 5.00
C ASP A 71 22.07 4.68 3.95
N THR A 72 20.83 5.11 3.75
CA THR A 72 20.54 6.15 2.77
C THR A 72 21.12 7.48 3.19
N LYS A 73 21.34 7.64 4.50
CA LYS A 73 21.88 8.89 5.03
C LYS A 73 23.25 9.17 4.43
N LYS A 74 24.18 8.24 4.62
CA LYS A 74 25.53 8.41 4.09
C LYS A 74 26.21 9.63 4.71
N ALA A 75 25.47 10.31 5.59
CA ALA A 75 26.00 11.49 6.25
C ALA A 75 25.07 11.94 7.37
N VAL A 76 25.63 12.64 8.35
CA VAL A 76 24.85 13.12 9.48
C VAL A 76 23.47 13.59 9.03
N LYS A 77 23.45 14.35 7.94
CA LYS A 77 22.21 14.87 7.39
C LYS A 77 21.25 15.29 8.50
N TYR A 78 20.41 14.36 8.94
CA TYR A 78 19.45 14.63 9.99
C TYR A 78 18.52 15.77 9.60
N GLN A 79 17.25 15.64 9.95
CA GLN A 79 16.26 16.65 9.63
C GLN A 79 16.02 16.71 8.12
N SER A 80 14.90 16.16 7.68
CA SER A 80 14.56 16.16 6.26
C SER A 80 13.32 15.31 6.00
N LYS A 81 12.38 15.88 5.25
CA LYS A 81 11.14 15.17 4.94
C LYS A 81 11.43 13.72 4.59
N ALA A 82 12.51 13.49 3.85
CA ALA A 82 12.91 12.15 3.45
C ALA A 82 12.81 11.19 4.64
N ARG A 83 12.73 11.76 5.84
CA ARG A 83 12.63 10.96 7.05
C ARG A 83 11.30 10.22 7.10
N ARG A 84 10.19 10.96 7.09
CA ARG A 84 8.86 10.35 7.15
C ARG A 84 8.51 9.71 5.82
N LYS A 85 9.11 10.20 4.74
CA LYS A 85 8.85 9.67 3.41
C LYS A 85 9.44 8.28 3.25
N LYS A 86 10.56 8.02 3.93
CA LYS A 86 11.21 6.72 3.84
C LYS A 86 10.21 5.61 4.16
N ILE A 87 9.39 5.82 5.17
CA ILE A 87 8.40 4.82 5.56
C ILE A 87 7.60 4.37 4.33
N MET A 88 7.34 5.30 3.44
CA MET A 88 6.59 5.02 2.23
C MET A 88 7.49 4.41 1.14
N ILE A 89 8.78 4.65 1.24
CA ILE A 89 9.72 4.15 0.23
C ILE A 89 10.21 2.73 0.53
N ILE A 90 10.74 2.51 1.74
CA ILE A 90 11.26 1.20 2.10
C ILE A 90 10.13 0.19 2.34
N ILE A 91 9.33 0.44 3.37
CA ILE A 91 8.24 -0.46 3.69
C ILE A 91 7.43 -0.80 2.45
N CYS A 92 7.54 0.05 1.42
CA CYS A 92 6.84 -0.21 0.17
C CYS A 92 7.64 -1.18 -0.70
N CYS A 93 8.84 -0.75 -1.08
CA CYS A 93 9.71 -1.58 -1.91
C CYS A 93 9.86 -2.97 -1.32
N VAL A 94 9.89 -3.05 0.01
CA VAL A 94 10.02 -4.34 0.69
C VAL A 94 8.76 -5.16 0.45
N ILE A 95 7.62 -4.48 0.47
CA ILE A 95 6.34 -5.16 0.26
C ILE A 95 6.24 -5.61 -1.19
N LEU A 96 6.57 -4.72 -2.12
CA LEU A 96 6.50 -5.05 -3.54
C LEU A 96 7.13 -6.41 -3.80
N GLY A 97 8.21 -6.70 -3.09
CA GLY A 97 8.89 -7.98 -3.25
C GLY A 97 7.98 -9.14 -2.87
N ILE A 98 7.08 -8.89 -1.92
CA ILE A 98 6.15 -9.92 -1.47
C ILE A 98 4.92 -9.98 -2.38
N ILE A 99 4.53 -8.84 -2.92
CA ILE A 99 3.37 -8.79 -3.81
C ILE A 99 3.45 -9.88 -4.87
N ILE A 100 4.54 -9.87 -5.63
CA ILE A 100 4.72 -10.86 -6.67
C ILE A 100 4.49 -12.25 -6.11
N ALA A 101 5.05 -12.52 -4.94
CA ALA A 101 4.87 -13.80 -4.28
C ALA A 101 3.40 -14.08 -4.01
N SER A 102 2.61 -13.01 -3.93
CA SER A 102 1.18 -13.15 -3.69
C SER A 102 0.51 -13.80 -4.90
N THR A 103 0.57 -13.12 -6.03
CA THR A 103 -0.02 -13.64 -7.26
C THR A 103 0.35 -15.10 -7.44
N ILE A 104 1.57 -15.44 -7.03
CA ILE A 104 2.07 -16.81 -7.13
C ILE A 104 1.74 -17.58 -5.86
N GLY A 105 1.34 -16.87 -4.81
CA GLY A 105 0.99 -17.51 -3.56
C GLY A 105 -0.31 -18.30 -3.70
N GLY A 106 -1.16 -17.86 -4.63
CA GLY A 106 -2.43 -18.53 -4.86
C GLY A 106 -3.57 -17.72 -4.26
N ILE A 107 -3.22 -16.59 -3.68
CA ILE A 107 -4.21 -15.72 -3.05
C ILE A 107 -5.05 -15.02 -4.11
N PHE A 108 -4.39 -14.30 -5.03
CA PHE A 108 -5.09 -13.60 -6.08
C PHE A 108 -5.53 -14.58 -7.18
N GLY A 109 -4.59 -15.40 -7.64
CA GLY A 109 -4.89 -16.37 -8.68
C GLY A 109 -3.60 -16.94 -9.27
N GLY A 1 16.18 -11.44 -9.34
CA GLY A 1 14.84 -11.25 -9.90
C GLY A 1 14.93 -10.76 -11.34
N SER A 2 14.15 -11.39 -12.22
CA SER A 2 14.14 -11.00 -13.63
C SER A 2 12.92 -10.15 -13.94
N HIS A 3 11.78 -10.52 -13.36
CA HIS A 3 10.55 -9.77 -13.59
C HIS A 3 10.30 -9.57 -15.08
N MET A 4 9.28 -8.79 -15.41
CA MET A 4 8.95 -8.53 -16.81
C MET A 4 8.16 -9.68 -17.41
N ASP A 5 7.31 -9.37 -18.37
CA ASP A 5 6.49 -10.38 -19.02
C ASP A 5 5.89 -9.84 -20.32
N SER A 6 4.94 -8.91 -20.18
CA SER A 6 4.30 -8.33 -21.35
C SER A 6 3.83 -9.42 -22.30
N SER A 7 2.66 -9.98 -22.00
CA SER A 7 2.10 -11.04 -22.84
C SER A 7 0.65 -11.30 -22.47
N ILE A 8 0.35 -11.28 -21.17
CA ILE A 8 -1.01 -11.51 -20.71
C ILE A 8 -1.80 -10.22 -20.63
N SER A 9 -1.87 -9.50 -21.75
CA SER A 9 -2.61 -8.24 -21.80
C SER A 9 -2.39 -7.43 -20.53
N LYS A 10 -1.25 -7.64 -19.88
CA LYS A 10 -0.95 -6.92 -18.65
C LYS A 10 -0.85 -5.42 -18.94
N GLN A 11 0.11 -5.04 -19.76
CA GLN A 11 0.31 -3.64 -20.12
C GLN A 11 -0.76 -3.18 -21.09
N ALA A 12 -1.40 -4.13 -21.76
CA ALA A 12 -2.42 -3.81 -22.74
C ALA A 12 -3.68 -3.32 -22.04
N LEU A 13 -4.30 -4.22 -21.28
CA LEU A 13 -5.52 -3.89 -20.56
C LEU A 13 -5.25 -2.75 -19.57
N SER A 14 -3.97 -2.51 -19.32
CA SER A 14 -3.59 -1.45 -18.40
C SER A 14 -4.15 -0.10 -18.85
N GLU A 15 -3.80 0.32 -20.06
CA GLU A 15 -4.28 1.58 -20.59
C GLU A 15 -5.81 1.62 -20.61
N ILE A 16 -6.41 0.51 -20.98
CA ILE A 16 -7.87 0.42 -21.02
C ILE A 16 -8.47 0.49 -19.63
N GLU A 17 -8.12 -0.50 -18.80
CA GLU A 17 -8.63 -0.58 -17.43
C GLU A 17 -8.24 0.64 -16.61
N THR A 18 -7.21 1.36 -17.02
CA THR A 18 -6.77 2.53 -16.28
C THR A 18 -7.79 3.66 -16.39
N ARG A 19 -8.04 4.09 -17.60
CA ARG A 19 -9.00 5.16 -17.83
C ARG A 19 -10.39 4.75 -17.33
N HIS A 20 -10.63 3.45 -17.28
CA HIS A 20 -11.91 2.93 -16.82
C HIS A 20 -11.87 2.68 -15.31
N SER A 21 -10.67 2.56 -14.76
CA SER A 21 -10.51 2.31 -13.33
C SER A 21 -10.69 3.61 -12.55
N GLU A 22 -10.46 4.74 -13.21
CA GLU A 22 -10.59 6.03 -12.55
C GLU A 22 -12.04 6.27 -12.13
N ILE A 23 -12.93 6.37 -13.12
CA ILE A 23 -14.34 6.59 -12.85
C ILE A 23 -14.92 5.46 -12.00
N ILE A 24 -14.62 4.23 -12.40
CA ILE A 24 -15.12 3.07 -11.68
C ILE A 24 -14.70 3.11 -10.21
N LYS A 25 -13.42 3.37 -9.99
CA LYS A 25 -12.89 3.43 -8.64
C LYS A 25 -13.64 4.45 -7.80
N LEU A 26 -13.67 5.69 -8.27
CA LEU A 26 -14.37 6.75 -7.55
C LEU A 26 -15.81 6.35 -7.26
N GLU A 27 -16.50 5.89 -8.29
CA GLU A 27 -17.89 5.47 -8.15
C GLU A 27 -18.03 4.40 -7.08
N ASN A 28 -17.31 3.29 -7.24
CA ASN A 28 -17.37 2.20 -6.28
C ASN A 28 -16.97 2.68 -4.89
N SER A 29 -16.17 3.74 -4.83
CA SER A 29 -15.73 4.28 -3.56
C SER A 29 -16.90 4.91 -2.81
N ILE A 30 -17.84 5.48 -3.56
CA ILE A 30 -19.01 6.13 -2.95
C ILE A 30 -19.94 5.08 -2.36
N ARG A 31 -20.09 3.95 -3.05
CA ARG A 31 -20.97 2.89 -2.58
C ARG A 31 -20.28 2.05 -1.53
N GLU A 32 -18.95 2.07 -1.53
CA GLU A 32 -18.17 1.31 -0.57
C GLU A 32 -18.03 2.08 0.74
N LEU A 33 -17.34 3.23 0.65
CA LEU A 33 -17.13 4.06 1.84
C LEU A 33 -18.44 4.37 2.53
N HIS A 34 -19.48 4.59 1.73
CA HIS A 34 -20.80 4.89 2.29
C HIS A 34 -21.22 3.82 3.28
N ASP A 35 -21.29 2.58 2.80
CA ASP A 35 -21.69 1.47 3.66
C ASP A 35 -20.65 1.26 4.76
N MET A 36 -19.41 1.01 4.35
CA MET A 36 -18.33 0.77 5.31
C MET A 36 -18.39 1.76 6.46
N PHE A 37 -18.77 3.00 6.16
CA PHE A 37 -18.87 4.03 7.18
C PHE A 37 -19.48 3.44 8.45
N MET A 38 -20.54 2.67 8.29
CA MET A 38 -21.22 2.06 9.42
C MET A 38 -20.43 0.84 9.91
N ASP A 39 -19.65 0.23 9.02
CA ASP A 39 -18.87 -0.94 9.40
C ASP A 39 -17.75 -0.56 10.35
N MET A 40 -16.90 0.36 9.92
CA MET A 40 -15.79 0.82 10.75
C MET A 40 -16.31 1.43 12.04
N ALA A 41 -17.56 1.86 12.01
CA ALA A 41 -18.18 2.45 13.18
C ALA A 41 -18.30 1.41 14.29
N MET A 42 -18.34 0.15 13.88
CA MET A 42 -18.47 -0.96 14.82
C MET A 42 -17.19 -1.14 15.64
N LEU A 43 -16.10 -1.45 14.97
CA LEU A 43 -14.83 -1.68 15.65
C LEU A 43 -14.28 -0.39 16.23
N VAL A 44 -14.75 0.74 15.73
CA VAL A 44 -14.30 2.05 16.21
C VAL A 44 -14.78 2.29 17.64
N GLU A 45 -16.05 1.98 17.90
CA GLU A 45 -16.63 2.19 19.22
C GLU A 45 -16.27 1.08 20.19
N SER A 46 -16.73 -0.12 19.88
CA SER A 46 -16.49 -1.28 20.74
C SER A 46 -15.05 -1.78 20.62
N GLN A 47 -14.71 -2.37 19.48
CA GLN A 47 -13.36 -2.89 19.29
C GLN A 47 -12.36 -1.75 19.11
N GLY A 48 -12.77 -0.54 19.45
CA GLY A 48 -11.89 0.61 19.32
C GLY A 48 -10.66 0.41 20.19
N GLU A 49 -10.86 -0.27 21.31
CA GLU A 49 -9.76 -0.53 22.23
C GLU A 49 -8.67 -1.33 21.53
N MET A 50 -9.07 -2.15 20.56
CA MET A 50 -8.11 -2.96 19.82
C MET A 50 -7.52 -2.19 18.65
N ILE A 51 -8.40 -1.63 17.83
CA ILE A 51 -7.96 -0.87 16.67
C ILE A 51 -6.85 0.10 17.04
N ASP A 52 -6.78 0.43 18.33
CA ASP A 52 -5.76 1.36 18.81
C ASP A 52 -4.40 0.68 18.77
N ARG A 53 -4.32 -0.50 19.34
CA ARG A 53 -3.07 -1.24 19.38
C ARG A 53 -2.36 -1.16 18.03
N ILE A 54 -3.13 -1.09 16.95
CA ILE A 54 -2.56 -1.01 15.62
C ILE A 54 -1.86 0.32 15.44
N GLU A 55 -2.42 1.36 16.04
CA GLU A 55 -1.83 2.68 15.94
C GLU A 55 -0.42 2.67 16.53
N TYR A 56 -0.35 2.42 17.84
CA TYR A 56 0.92 2.38 18.54
C TYR A 56 1.93 1.53 17.77
N ASN A 57 1.44 0.66 16.89
CA ASN A 57 2.32 -0.18 16.09
C ASN A 57 3.32 0.67 15.32
N VAL A 58 2.96 1.93 15.10
CA VAL A 58 3.83 2.85 14.37
C VAL A 58 5.17 2.99 15.09
N GLU A 59 5.12 3.35 16.37
CA GLU A 59 6.34 3.53 17.15
C GLU A 59 7.37 2.47 16.81
N HIS A 60 6.96 1.22 16.75
CA HIS A 60 7.87 0.14 16.41
C HIS A 60 8.43 0.32 15.01
N ALA A 61 7.54 0.28 14.02
CA ALA A 61 7.93 0.42 12.62
C ALA A 61 8.76 1.68 12.39
N VAL A 62 8.71 2.62 13.32
CA VAL A 62 9.47 3.86 13.19
C VAL A 62 10.92 3.63 13.58
N ASP A 63 11.14 3.16 14.80
CA ASP A 63 12.49 2.91 15.29
C ASP A 63 13.11 1.74 14.54
N TYR A 64 12.32 0.71 14.29
CA TYR A 64 12.79 -0.46 13.57
C TYR A 64 13.20 -0.09 12.15
N VAL A 65 12.66 1.01 11.65
CA VAL A 65 12.98 1.48 10.31
C VAL A 65 14.25 2.32 10.33
N GLU A 66 14.29 3.29 11.24
CA GLU A 66 15.46 4.17 11.34
C GLU A 66 16.75 3.40 11.13
N ARG A 67 16.97 2.40 11.98
CA ARG A 67 18.19 1.59 11.89
C ARG A 67 18.48 1.24 10.44
N ALA A 68 17.43 1.08 9.65
CA ALA A 68 17.58 0.76 8.23
C ALA A 68 17.81 2.01 7.41
N VAL A 69 17.29 3.14 7.90
CA VAL A 69 17.46 4.41 7.19
C VAL A 69 18.91 4.88 7.28
N SER A 70 19.44 4.95 8.50
CA SER A 70 20.80 5.40 8.70
C SER A 70 21.76 4.62 7.80
N ASP A 71 21.28 3.49 7.28
CA ASP A 71 22.10 2.66 6.40
C ASP A 71 21.94 3.10 4.95
N THR A 72 20.79 3.69 4.64
CA THR A 72 20.52 4.15 3.29
C THR A 72 21.11 5.54 3.07
N LYS A 73 20.59 6.52 3.80
CA LYS A 73 21.06 7.90 3.67
C LYS A 73 22.57 7.98 3.96
N LYS A 74 23.01 7.27 4.99
CA LYS A 74 24.42 7.28 5.36
C LYS A 74 24.82 8.65 5.87
N ALA A 75 23.87 9.58 5.86
CA ALA A 75 24.11 10.95 6.32
C ALA A 75 24.70 11.80 5.20
N VAL A 76 25.32 12.91 5.57
CA VAL A 76 25.92 13.81 4.58
C VAL A 76 24.84 14.42 3.69
N LYS A 77 24.00 15.26 4.28
CA LYS A 77 22.93 15.91 3.53
C LYS A 77 22.37 17.08 4.32
N TYR A 78 21.58 16.77 5.35
CA TYR A 78 20.99 17.80 6.19
C TYR A 78 19.80 17.23 6.96
N GLN A 79 19.18 16.20 6.41
CA GLN A 79 18.04 15.55 7.04
C GLN A 79 16.81 16.45 6.93
N SER A 80 15.66 15.84 6.64
CA SER A 80 14.41 16.60 6.51
C SER A 80 13.24 15.65 6.36
N LYS A 81 12.21 16.10 5.64
CA LYS A 81 11.02 15.29 5.43
C LYS A 81 11.41 13.84 5.13
N ALA A 82 12.57 13.66 4.50
CA ALA A 82 13.05 12.34 4.17
C ALA A 82 12.90 11.40 5.37
N ARG A 83 12.75 11.98 6.55
CA ARG A 83 12.60 11.18 7.77
C ARG A 83 11.30 10.37 7.71
N ARG A 84 10.17 11.09 7.70
CA ARG A 84 8.86 10.44 7.65
C ARG A 84 8.59 9.88 6.26
N LYS A 85 9.29 10.43 5.27
CA LYS A 85 9.11 9.99 3.89
C LYS A 85 9.69 8.59 3.68
N LYS A 86 10.81 8.32 4.34
CA LYS A 86 11.47 7.02 4.21
C LYS A 86 10.50 5.89 4.50
N ILE A 87 9.64 6.09 5.50
CA ILE A 87 8.66 5.08 5.86
C ILE A 87 7.88 4.64 4.63
N MET A 88 7.60 5.61 3.76
CA MET A 88 6.84 5.34 2.54
C MET A 88 7.74 4.78 1.43
N ILE A 89 9.05 5.05 1.53
CA ILE A 89 9.98 4.59 0.50
C ILE A 89 10.49 3.16 0.77
N ILE A 90 11.01 2.91 1.96
CA ILE A 90 11.55 1.59 2.28
C ILE A 90 10.44 0.56 2.50
N ILE A 91 9.65 0.77 3.54
CA ILE A 91 8.57 -0.16 3.85
C ILE A 91 7.78 -0.52 2.59
N CYS A 92 7.87 0.33 1.58
CA CYS A 92 7.19 0.06 0.32
C CYS A 92 8.03 -0.88 -0.53
N CYS A 93 9.21 -0.42 -0.91
CA CYS A 93 10.13 -1.22 -1.73
C CYS A 93 10.20 -2.65 -1.22
N VAL A 94 10.12 -2.80 0.11
CA VAL A 94 10.17 -4.12 0.70
C VAL A 94 8.90 -4.90 0.37
N ILE A 95 7.81 -4.16 0.24
CA ILE A 95 6.52 -4.76 -0.08
C ILE A 95 6.42 -5.05 -1.57
N LEU A 96 6.65 -4.02 -2.38
CA LEU A 96 6.59 -4.16 -3.83
C LEU A 96 7.21 -5.49 -4.28
N GLY A 97 8.39 -5.78 -3.77
CA GLY A 97 9.08 -7.02 -4.12
C GLY A 97 8.28 -8.23 -3.68
N ILE A 98 7.48 -8.06 -2.62
CA ILE A 98 6.67 -9.16 -2.10
C ILE A 98 5.36 -9.29 -2.88
N ILE A 99 4.78 -8.17 -3.27
CA ILE A 99 3.52 -8.20 -4.01
C ILE A 99 3.59 -9.20 -5.14
N ILE A 100 4.65 -9.10 -5.94
CA ILE A 100 4.82 -10.01 -7.05
C ILE A 100 4.69 -11.45 -6.55
N ALA A 101 5.40 -11.76 -5.48
CA ALA A 101 5.35 -13.09 -4.89
C ALA A 101 3.93 -13.44 -4.46
N SER A 102 3.13 -12.42 -4.15
CA SER A 102 1.75 -12.64 -3.74
C SER A 102 0.93 -13.20 -4.90
N THR A 103 0.79 -12.40 -5.94
CA THR A 103 0.03 -12.82 -7.12
C THR A 103 0.44 -14.24 -7.51
N ILE A 104 1.72 -14.52 -7.35
CA ILE A 104 2.27 -15.83 -7.67
C ILE A 104 2.21 -16.76 -6.45
N GLY A 105 1.93 -16.16 -5.29
CA GLY A 105 1.83 -16.95 -4.06
C GLY A 105 0.53 -17.75 -4.05
N GLY A 106 -0.49 -17.21 -4.70
CA GLY A 106 -1.79 -17.88 -4.75
C GLY A 106 -2.60 -17.59 -3.49
N ILE A 107 -2.50 -16.36 -3.01
CA ILE A 107 -3.23 -15.96 -1.81
C ILE A 107 -4.68 -15.68 -2.14
N PHE A 108 -4.99 -15.63 -3.44
CA PHE A 108 -6.35 -15.37 -3.88
C PHE A 108 -7.22 -16.62 -3.73
N GLY A 109 -6.59 -17.72 -3.34
CA GLY A 109 -7.32 -18.97 -3.15
C GLY A 109 -6.43 -20.02 -2.50
N GLY A 1 -15.38 -14.97 -25.91
CA GLY A 1 -14.27 -15.78 -26.40
C GLY A 1 -13.43 -16.32 -25.24
N SER A 2 -13.38 -17.65 -25.13
CA SER A 2 -12.60 -18.29 -24.07
C SER A 2 -11.20 -17.70 -24.00
N HIS A 3 -10.55 -17.87 -22.86
CA HIS A 3 -9.20 -17.35 -22.69
C HIS A 3 -8.16 -18.38 -23.10
N MET A 4 -7.21 -17.95 -23.94
CA MET A 4 -6.17 -18.85 -24.42
C MET A 4 -5.02 -18.06 -25.03
N ASP A 5 -3.88 -18.71 -25.20
CA ASP A 5 -2.71 -18.05 -25.78
C ASP A 5 -2.57 -16.63 -25.22
N SER A 6 -1.78 -15.80 -25.90
CA SER A 6 -1.57 -14.43 -25.47
C SER A 6 -1.46 -14.34 -23.95
N SER A 7 -0.42 -14.95 -23.40
CA SER A 7 -0.21 -14.95 -21.96
C SER A 7 0.23 -13.58 -21.48
N ILE A 8 -0.51 -12.55 -21.89
CA ILE A 8 -0.20 -11.18 -21.48
C ILE A 8 -1.50 -10.40 -21.30
N SER A 9 -1.52 -9.16 -21.80
CA SER A 9 -2.69 -8.27 -21.68
C SER A 9 -2.53 -7.35 -20.47
N LYS A 10 -1.53 -7.65 -19.65
CA LYS A 10 -1.28 -6.84 -18.45
C LYS A 10 -0.98 -5.39 -18.85
N GLN A 11 0.12 -5.21 -19.58
CA GLN A 11 0.52 -3.88 -20.03
C GLN A 11 -0.44 -3.35 -21.08
N ALA A 12 -1.16 -4.27 -21.72
CA ALA A 12 -2.11 -3.88 -22.75
C ALA A 12 -3.38 -3.33 -22.11
N LEU A 13 -4.09 -4.19 -21.39
CA LEU A 13 -5.32 -3.79 -20.72
C LEU A 13 -5.04 -2.70 -19.70
N SER A 14 -3.76 -2.53 -19.38
CA SER A 14 -3.38 -1.53 -18.39
C SER A 14 -3.86 -0.15 -18.81
N GLU A 15 -3.45 0.29 -20.00
CA GLU A 15 -3.85 1.60 -20.50
C GLU A 15 -5.37 1.69 -20.61
N ILE A 16 -6.00 0.61 -21.03
CA ILE A 16 -7.45 0.57 -21.17
C ILE A 16 -8.14 0.62 -19.80
N GLU A 17 -7.87 -0.39 -19.00
CA GLU A 17 -8.46 -0.50 -17.67
C GLU A 17 -8.08 0.67 -16.77
N THR A 18 -7.01 1.37 -17.12
CA THR A 18 -6.57 2.50 -16.30
C THR A 18 -7.55 3.65 -16.42
N ARG A 19 -7.73 4.13 -17.64
CA ARG A 19 -8.65 5.24 -17.90
C ARG A 19 -10.06 4.85 -17.47
N HIS A 20 -10.35 3.56 -17.48
CA HIS A 20 -11.67 3.07 -17.10
C HIS A 20 -11.72 2.75 -15.61
N SER A 21 -10.55 2.53 -15.01
CA SER A 21 -10.49 2.22 -13.59
C SER A 21 -10.74 3.47 -12.75
N GLU A 22 -10.36 4.62 -13.28
CA GLU A 22 -10.55 5.87 -12.56
C GLU A 22 -11.99 6.04 -12.10
N ILE A 23 -12.91 6.09 -13.05
CA ILE A 23 -14.32 6.24 -12.74
C ILE A 23 -14.80 5.12 -11.83
N ILE A 24 -14.38 3.91 -12.14
CA ILE A 24 -14.77 2.74 -11.35
C ILE A 24 -14.39 2.95 -9.89
N LYS A 25 -13.14 3.33 -9.67
CA LYS A 25 -12.63 3.56 -8.33
C LYS A 25 -13.47 4.60 -7.60
N LEU A 26 -13.81 5.67 -8.31
CA LEU A 26 -14.61 6.74 -7.71
C LEU A 26 -15.99 6.22 -7.30
N GLU A 27 -16.72 5.68 -8.27
CA GLU A 27 -18.06 5.17 -8.02
C GLU A 27 -18.03 4.12 -6.90
N ASN A 28 -17.23 3.07 -7.11
CA ASN A 28 -17.13 2.01 -6.11
C ASN A 28 -16.71 2.56 -4.75
N SER A 29 -15.85 3.58 -4.77
CA SER A 29 -15.37 4.18 -3.53
C SER A 29 -16.52 4.87 -2.80
N ILE A 30 -17.39 5.54 -3.55
CA ILE A 30 -18.52 6.24 -2.96
C ILE A 30 -19.50 5.24 -2.34
N ARG A 31 -19.85 4.21 -3.10
CA ARG A 31 -20.79 3.20 -2.61
C ARG A 31 -20.15 2.38 -1.50
N GLU A 32 -18.83 2.37 -1.45
CA GLU A 32 -18.12 1.61 -0.44
C GLU A 32 -18.00 2.42 0.86
N LEU A 33 -17.34 3.56 0.77
CA LEU A 33 -17.15 4.42 1.94
C LEU A 33 -18.49 4.67 2.64
N HIS A 34 -19.54 4.89 1.83
CA HIS A 34 -20.86 5.15 2.39
C HIS A 34 -21.24 4.05 3.37
N ASP A 35 -21.29 2.82 2.88
CA ASP A 35 -21.65 1.68 3.72
C ASP A 35 -20.62 1.48 4.83
N MET A 36 -19.36 1.30 4.44
CA MET A 36 -18.29 1.08 5.41
C MET A 36 -18.40 2.05 6.57
N PHE A 37 -18.81 3.29 6.29
CA PHE A 37 -18.96 4.29 7.33
C PHE A 37 -19.62 3.66 8.56
N MET A 38 -20.67 2.88 8.32
CA MET A 38 -21.38 2.22 9.41
C MET A 38 -20.63 0.99 9.89
N ASP A 39 -19.78 0.42 9.02
CA ASP A 39 -19.02 -0.76 9.39
C ASP A 39 -17.90 -0.42 10.36
N MET A 40 -17.05 0.50 9.94
CA MET A 40 -15.92 0.92 10.77
C MET A 40 -16.42 1.48 12.09
N ALA A 41 -17.69 1.90 12.11
CA ALA A 41 -18.30 2.44 13.31
C ALA A 41 -18.37 1.36 14.39
N MET A 42 -18.41 0.11 13.95
CA MET A 42 -18.50 -1.02 14.87
C MET A 42 -17.21 -1.19 15.67
N LEU A 43 -16.12 -1.46 14.97
CA LEU A 43 -14.84 -1.66 15.62
C LEU A 43 -14.31 -0.37 16.26
N VAL A 44 -14.80 0.76 15.77
CA VAL A 44 -14.37 2.05 16.29
C VAL A 44 -14.86 2.28 17.71
N GLU A 45 -16.13 1.96 17.96
CA GLU A 45 -16.72 2.16 19.27
C GLU A 45 -16.39 1.03 20.23
N SER A 46 -16.86 -0.16 19.91
CA SER A 46 -16.65 -1.32 20.76
C SER A 46 -15.21 -1.85 20.67
N GLN A 47 -14.87 -2.44 19.53
CA GLN A 47 -13.53 -2.99 19.33
C GLN A 47 -12.51 -1.88 19.11
N GLY A 48 -12.88 -0.65 19.47
CA GLY A 48 -11.97 0.48 19.30
C GLY A 48 -10.76 0.33 20.22
N GLU A 49 -10.97 -0.31 21.36
CA GLU A 49 -9.90 -0.52 22.32
C GLU A 49 -8.83 -1.46 21.77
N MET A 50 -9.22 -2.32 20.84
CA MET A 50 -8.28 -3.28 20.27
C MET A 50 -7.48 -2.71 19.10
N ILE A 51 -8.20 -2.33 18.06
CA ILE A 51 -7.55 -1.79 16.87
C ILE A 51 -6.58 -0.65 17.21
N ASP A 52 -6.77 -0.04 18.37
CA ASP A 52 -5.89 1.05 18.78
C ASP A 52 -4.45 0.61 18.64
N ARG A 53 -4.15 -0.55 19.19
CA ARG A 53 -2.81 -1.10 19.15
C ARG A 53 -2.17 -0.94 17.76
N ILE A 54 -3.01 -0.80 16.74
CA ILE A 54 -2.50 -0.62 15.38
C ILE A 54 -1.75 0.69 15.28
N GLU A 55 -2.23 1.68 16.01
CA GLU A 55 -1.60 2.98 16.02
C GLU A 55 -0.17 2.87 16.53
N TYR A 56 -0.02 2.47 17.79
CA TYR A 56 1.29 2.33 18.40
C TYR A 56 2.23 1.57 17.47
N ASN A 57 1.68 0.80 16.55
CA ASN A 57 2.48 0.03 15.61
C ASN A 57 3.50 0.95 14.94
N VAL A 58 3.16 2.22 14.81
CA VAL A 58 4.05 3.19 14.18
C VAL A 58 5.37 3.26 14.93
N GLU A 59 5.29 3.51 16.24
CA GLU A 59 6.50 3.61 17.06
C GLU A 59 7.53 2.55 16.65
N HIS A 60 7.10 1.30 16.58
CA HIS A 60 8.00 0.23 16.19
C HIS A 60 8.52 0.43 14.78
N ALA A 61 7.61 0.42 13.81
CA ALA A 61 7.97 0.58 12.41
C ALA A 61 8.85 1.81 12.19
N VAL A 62 8.86 2.72 13.15
CA VAL A 62 9.68 3.92 13.03
C VAL A 62 11.12 3.63 13.44
N ASP A 63 11.29 2.88 14.52
CA ASP A 63 12.62 2.54 15.00
C ASP A 63 13.19 1.38 14.18
N TYR A 64 12.39 0.34 14.00
CA TYR A 64 12.82 -0.83 13.24
C TYR A 64 13.27 -0.41 11.84
N VAL A 65 12.75 0.73 11.38
CA VAL A 65 13.11 1.23 10.06
C VAL A 65 14.49 1.88 10.10
N GLU A 66 14.70 2.75 11.09
CA GLU A 66 15.98 3.43 11.22
C GLU A 66 17.14 2.48 10.94
N ARG A 67 16.92 1.19 11.21
CA ARG A 67 17.96 0.19 11.00
C ARG A 67 18.37 0.16 9.53
N ALA A 68 17.38 0.24 8.64
CA ALA A 68 17.65 0.22 7.21
C ALA A 68 18.12 1.59 6.72
N VAL A 69 17.46 2.64 7.22
CA VAL A 69 17.82 4.01 6.83
C VAL A 69 19.33 4.19 6.86
N SER A 70 19.93 3.91 8.00
CA SER A 70 21.38 4.06 8.14
C SER A 70 22.10 3.57 6.88
N ASP A 71 21.45 2.70 6.13
CA ASP A 71 22.04 2.16 4.91
C ASP A 71 22.00 3.21 3.79
N THR A 72 20.79 3.64 3.44
CA THR A 72 20.62 4.63 2.38
C THR A 72 21.15 5.99 2.82
N LYS A 73 21.09 6.25 4.12
CA LYS A 73 21.58 7.52 4.65
C LYS A 73 23.06 7.69 4.38
N LYS A 74 23.87 6.75 4.87
CA LYS A 74 25.31 6.81 4.67
C LYS A 74 25.88 8.13 5.18
N ALA A 75 25.00 8.94 5.78
CA ALA A 75 25.40 10.24 6.31
C ALA A 75 25.38 11.30 5.21
N VAL A 76 24.18 11.75 4.84
CA VAL A 76 24.04 12.75 3.80
C VAL A 76 22.80 13.61 4.05
N LYS A 77 22.93 14.58 4.94
CA LYS A 77 21.81 15.47 5.27
C LYS A 77 20.59 14.66 5.69
N TYR A 78 19.49 15.36 5.94
CA TYR A 78 18.26 14.70 6.37
C TYR A 78 17.09 15.69 6.38
N GLN A 79 17.42 16.96 6.24
CA GLN A 79 16.41 18.02 6.25
C GLN A 79 15.42 17.78 7.39
N SER A 80 14.22 17.33 7.03
CA SER A 80 13.18 17.07 8.02
C SER A 80 12.05 16.26 7.42
N LYS A 81 11.75 16.52 6.15
CA LYS A 81 10.69 15.81 5.46
C LYS A 81 11.11 14.37 5.16
N ALA A 82 12.29 14.22 4.56
CA ALA A 82 12.79 12.90 4.21
C ALA A 82 12.59 11.92 5.38
N ARG A 83 12.38 12.47 6.57
CA ARG A 83 12.18 11.63 7.75
C ARG A 83 10.87 10.85 7.63
N ARG A 84 9.76 11.57 7.58
CA ARG A 84 8.45 10.92 7.48
C ARG A 84 8.25 10.32 6.09
N LYS A 85 9.02 10.79 5.12
CA LYS A 85 8.91 10.29 3.75
C LYS A 85 9.61 8.93 3.62
N LYS A 86 10.62 8.71 4.45
CA LYS A 86 11.36 7.45 4.41
C LYS A 86 10.44 6.26 4.61
N ILE A 87 9.61 6.32 5.65
CA ILE A 87 8.69 5.23 5.95
C ILE A 87 7.87 4.88 4.71
N MET A 88 7.57 5.90 3.91
CA MET A 88 6.78 5.68 2.70
C MET A 88 7.67 5.15 1.56
N ILE A 89 8.95 5.42 1.66
CA ILE A 89 9.89 4.98 0.62
C ILE A 89 10.40 3.56 0.85
N ILE A 90 10.88 3.29 2.06
CA ILE A 90 11.42 1.97 2.38
C ILE A 90 10.31 0.94 2.55
N ILE A 91 9.46 1.13 3.56
CA ILE A 91 8.37 0.22 3.82
C ILE A 91 7.60 -0.07 2.54
N CYS A 92 7.77 0.80 1.55
CA CYS A 92 7.12 0.61 0.26
C CYS A 92 7.95 -0.33 -0.62
N CYS A 93 9.16 0.12 -0.94
CA CYS A 93 10.06 -0.65 -1.78
C CYS A 93 10.23 -2.08 -1.26
N VAL A 94 10.23 -2.24 0.06
CA VAL A 94 10.36 -3.57 0.64
C VAL A 94 9.12 -4.40 0.34
N ILE A 95 7.97 -3.74 0.36
CA ILE A 95 6.71 -4.42 0.09
C ILE A 95 6.64 -4.82 -1.39
N LEU A 96 7.00 -3.89 -2.27
CA LEU A 96 6.96 -4.18 -3.70
C LEU A 96 7.55 -5.55 -4.00
N GLY A 97 8.60 -5.90 -3.27
CA GLY A 97 9.25 -7.20 -3.46
C GLY A 97 8.31 -8.33 -3.02
N ILE A 98 7.45 -8.02 -2.06
CA ILE A 98 6.51 -9.01 -1.55
C ILE A 98 5.29 -9.14 -2.48
N ILE A 99 4.83 -8.01 -3.02
CA ILE A 99 3.68 -8.03 -3.91
C ILE A 99 3.83 -9.13 -4.95
N ILE A 100 4.99 -9.17 -5.59
CA ILE A 100 5.25 -10.17 -6.60
C ILE A 100 5.02 -11.56 -6.02
N ALA A 101 5.68 -11.85 -4.91
CA ALA A 101 5.53 -13.15 -4.26
C ALA A 101 4.07 -13.42 -3.90
N SER A 102 3.29 -12.38 -3.66
CA SER A 102 1.89 -12.53 -3.33
C SER A 102 1.12 -13.07 -4.53
N THR A 103 1.07 -12.28 -5.59
CA THR A 103 0.37 -12.67 -6.81
C THR A 103 0.74 -14.11 -7.17
N ILE A 104 2.01 -14.43 -6.96
CA ILE A 104 2.52 -15.77 -7.24
C ILE A 104 2.36 -16.68 -6.02
N GLY A 105 2.04 -16.06 -4.88
CA GLY A 105 1.83 -16.83 -3.66
C GLY A 105 0.53 -17.62 -3.75
N GLY A 106 -0.43 -17.07 -4.48
CA GLY A 106 -1.73 -17.72 -4.64
C GLY A 106 -2.70 -17.27 -3.55
N ILE A 107 -2.63 -16.00 -3.22
CA ILE A 107 -3.51 -15.44 -2.19
C ILE A 107 -4.92 -15.23 -2.74
N PHE A 108 -5.06 -15.33 -4.06
CA PHE A 108 -6.36 -15.13 -4.68
C PHE A 108 -7.24 -16.36 -4.48
N GLY A 109 -6.65 -17.45 -3.99
CA GLY A 109 -7.41 -18.67 -3.75
C GLY A 109 -8.59 -18.41 -2.83
N GLY A 1 15.52 -6.46 -21.23
CA GLY A 1 15.48 -7.91 -21.18
C GLY A 1 15.83 -8.42 -19.78
N SER A 2 14.94 -9.22 -19.20
CA SER A 2 15.16 -9.76 -17.87
C SER A 2 14.51 -11.13 -17.72
N HIS A 3 14.79 -11.80 -16.62
CA HIS A 3 14.22 -13.12 -16.37
C HIS A 3 12.80 -13.00 -15.83
N MET A 4 12.15 -11.88 -16.12
CA MET A 4 10.78 -11.65 -15.67
C MET A 4 9.80 -12.46 -16.51
N ASP A 5 8.67 -12.82 -15.91
CA ASP A 5 7.65 -13.58 -16.61
C ASP A 5 6.90 -12.70 -17.60
N SER A 6 6.47 -11.53 -17.14
CA SER A 6 5.74 -10.60 -17.98
C SER A 6 4.71 -11.34 -18.83
N SER A 7 3.58 -11.67 -18.22
CA SER A 7 2.52 -12.39 -18.92
C SER A 7 1.83 -11.48 -19.93
N ILE A 8 2.51 -10.39 -20.31
CA ILE A 8 1.96 -9.46 -21.28
C ILE A 8 0.61 -8.92 -20.82
N SER A 9 0.31 -7.69 -21.26
CA SER A 9 -0.94 -7.00 -20.90
C SER A 9 -0.71 -6.09 -19.70
N LYS A 10 0.38 -6.34 -18.97
CA LYS A 10 0.71 -5.53 -17.82
C LYS A 10 0.91 -4.08 -18.24
N GLN A 11 1.94 -3.85 -19.06
CA GLN A 11 2.24 -2.51 -19.55
C GLN A 11 1.15 -2.02 -20.50
N ALA A 12 0.40 -2.97 -21.05
CA ALA A 12 -0.66 -2.62 -21.98
C ALA A 12 -1.89 -2.15 -21.21
N LEU A 13 -2.47 -3.07 -20.43
CA LEU A 13 -3.64 -2.75 -19.64
C LEU A 13 -3.30 -1.66 -18.63
N SER A 14 -2.00 -1.43 -18.44
CA SER A 14 -1.55 -0.41 -17.49
C SER A 14 -2.13 0.95 -17.85
N GLU A 15 -1.85 1.41 -19.05
CA GLU A 15 -2.36 2.72 -19.50
C GLU A 15 -3.88 2.75 -19.46
N ILE A 16 -4.50 1.64 -19.84
CA ILE A 16 -5.97 1.55 -19.84
C ILE A 16 -6.50 1.60 -18.41
N GLU A 17 -6.10 0.62 -17.62
CA GLU A 17 -6.55 0.53 -16.23
C GLU A 17 -6.09 1.74 -15.43
N THR A 18 -5.13 2.47 -15.97
CA THR A 18 -4.62 3.65 -15.30
C THR A 18 -5.65 4.77 -15.34
N ARG A 19 -5.97 5.21 -16.55
CA ARG A 19 -6.93 6.30 -16.74
C ARG A 19 -8.28 5.93 -16.12
N HIS A 20 -8.53 4.63 -15.99
CA HIS A 20 -9.77 4.16 -15.41
C HIS A 20 -9.62 4.00 -13.90
N SER A 21 -8.44 3.55 -13.48
CA SER A 21 -8.15 3.36 -12.07
C SER A 21 -8.53 4.61 -11.28
N GLU A 22 -8.71 5.71 -11.99
CA GLU A 22 -9.06 6.98 -11.35
C GLU A 22 -10.57 7.10 -11.16
N ILE A 23 -11.30 7.11 -12.27
CA ILE A 23 -12.76 7.25 -12.21
C ILE A 23 -13.38 6.19 -11.31
N ILE A 24 -12.99 4.94 -11.52
CA ILE A 24 -13.53 3.85 -10.72
C ILE A 24 -13.18 4.03 -9.25
N LYS A 25 -12.12 4.79 -8.99
CA LYS A 25 -11.69 5.03 -7.62
C LYS A 25 -12.81 5.68 -6.81
N LEU A 26 -13.25 6.86 -7.25
CA LEU A 26 -14.30 7.57 -6.54
C LEU A 26 -15.57 6.72 -6.46
N GLU A 27 -15.90 6.03 -7.54
CA GLU A 27 -17.08 5.19 -7.58
C GLU A 27 -16.98 4.07 -6.53
N ASN A 28 -15.90 3.30 -6.60
CA ASN A 28 -15.70 2.21 -5.65
C ASN A 28 -15.56 2.72 -4.23
N SER A 29 -15.11 3.96 -4.09
CA SER A 29 -14.93 4.55 -2.76
C SER A 29 -16.27 5.01 -2.19
N ILE A 30 -17.17 5.46 -3.06
CA ILE A 30 -18.47 5.94 -2.62
C ILE A 30 -19.32 4.79 -2.07
N ARG A 31 -19.24 3.63 -2.72
CA ARG A 31 -20.01 2.47 -2.29
C ARG A 31 -19.33 1.76 -1.14
N GLU A 32 -18.01 1.85 -1.10
CA GLU A 32 -17.23 1.19 -0.05
C GLU A 32 -17.30 2.00 1.24
N LEU A 33 -16.84 3.25 1.17
CA LEU A 33 -16.84 4.12 2.35
C LEU A 33 -18.25 4.28 2.90
N HIS A 34 -19.23 4.37 2.01
CA HIS A 34 -20.61 4.52 2.43
C HIS A 34 -20.99 3.45 3.44
N ASP A 35 -20.87 2.19 3.02
CA ASP A 35 -21.20 1.07 3.90
C ASP A 35 -20.22 1.00 5.06
N MET A 36 -18.93 0.89 4.75
CA MET A 36 -17.90 0.79 5.79
C MET A 36 -18.15 1.80 6.90
N PHE A 37 -18.83 2.88 6.58
CA PHE A 37 -19.11 3.90 7.58
C PHE A 37 -19.75 3.25 8.81
N MET A 38 -20.77 2.43 8.57
CA MET A 38 -21.47 1.76 9.67
C MET A 38 -20.71 0.52 10.12
N ASP A 39 -19.87 -0.05 9.25
CA ASP A 39 -19.11 -1.24 9.60
C ASP A 39 -18.00 -0.90 10.58
N MET A 40 -17.16 0.05 10.20
CA MET A 40 -16.05 0.47 11.03
C MET A 40 -16.56 1.10 12.33
N ALA A 41 -17.80 1.56 12.28
CA ALA A 41 -18.42 2.17 13.45
C ALA A 41 -18.55 1.15 14.57
N MET A 42 -18.59 -0.12 14.18
CA MET A 42 -18.73 -1.21 15.13
C MET A 42 -17.46 -1.39 15.97
N LEU A 43 -16.35 -1.71 15.30
CA LEU A 43 -15.10 -1.93 16.00
C LEU A 43 -14.53 -0.62 16.56
N VAL A 44 -14.99 0.50 16.02
CA VAL A 44 -14.50 1.80 16.47
C VAL A 44 -14.94 2.09 17.90
N GLU A 45 -16.20 1.81 18.20
CA GLU A 45 -16.73 2.06 19.54
C GLU A 45 -16.40 0.94 20.52
N SER A 46 -16.73 -0.28 20.13
CA SER A 46 -16.49 -1.44 20.98
C SER A 46 -15.03 -1.89 20.94
N GLN A 47 -14.62 -2.44 19.81
CA GLN A 47 -13.25 -2.91 19.66
C GLN A 47 -12.28 -1.77 19.38
N GLY A 48 -12.72 -0.55 19.65
CA GLY A 48 -11.87 0.61 19.43
C GLY A 48 -10.58 0.47 20.20
N GLU A 49 -10.68 -0.19 21.35
CA GLU A 49 -9.52 -0.40 22.20
C GLU A 49 -8.44 -1.17 21.44
N MET A 50 -8.86 -1.96 20.46
CA MET A 50 -7.92 -2.75 19.67
C MET A 50 -7.38 -1.93 18.50
N ILE A 51 -8.29 -1.33 17.75
CA ILE A 51 -7.90 -0.52 16.61
C ILE A 51 -6.76 0.43 16.98
N ASP A 52 -6.64 0.74 18.27
CA ASP A 52 -5.58 1.63 18.72
C ASP A 52 -4.24 0.92 18.63
N ARG A 53 -4.17 -0.27 19.18
CA ARG A 53 -2.95 -1.06 19.18
C ARG A 53 -2.29 -0.99 17.80
N ILE A 54 -3.11 -0.94 16.75
CA ILE A 54 -2.58 -0.87 15.40
C ILE A 54 -1.86 0.45 15.19
N GLU A 55 -2.37 1.49 15.82
CA GLU A 55 -1.78 2.80 15.70
C GLU A 55 -0.34 2.78 16.25
N TYR A 56 -0.22 2.53 17.54
CA TYR A 56 1.09 2.48 18.18
C TYR A 56 2.07 1.66 17.34
N ASN A 57 1.54 0.79 16.49
CA ASN A 57 2.37 -0.05 15.64
C ASN A 57 3.35 0.81 14.84
N VAL A 58 3.00 2.07 14.65
CA VAL A 58 3.85 2.99 13.89
C VAL A 58 5.21 3.11 14.55
N GLU A 59 5.22 3.45 15.84
CA GLU A 59 6.47 3.61 16.57
C GLU A 59 7.49 2.55 16.16
N HIS A 60 7.07 1.30 16.12
CA HIS A 60 7.97 0.21 15.73
C HIS A 60 8.43 0.39 14.29
N ALA A 61 7.48 0.36 13.35
CA ALA A 61 7.79 0.50 11.95
C ALA A 61 8.62 1.76 11.66
N VAL A 62 8.63 2.70 12.60
CA VAL A 62 9.38 3.93 12.43
C VAL A 62 10.86 3.70 12.75
N ASP A 63 11.12 3.17 13.93
CA ASP A 63 12.50 2.90 14.34
C ASP A 63 13.07 1.73 13.55
N TYR A 64 12.23 0.73 13.30
CA TYR A 64 12.66 -0.45 12.54
C TYR A 64 13.00 -0.06 11.12
N VAL A 65 12.43 1.04 10.65
CA VAL A 65 12.69 1.52 9.29
C VAL A 65 14.00 2.28 9.22
N GLU A 66 14.18 3.23 10.14
CA GLU A 66 15.39 4.04 10.18
C GLU A 66 16.62 3.18 9.89
N ARG A 67 16.78 2.11 10.64
CA ARG A 67 17.92 1.22 10.45
C ARG A 67 18.15 0.97 8.97
N ALA A 68 17.07 0.91 8.20
CA ALA A 68 17.17 0.68 6.77
C ALA A 68 17.47 1.99 6.04
N VAL A 69 16.96 3.09 6.58
CA VAL A 69 17.18 4.40 5.97
C VAL A 69 18.67 4.73 5.97
N SER A 70 19.29 4.68 7.14
CA SER A 70 20.72 4.98 7.25
C SER A 70 21.49 4.35 6.09
N ASP A 71 20.89 3.33 5.47
CA ASP A 71 21.53 2.65 4.36
C ASP A 71 21.45 3.50 3.10
N THR A 72 20.24 3.88 2.72
CA THR A 72 20.04 4.71 1.52
C THR A 72 20.50 6.13 1.78
N LYS A 73 20.30 6.62 3.00
CA LYS A 73 20.70 7.97 3.35
C LYS A 73 22.13 8.25 2.90
N LYS A 74 23.03 7.33 3.21
CA LYS A 74 24.43 7.47 2.83
C LYS A 74 25.05 8.70 3.50
N ALA A 75 24.22 9.43 4.25
CA ALA A 75 24.69 10.62 4.93
C ALA A 75 23.64 11.13 5.91
N VAL A 76 24.09 11.84 6.94
CA VAL A 76 23.17 12.38 7.94
C VAL A 76 22.35 13.52 7.37
N LYS A 77 22.55 13.78 6.07
CA LYS A 77 21.82 14.85 5.40
C LYS A 77 20.38 14.43 5.13
N TYR A 78 19.43 15.21 5.64
CA TYR A 78 18.02 14.91 5.44
C TYR A 78 17.24 16.19 5.11
N GLN A 79 15.99 16.24 5.54
CA GLN A 79 15.15 17.40 5.27
C GLN A 79 13.97 17.45 6.23
N SER A 80 12.78 17.12 5.72
CA SER A 80 11.58 17.14 6.55
C SER A 80 10.50 16.26 5.93
N LYS A 81 9.97 16.67 4.79
CA LYS A 81 8.92 15.91 4.11
C LYS A 81 9.43 14.55 3.69
N ALA A 82 10.53 14.54 2.94
CA ALA A 82 11.10 13.28 2.46
C ALA A 82 11.13 12.23 3.57
N ARG A 83 11.02 12.68 4.82
CA ARG A 83 11.03 11.76 5.96
C ARG A 83 9.77 10.90 5.97
N ARG A 84 8.61 11.55 6.08
CA ARG A 84 7.35 10.83 6.11
C ARG A 84 7.12 10.06 4.81
N LYS A 85 7.82 10.46 3.76
CA LYS A 85 7.68 9.80 2.46
C LYS A 85 8.52 8.53 2.39
N LYS A 86 9.58 8.45 3.19
CA LYS A 86 10.45 7.27 3.18
C LYS A 86 9.64 6.02 3.51
N ILE A 87 9.05 5.99 4.70
CA ILE A 87 8.26 4.85 5.12
C ILE A 87 7.33 4.43 4.01
N MET A 88 6.90 5.39 3.21
CA MET A 88 6.00 5.11 2.11
C MET A 88 6.74 4.51 0.92
N ILE A 89 8.00 4.89 0.76
CA ILE A 89 8.80 4.39 -0.36
C ILE A 89 9.48 3.05 -0.03
N ILE A 90 10.09 2.96 1.15
CA ILE A 90 10.78 1.73 1.53
C ILE A 90 9.82 0.61 1.87
N ILE A 91 9.05 0.79 2.94
CA ILE A 91 8.10 -0.24 3.37
C ILE A 91 7.35 -0.80 2.16
N CYS A 92 7.21 0.00 1.11
CA CYS A 92 6.53 -0.46 -0.08
C CYS A 92 7.46 -1.32 -0.93
N CYS A 93 8.63 -0.76 -1.23
CA CYS A 93 9.60 -1.48 -2.04
C CYS A 93 9.70 -2.94 -1.57
N VAL A 94 9.68 -3.12 -0.25
CA VAL A 94 9.77 -4.45 0.33
C VAL A 94 8.54 -5.28 -0.04
N ILE A 95 7.37 -4.65 -0.02
CA ILE A 95 6.13 -5.35 -0.34
C ILE A 95 6.17 -5.89 -1.77
N LEU A 96 6.77 -5.13 -2.68
CA LEU A 96 6.86 -5.57 -4.08
C LEU A 96 7.30 -7.02 -4.15
N GLY A 97 8.19 -7.40 -3.25
CA GLY A 97 8.68 -8.78 -3.21
C GLY A 97 7.59 -9.72 -2.73
N ILE A 98 6.67 -9.18 -1.93
CA ILE A 98 5.58 -9.98 -1.39
C ILE A 98 4.49 -10.18 -2.43
N ILE A 99 4.12 -9.12 -3.15
CA ILE A 99 3.08 -9.22 -4.16
C ILE A 99 3.28 -10.46 -5.01
N ILE A 100 4.50 -10.64 -5.49
CA ILE A 100 4.82 -11.80 -6.31
C ILE A 100 4.48 -13.09 -5.55
N ALA A 101 5.08 -13.24 -4.37
CA ALA A 101 4.83 -14.43 -3.56
C ALA A 101 3.34 -14.64 -3.29
N SER A 102 2.59 -13.55 -3.22
CA SER A 102 1.15 -13.64 -2.98
C SER A 102 0.46 -14.27 -4.18
N THR A 103 0.53 -13.58 -5.32
CA THR A 103 -0.09 -14.06 -6.54
C THR A 103 0.23 -15.54 -6.73
N ILE A 104 1.46 -15.90 -6.39
CA ILE A 104 1.92 -17.28 -6.50
C ILE A 104 1.62 -18.04 -5.21
N GLY A 105 1.29 -17.30 -4.17
CA GLY A 105 0.99 -17.92 -2.88
C GLY A 105 -0.40 -18.56 -2.91
N GLY A 106 -1.28 -17.99 -3.72
CA GLY A 106 -2.64 -18.51 -3.84
C GLY A 106 -3.50 -18.06 -2.68
N ILE A 107 -3.37 -16.78 -2.32
CA ILE A 107 -4.13 -16.22 -1.22
C ILE A 107 -5.59 -15.98 -1.62
N PHE A 108 -5.86 -16.06 -2.93
CA PHE A 108 -7.21 -15.84 -3.42
C PHE A 108 -8.08 -17.06 -3.16
N GLY A 109 -7.46 -18.14 -2.71
CA GLY A 109 -8.19 -19.37 -2.42
C GLY A 109 -7.39 -20.28 -1.49
N GLY A 1 13.53 -9.44 -16.11
CA GLY A 1 13.21 -9.40 -17.52
C GLY A 1 13.57 -10.71 -18.21
N SER A 2 12.94 -11.79 -17.77
CA SER A 2 13.21 -13.11 -18.35
C SER A 2 12.22 -13.40 -19.47
N HIS A 3 11.03 -12.82 -19.39
CA HIS A 3 10.00 -13.02 -20.40
C HIS A 3 10.38 -12.30 -21.70
N MET A 4 11.22 -11.28 -21.57
CA MET A 4 11.65 -10.51 -22.74
C MET A 4 10.46 -10.20 -23.65
N ASP A 5 10.76 -9.65 -24.82
CA ASP A 5 9.71 -9.31 -25.78
C ASP A 5 8.53 -8.64 -25.08
N SER A 6 7.44 -8.44 -25.81
CA SER A 6 6.27 -7.80 -25.23
C SER A 6 5.05 -8.01 -26.13
N SER A 7 5.26 -7.91 -27.45
CA SER A 7 4.19 -8.08 -28.42
C SER A 7 2.85 -7.62 -27.86
N ILE A 8 2.14 -8.54 -27.23
CA ILE A 8 0.84 -8.23 -26.66
C ILE A 8 0.98 -7.26 -25.48
N SER A 9 1.85 -7.63 -24.53
CA SER A 9 2.08 -6.80 -23.35
C SER A 9 0.79 -6.13 -22.90
N LYS A 10 -0.06 -6.88 -22.20
CA LYS A 10 -1.32 -6.35 -21.71
C LYS A 10 -1.08 -5.27 -20.66
N GLN A 11 -0.15 -5.53 -19.76
CA GLN A 11 0.16 -4.58 -18.70
C GLN A 11 0.27 -3.16 -19.28
N ALA A 12 1.25 -2.96 -20.15
CA ALA A 12 1.47 -1.66 -20.77
C ALA A 12 0.23 -1.20 -21.53
N LEU A 13 -0.54 -2.17 -22.03
CA LEU A 13 -1.75 -1.83 -22.77
C LEU A 13 -2.83 -1.32 -21.82
N SER A 14 -3.20 -2.15 -20.86
CA SER A 14 -4.21 -1.81 -19.88
C SER A 14 -3.77 -0.65 -18.98
N GLU A 15 -2.47 -0.43 -18.90
CA GLU A 15 -1.93 0.63 -18.05
C GLU A 15 -2.79 1.89 -18.14
N ILE A 16 -2.89 2.46 -19.33
CA ILE A 16 -3.67 3.68 -19.52
C ILE A 16 -5.12 3.49 -19.09
N GLU A 17 -5.58 2.25 -19.08
CA GLU A 17 -6.95 1.95 -18.69
C GLU A 17 -7.28 2.48 -17.30
N THR A 18 -6.32 3.13 -16.66
CA THR A 18 -6.54 3.69 -15.34
C THR A 18 -7.35 4.97 -15.43
N ARG A 19 -7.36 5.55 -16.62
CA ARG A 19 -8.09 6.79 -16.86
C ARG A 19 -9.59 6.53 -16.76
N HIS A 20 -9.98 5.28 -16.97
CA HIS A 20 -11.40 4.91 -16.89
C HIS A 20 -11.66 4.12 -15.62
N SER A 21 -10.85 3.10 -15.38
CA SER A 21 -11.01 2.27 -14.19
C SER A 21 -11.13 3.14 -12.94
N GLU A 22 -10.27 4.14 -12.84
CA GLU A 22 -10.29 5.04 -11.69
C GLU A 22 -11.68 5.63 -11.49
N ILE A 23 -12.33 6.00 -12.59
CA ILE A 23 -13.67 6.56 -12.52
C ILE A 23 -14.61 5.57 -11.85
N ILE A 24 -14.66 4.36 -12.40
CA ILE A 24 -15.53 3.32 -11.87
C ILE A 24 -15.18 3.03 -10.41
N LYS A 25 -13.88 3.04 -10.12
CA LYS A 25 -13.40 2.78 -8.77
C LYS A 25 -13.97 3.79 -7.78
N LEU A 26 -13.71 5.07 -8.05
CA LEU A 26 -14.20 6.13 -7.17
C LEU A 26 -15.68 5.94 -6.88
N GLU A 27 -16.45 5.62 -7.92
CA GLU A 27 -17.88 5.41 -7.77
C GLU A 27 -18.17 4.34 -6.72
N ASN A 28 -17.68 3.14 -6.96
CA ASN A 28 -17.91 2.02 -6.03
C ASN A 28 -17.33 2.35 -4.65
N SER A 29 -16.23 3.10 -4.64
CA SER A 29 -15.60 3.46 -3.38
C SER A 29 -16.53 4.31 -2.52
N ILE A 30 -17.47 4.98 -3.18
CA ILE A 30 -18.42 5.82 -2.46
C ILE A 30 -19.58 4.99 -1.93
N ARG A 31 -19.98 3.99 -2.70
CA ARG A 31 -21.09 3.13 -2.30
C ARG A 31 -20.63 2.11 -1.26
N GLU A 32 -19.35 1.78 -1.30
CA GLU A 32 -18.79 0.82 -0.36
C GLU A 32 -18.42 1.50 0.96
N LEU A 33 -17.46 2.42 0.89
CA LEU A 33 -17.02 3.13 2.07
C LEU A 33 -18.22 3.72 2.82
N HIS A 34 -19.25 4.11 2.07
CA HIS A 34 -20.44 4.67 2.67
C HIS A 34 -21.01 3.70 3.71
N ASP A 35 -21.32 2.49 3.26
CA ASP A 35 -21.87 1.49 4.16
C ASP A 35 -20.87 1.15 5.26
N MET A 36 -19.69 0.69 4.86
CA MET A 36 -18.65 0.32 5.82
C MET A 36 -18.53 1.37 6.91
N PHE A 37 -18.71 2.64 6.54
CA PHE A 37 -18.61 3.72 7.51
C PHE A 37 -19.30 3.31 8.81
N MET A 38 -20.45 2.67 8.68
CA MET A 38 -21.21 2.22 9.85
C MET A 38 -20.58 0.96 10.44
N ASP A 39 -19.95 0.15 9.59
CA ASP A 39 -19.32 -1.07 10.06
C ASP A 39 -18.12 -0.76 10.93
N MET A 40 -17.18 0.00 10.37
CA MET A 40 -15.98 0.39 11.11
C MET A 40 -16.36 1.08 12.41
N ALA A 41 -17.59 1.57 12.46
CA ALA A 41 -18.09 2.23 13.65
C ALA A 41 -18.18 1.25 14.81
N MET A 42 -18.26 -0.03 14.45
CA MET A 42 -18.37 -1.09 15.44
C MET A 42 -17.07 -1.25 16.24
N LEU A 43 -16.00 -1.61 15.54
CA LEU A 43 -14.71 -1.82 16.19
C LEU A 43 -14.11 -0.51 16.68
N VAL A 44 -14.54 0.60 16.09
CA VAL A 44 -14.03 1.91 16.47
C VAL A 44 -14.47 2.31 17.88
N GLU A 45 -15.75 2.14 18.17
CA GLU A 45 -16.30 2.49 19.48
C GLU A 45 -16.06 1.41 20.52
N SER A 46 -16.37 0.17 20.15
CA SER A 46 -16.21 -0.96 21.06
C SER A 46 -14.77 -1.45 21.11
N GLN A 47 -14.32 -2.08 20.03
CA GLN A 47 -12.98 -2.60 19.97
C GLN A 47 -11.97 -1.51 19.63
N GLY A 48 -12.37 -0.26 19.79
CA GLY A 48 -11.48 0.86 19.50
C GLY A 48 -10.16 0.64 20.20
N GLU A 49 -10.21 -0.12 21.30
CA GLU A 49 -9.01 -0.39 22.07
C GLU A 49 -7.91 -0.95 21.18
N MET A 50 -8.31 -1.56 20.07
CA MET A 50 -7.35 -2.13 19.14
C MET A 50 -6.85 -1.07 18.17
N ILE A 51 -7.75 -0.18 17.78
CA ILE A 51 -7.41 0.88 16.83
C ILE A 51 -6.07 1.51 17.20
N ASP A 52 -5.67 1.35 18.45
CA ASP A 52 -4.39 1.90 18.90
C ASP A 52 -3.25 0.94 18.56
N ARG A 53 -3.53 -0.34 18.71
CA ARG A 53 -2.54 -1.38 18.42
C ARG A 53 -1.88 -1.14 17.07
N ILE A 54 -2.71 -0.88 16.05
CA ILE A 54 -2.18 -0.64 14.71
C ILE A 54 -1.46 0.70 14.67
N GLU A 55 -1.92 1.63 15.48
CA GLU A 55 -1.31 2.95 15.54
C GLU A 55 0.15 2.84 15.96
N TYR A 56 0.37 2.40 17.20
CA TYR A 56 1.72 2.25 17.72
C TYR A 56 2.60 1.46 16.75
N ASN A 57 1.96 0.70 15.88
CA ASN A 57 2.70 -0.10 14.89
C ASN A 57 3.68 0.78 14.13
N VAL A 58 3.30 2.03 13.90
CA VAL A 58 4.15 2.96 13.18
C VAL A 58 5.52 3.08 13.84
N GLU A 59 5.52 3.44 15.12
CA GLU A 59 6.78 3.61 15.87
C GLU A 59 7.78 2.51 15.48
N HIS A 60 7.29 1.28 15.38
CA HIS A 60 8.17 0.16 15.03
C HIS A 60 8.75 0.35 13.62
N ALA A 61 7.86 0.39 12.62
CA ALA A 61 8.28 0.56 11.23
C ALA A 61 9.11 1.83 11.05
N VAL A 62 8.99 2.75 11.99
CA VAL A 62 9.73 4.00 11.90
C VAL A 62 11.15 3.82 12.43
N ASP A 63 11.26 3.40 13.69
CA ASP A 63 12.57 3.19 14.30
C ASP A 63 13.47 2.37 13.37
N TYR A 64 12.96 1.21 12.94
CA TYR A 64 13.73 0.35 12.06
C TYR A 64 14.14 1.11 10.80
N VAL A 65 13.16 1.52 10.01
CA VAL A 65 13.44 2.25 8.78
C VAL A 65 14.50 3.32 9.02
N GLU A 66 14.25 4.17 10.02
CA GLU A 66 15.20 5.24 10.34
C GLU A 66 16.63 4.72 10.30
N ARG A 67 16.89 3.66 11.06
CA ARG A 67 18.23 3.07 11.10
C ARG A 67 18.60 2.49 9.74
N ALA A 68 17.58 2.14 8.95
CA ALA A 68 17.81 1.56 7.63
C ALA A 68 18.06 2.67 6.61
N VAL A 69 17.59 3.88 6.91
CA VAL A 69 17.76 5.00 6.01
C VAL A 69 19.18 5.55 6.11
N SER A 70 19.61 5.83 7.33
CA SER A 70 20.96 6.36 7.56
C SER A 70 22.00 5.46 6.92
N ASP A 71 21.71 4.15 6.88
CA ASP A 71 22.64 3.19 6.30
C ASP A 71 22.87 3.50 4.82
N THR A 72 21.96 4.25 4.22
CA THR A 72 22.07 4.61 2.82
C THR A 72 22.99 5.82 2.64
N LYS A 73 22.55 6.97 3.15
CA LYS A 73 23.34 8.18 3.05
C LYS A 73 24.35 8.26 4.19
N LYS A 74 23.88 8.09 5.42
CA LYS A 74 24.75 8.14 6.60
C LYS A 74 25.15 9.58 6.90
N ALA A 75 24.84 10.48 5.98
CA ALA A 75 25.18 11.88 6.16
C ALA A 75 24.30 12.52 7.23
N VAL A 76 24.46 13.82 7.42
CA VAL A 76 23.66 14.54 8.42
C VAL A 76 22.20 14.15 8.31
N LYS A 77 21.51 14.76 7.36
CA LYS A 77 20.09 14.49 7.15
C LYS A 77 19.36 14.36 8.48
N TYR A 78 18.77 15.47 8.93
CA TYR A 78 18.04 15.47 10.19
C TYR A 78 16.75 16.27 10.06
N GLN A 79 15.63 15.63 10.36
CA GLN A 79 14.33 16.29 10.27
C GLN A 79 14.09 16.79 8.86
N SER A 80 13.52 15.94 8.02
CA SER A 80 13.24 16.31 6.64
C SER A 80 12.07 15.51 6.09
N LYS A 81 11.84 15.61 4.78
CA LYS A 81 10.75 14.88 4.15
C LYS A 81 11.16 13.44 3.85
N ALA A 82 12.30 13.29 3.18
CA ALA A 82 12.80 11.97 2.83
C ALA A 82 12.72 11.03 4.03
N ARG A 83 12.59 11.61 5.22
CA ARG A 83 12.50 10.81 6.43
C ARG A 83 11.18 10.06 6.49
N ARG A 84 10.08 10.81 6.48
CA ARG A 84 8.75 10.19 6.53
C ARG A 84 8.37 9.60 5.17
N LYS A 85 9.03 10.09 4.12
CA LYS A 85 8.76 9.61 2.78
C LYS A 85 9.44 8.26 2.54
N LYS A 86 10.56 8.04 3.22
CA LYS A 86 11.30 6.79 3.07
C LYS A 86 10.42 5.60 3.41
N ILE A 87 9.58 5.76 4.42
CA ILE A 87 8.69 4.69 4.84
C ILE A 87 7.80 4.25 3.68
N MET A 88 7.26 5.21 2.95
CA MET A 88 6.40 4.89 1.83
C MET A 88 7.20 4.40 0.63
N ILE A 89 8.48 4.75 0.61
CA ILE A 89 9.36 4.34 -0.49
C ILE A 89 9.84 2.91 -0.28
N ILE A 90 10.39 2.63 0.90
CA ILE A 90 10.89 1.30 1.21
C ILE A 90 9.75 0.32 1.40
N ILE A 91 8.92 0.56 2.42
CA ILE A 91 7.79 -0.32 2.70
C ILE A 91 7.11 -0.76 1.42
N CYS A 92 7.29 -0.01 0.33
CA CYS A 92 6.69 -0.36 -0.94
C CYS A 92 7.58 -1.38 -1.66
N CYS A 93 8.88 -1.12 -1.65
CA CYS A 93 9.84 -2.00 -2.30
C CYS A 93 9.79 -3.40 -1.70
N VAL A 94 9.56 -3.47 -0.40
CA VAL A 94 9.48 -4.77 0.28
C VAL A 94 8.16 -5.44 -0.05
N ILE A 95 7.15 -4.63 -0.36
CA ILE A 95 5.83 -5.14 -0.69
C ILE A 95 5.83 -5.76 -2.08
N LEU A 96 6.66 -5.21 -2.98
CA LEU A 96 6.72 -5.73 -4.34
C LEU A 96 7.02 -7.23 -4.32
N GLY A 97 7.73 -7.66 -3.30
CA GLY A 97 8.08 -9.08 -3.16
C GLY A 97 6.89 -9.89 -2.66
N ILE A 98 6.15 -9.33 -1.72
CA ILE A 98 4.99 -10.01 -1.15
C ILE A 98 3.89 -10.19 -2.19
N ILE A 99 3.59 -9.13 -2.96
CA ILE A 99 2.54 -9.22 -3.97
C ILE A 99 2.72 -10.48 -4.80
N ILE A 100 3.96 -10.72 -5.24
CA ILE A 100 4.26 -11.88 -6.05
C ILE A 100 3.83 -13.15 -5.31
N ALA A 101 4.38 -13.35 -4.12
CA ALA A 101 4.06 -14.52 -3.32
C ALA A 101 2.56 -14.64 -3.06
N SER A 102 1.88 -13.50 -3.02
CA SER A 102 0.43 -13.50 -2.80
C SER A 102 -0.29 -14.13 -3.99
N THR A 103 -0.17 -13.47 -5.13
CA THR A 103 -0.80 -13.96 -6.36
C THR A 103 -0.54 -15.45 -6.51
N ILE A 104 0.67 -15.85 -6.15
CA ILE A 104 1.07 -17.25 -6.23
C ILE A 104 0.74 -17.98 -4.93
N GLY A 105 0.39 -17.21 -3.90
CA GLY A 105 0.04 -17.80 -2.61
C GLY A 105 -1.33 -18.44 -2.69
N GLY A 106 -2.18 -17.89 -3.55
CA GLY A 106 -3.54 -18.41 -3.73
C GLY A 106 -4.47 -17.84 -2.66
N ILE A 107 -4.30 -16.56 -2.37
CA ILE A 107 -5.12 -15.90 -1.36
C ILE A 107 -6.50 -15.62 -1.92
N PHE A 108 -6.57 -15.31 -3.22
CA PHE A 108 -7.85 -15.01 -3.86
C PHE A 108 -8.63 -16.30 -4.12
N GLY A 109 -8.01 -17.43 -3.83
CA GLY A 109 -8.66 -18.72 -4.03
C GLY A 109 -8.15 -19.39 -5.30
N GLY A 1 13.18 -15.30 -22.38
CA GLY A 1 11.92 -15.71 -21.77
C GLY A 1 11.30 -14.57 -20.98
N SER A 2 11.10 -13.43 -21.64
CA SER A 2 10.52 -12.26 -20.98
C SER A 2 9.00 -12.25 -21.16
N HIS A 3 8.50 -11.19 -21.79
CA HIS A 3 7.07 -11.05 -22.02
C HIS A 3 6.59 -12.12 -23.01
N MET A 4 5.27 -12.21 -23.16
CA MET A 4 4.69 -13.20 -24.09
C MET A 4 4.86 -12.74 -25.53
N ASP A 5 5.09 -13.70 -26.42
CA ASP A 5 5.28 -13.40 -27.84
C ASP A 5 6.12 -12.13 -28.01
N SER A 6 5.62 -11.20 -28.83
CA SER A 6 6.35 -9.97 -29.06
C SER A 6 5.43 -8.91 -29.66
N SER A 7 4.12 -9.06 -29.44
CA SER A 7 3.16 -8.10 -29.97
C SER A 7 1.82 -8.25 -29.25
N ILE A 8 1.85 -8.17 -27.92
CA ILE A 8 0.63 -8.29 -27.13
C ILE A 8 0.74 -7.42 -25.88
N SER A 9 1.57 -7.83 -24.94
CA SER A 9 1.77 -7.09 -23.69
C SER A 9 0.48 -6.44 -23.24
N LYS A 10 -0.37 -7.20 -22.57
CA LYS A 10 -1.64 -6.69 -22.08
C LYS A 10 -1.42 -5.64 -21.00
N GLN A 11 -0.51 -5.94 -20.08
CA GLN A 11 -0.21 -5.02 -18.99
C GLN A 11 -0.07 -3.59 -19.52
N ALA A 12 0.92 -3.38 -20.37
CA ALA A 12 1.15 -2.06 -20.95
C ALA A 12 -0.07 -1.57 -21.73
N LEU A 13 -0.84 -2.51 -22.25
CA LEU A 13 -2.04 -2.16 -23.00
C LEU A 13 -3.12 -1.64 -22.05
N SER A 14 -3.52 -2.50 -21.11
CA SER A 14 -4.53 -2.15 -20.13
C SER A 14 -4.07 -1.01 -19.22
N GLU A 15 -2.76 -0.85 -19.10
CA GLU A 15 -2.21 0.18 -18.23
C GLU A 15 -3.00 1.48 -18.35
N ILE A 16 -3.03 2.05 -19.55
CA ILE A 16 -3.76 3.31 -19.76
C ILE A 16 -5.23 3.18 -19.36
N GLU A 17 -5.74 1.95 -19.33
CA GLU A 17 -7.14 1.73 -18.98
C GLU A 17 -7.45 2.24 -17.58
N THR A 18 -6.46 2.84 -16.93
CA THR A 18 -6.66 3.38 -15.59
C THR A 18 -7.43 4.69 -15.68
N ARG A 19 -7.43 5.29 -16.86
CA ARG A 19 -8.13 6.54 -17.08
C ARG A 19 -9.64 6.33 -16.98
N HIS A 20 -10.07 5.10 -17.20
CA HIS A 20 -11.48 4.76 -17.14
C HIS A 20 -11.80 3.96 -15.87
N SER A 21 -10.82 3.18 -15.43
CA SER A 21 -10.99 2.36 -14.24
C SER A 21 -11.18 3.24 -13.01
N GLU A 22 -10.43 4.34 -12.95
CA GLU A 22 -10.52 5.27 -11.82
C GLU A 22 -11.96 5.75 -11.64
N ILE A 23 -12.63 6.03 -12.76
CA ILE A 23 -14.00 6.50 -12.72
C ILE A 23 -14.89 5.47 -12.01
N ILE A 24 -14.92 4.26 -12.54
CA ILE A 24 -15.73 3.20 -11.97
C ILE A 24 -15.32 2.93 -10.53
N LYS A 25 -14.02 2.96 -10.28
CA LYS A 25 -13.50 2.72 -8.95
C LYS A 25 -14.06 3.74 -7.95
N LEU A 26 -13.84 5.02 -8.23
CA LEU A 26 -14.30 6.08 -7.35
C LEU A 26 -15.79 5.89 -7.03
N GLU A 27 -16.57 5.55 -8.05
CA GLU A 27 -18.00 5.35 -7.87
C GLU A 27 -18.27 4.28 -6.81
N ASN A 28 -17.79 3.08 -7.05
CA ASN A 28 -17.98 1.98 -6.12
C ASN A 28 -17.38 2.31 -4.76
N SER A 29 -16.29 3.08 -4.77
CA SER A 29 -15.63 3.47 -3.53
C SER A 29 -16.57 4.28 -2.64
N ILE A 30 -17.55 4.92 -3.25
CA ILE A 30 -18.51 5.71 -2.50
C ILE A 30 -19.63 4.83 -1.94
N ARG A 31 -19.95 3.76 -2.66
CA ARG A 31 -21.00 2.85 -2.22
C ARG A 31 -20.47 1.87 -1.20
N GLU A 32 -19.17 1.61 -1.26
CA GLU A 32 -18.54 0.70 -0.33
C GLU A 32 -18.16 1.40 0.96
N LEU A 33 -17.26 2.37 0.87
CA LEU A 33 -16.83 3.13 2.03
C LEU A 33 -18.03 3.66 2.80
N HIS A 34 -19.07 4.03 2.07
CA HIS A 34 -20.28 4.56 2.69
C HIS A 34 -20.80 3.57 3.74
N ASP A 35 -21.11 2.35 3.30
CA ASP A 35 -21.62 1.34 4.21
C ASP A 35 -20.58 1.03 5.29
N MET A 36 -19.39 0.61 4.87
CA MET A 36 -18.34 0.26 5.81
C MET A 36 -18.23 1.31 6.90
N PHE A 37 -18.41 2.57 6.54
CA PHE A 37 -18.34 3.65 7.52
C PHE A 37 -19.05 3.24 8.80
N MET A 38 -20.20 2.60 8.64
CA MET A 38 -20.99 2.15 9.78
C MET A 38 -20.37 0.89 10.40
N ASP A 39 -19.71 0.08 9.57
CA ASP A 39 -19.09 -1.14 10.05
C ASP A 39 -17.89 -0.82 10.95
N MET A 40 -16.96 -0.07 10.40
CA MET A 40 -15.77 0.31 11.15
C MET A 40 -16.16 1.04 12.42
N ALA A 41 -17.38 1.57 12.42
CA ALA A 41 -17.90 2.27 13.59
C ALA A 41 -18.06 1.29 14.75
N MET A 42 -18.19 0.03 14.41
CA MET A 42 -18.37 -1.03 15.39
C MET A 42 -17.11 -1.24 16.21
N LEU A 43 -16.04 -1.65 15.54
CA LEU A 43 -14.78 -1.90 16.23
C LEU A 43 -14.15 -0.61 16.75
N VAL A 44 -14.52 0.50 16.12
CA VAL A 44 -13.97 1.80 16.52
C VAL A 44 -14.50 2.21 17.90
N GLU A 45 -15.79 2.05 18.11
CA GLU A 45 -16.41 2.43 19.38
C GLU A 45 -16.25 1.34 20.43
N SER A 46 -16.57 0.11 20.05
CA SER A 46 -16.49 -1.02 20.97
C SER A 46 -15.06 -1.52 21.12
N GLN A 47 -14.54 -2.15 20.07
CA GLN A 47 -13.18 -2.68 20.10
C GLN A 47 -12.16 -1.60 19.81
N GLY A 48 -12.56 -0.34 19.93
CA GLY A 48 -11.66 0.77 19.69
C GLY A 48 -10.36 0.53 20.42
N GLU A 49 -10.48 -0.16 21.54
CA GLU A 49 -9.32 -0.47 22.36
C GLU A 49 -8.36 -1.42 21.63
N MET A 50 -8.91 -2.27 20.77
CA MET A 50 -8.10 -3.24 20.04
C MET A 50 -7.49 -2.64 18.78
N ILE A 51 -8.35 -2.17 17.89
CA ILE A 51 -7.89 -1.60 16.63
C ILE A 51 -6.95 -0.42 16.88
N ASP A 52 -7.07 0.20 18.05
CA ASP A 52 -6.20 1.33 18.37
C ASP A 52 -4.75 0.89 18.33
N ARG A 53 -4.47 -0.19 19.01
CA ARG A 53 -3.11 -0.74 19.07
C ARG A 53 -2.45 -0.71 17.70
N ILE A 54 -3.24 -0.64 16.64
CA ILE A 54 -2.69 -0.61 15.29
C ILE A 54 -1.89 0.66 15.08
N GLU A 55 -2.37 1.74 15.69
CA GLU A 55 -1.70 3.02 15.59
C GLU A 55 -0.28 2.92 16.14
N TYR A 56 -0.19 2.65 17.44
CA TYR A 56 1.11 2.52 18.08
C TYR A 56 2.05 1.63 17.27
N ASN A 57 1.47 0.79 16.42
CA ASN A 57 2.27 -0.10 15.59
C ASN A 57 3.27 0.69 14.76
N VAL A 58 2.90 1.94 14.45
CA VAL A 58 3.77 2.81 13.66
C VAL A 58 5.13 2.96 14.34
N GLU A 59 5.12 3.43 15.58
CA GLU A 59 6.35 3.65 16.33
C GLU A 59 7.35 2.52 16.05
N HIS A 60 6.88 1.28 16.04
CA HIS A 60 7.74 0.14 15.79
C HIS A 60 8.35 0.24 14.39
N ALA A 61 7.48 0.22 13.38
CA ALA A 61 7.92 0.30 11.98
C ALA A 61 8.76 1.54 11.74
N VAL A 62 8.67 2.51 12.65
CA VAL A 62 9.44 3.74 12.52
C VAL A 62 10.84 3.56 13.08
N ASP A 63 10.92 3.07 14.32
CA ASP A 63 12.21 2.85 14.96
C ASP A 63 13.11 2.00 14.07
N TYR A 64 12.67 0.78 13.79
CA TYR A 64 13.43 -0.13 12.95
C TYR A 64 13.94 0.60 11.71
N VAL A 65 13.00 1.04 10.87
CA VAL A 65 13.37 1.75 9.65
C VAL A 65 14.43 2.80 9.94
N GLU A 66 14.41 3.32 11.16
CA GLU A 66 15.39 4.33 11.56
C GLU A 66 16.79 3.75 11.60
N ARG A 67 16.98 2.72 12.43
CA ARG A 67 18.27 2.07 12.53
C ARG A 67 18.88 1.85 11.16
N ALA A 68 18.03 1.81 10.13
CA ALA A 68 18.48 1.62 8.77
C ALA A 68 18.94 2.94 8.16
N VAL A 69 18.25 4.01 8.52
CA VAL A 69 18.59 5.34 7.99
C VAL A 69 20.11 5.55 8.04
N SER A 70 20.66 5.50 9.25
CA SER A 70 22.09 5.69 9.44
C SER A 70 22.88 4.98 8.34
N ASP A 71 22.26 3.95 7.77
CA ASP A 71 22.91 3.19 6.71
C ASP A 71 22.64 3.81 5.34
N THR A 72 21.35 4.02 5.05
CA THR A 72 20.97 4.62 3.77
C THR A 72 21.52 6.03 3.65
N LYS A 73 21.04 6.93 4.51
CA LYS A 73 21.49 8.31 4.49
C LYS A 73 23.01 8.39 4.67
N LYS A 74 23.52 7.65 5.64
CA LYS A 74 24.95 7.62 5.91
C LYS A 74 25.42 8.99 6.41
N ALA A 75 24.50 9.95 6.41
CA ALA A 75 24.81 11.30 6.87
C ALA A 75 25.45 12.12 5.74
N VAL A 76 24.60 12.66 4.87
CA VAL A 76 25.09 13.46 3.75
C VAL A 76 23.92 14.07 2.99
N LYS A 77 23.19 14.96 3.65
CA LYS A 77 22.05 15.62 3.03
C LYS A 77 21.71 16.92 3.77
N TYR A 78 20.60 17.54 3.40
CA TYR A 78 20.18 18.79 4.03
C TYR A 78 18.66 18.84 4.15
N GLN A 79 18.01 17.71 3.90
CA GLN A 79 16.56 17.64 4.00
C GLN A 79 16.13 16.99 5.30
N SER A 80 14.87 16.61 5.39
CA SER A 80 14.33 15.98 6.59
C SER A 80 13.14 15.10 6.27
N LYS A 81 12.30 15.56 5.34
CA LYS A 81 11.12 14.81 4.94
C LYS A 81 11.47 13.35 4.72
N ALA A 82 12.63 13.10 4.12
CA ALA A 82 13.07 11.74 3.86
C ALA A 82 12.85 10.85 5.07
N ARG A 83 12.68 11.47 6.24
CA ARG A 83 12.47 10.72 7.47
C ARG A 83 11.10 10.04 7.45
N ARG A 84 10.05 10.86 7.37
CA ARG A 84 8.69 10.33 7.36
C ARG A 84 8.37 9.70 6.00
N LYS A 85 9.06 10.15 4.96
CA LYS A 85 8.83 9.63 3.63
C LYS A 85 9.37 8.20 3.50
N LYS A 86 10.47 7.93 4.19
CA LYS A 86 11.07 6.60 4.14
C LYS A 86 10.03 5.52 4.43
N ILE A 87 9.17 5.79 5.38
CA ILE A 87 8.12 4.84 5.75
C ILE A 87 7.35 4.40 4.50
N MET A 88 7.15 5.35 3.59
CA MET A 88 6.42 5.07 2.36
C MET A 88 7.33 4.44 1.30
N ILE A 89 8.63 4.65 1.43
CA ILE A 89 9.58 4.11 0.45
C ILE A 89 10.02 2.69 0.76
N ILE A 90 10.53 2.46 1.97
CA ILE A 90 11.00 1.12 2.36
C ILE A 90 9.84 0.15 2.55
N ILE A 91 9.00 0.42 3.54
CA ILE A 91 7.86 -0.43 3.83
C ILE A 91 7.08 -0.74 2.56
N CYS A 92 7.25 0.09 1.53
CA CYS A 92 6.58 -0.14 0.26
C CYS A 92 7.36 -1.15 -0.58
N CYS A 93 8.60 -0.79 -0.90
CA CYS A 93 9.46 -1.66 -1.69
C CYS A 93 9.51 -3.06 -1.10
N VAL A 94 9.43 -3.14 0.23
CA VAL A 94 9.44 -4.43 0.91
C VAL A 94 8.16 -5.19 0.60
N ILE A 95 7.07 -4.44 0.48
CA ILE A 95 5.78 -5.04 0.18
C ILE A 95 5.71 -5.46 -1.29
N LEU A 96 6.08 -4.53 -2.17
CA LEU A 96 6.06 -4.82 -3.60
C LEU A 96 6.59 -6.22 -3.88
N GLY A 97 7.68 -6.58 -3.18
CA GLY A 97 8.28 -7.89 -3.36
C GLY A 97 7.30 -8.99 -2.93
N ILE A 98 6.47 -8.67 -1.94
CA ILE A 98 5.50 -9.65 -1.44
C ILE A 98 4.29 -9.74 -2.37
N ILE A 99 3.92 -8.61 -2.97
CA ILE A 99 2.77 -8.59 -3.87
C ILE A 99 2.89 -9.71 -4.89
N ILE A 100 4.05 -9.79 -5.54
CA ILE A 100 4.27 -10.83 -6.53
C ILE A 100 3.94 -12.19 -5.93
N ALA A 101 4.47 -12.46 -4.75
CA ALA A 101 4.21 -13.71 -4.06
C ALA A 101 2.71 -13.90 -3.84
N SER A 102 1.99 -12.79 -3.80
CA SER A 102 0.54 -12.84 -3.60
C SER A 102 -0.14 -13.47 -4.82
N THR A 103 -0.01 -12.80 -5.96
CA THR A 103 -0.60 -13.29 -7.19
C THR A 103 -0.27 -14.77 -7.37
N ILE A 104 0.94 -15.14 -6.94
CA ILE A 104 1.39 -16.52 -7.04
C ILE A 104 1.00 -17.30 -5.79
N GLY A 105 0.58 -16.57 -4.75
CA GLY A 105 0.16 -17.20 -3.50
C GLY A 105 -1.16 -17.92 -3.69
N GLY A 106 -1.96 -17.45 -4.64
CA GLY A 106 -3.26 -18.05 -4.91
C GLY A 106 -4.37 -17.22 -4.29
N ILE A 107 -3.97 -16.13 -3.66
CA ILE A 107 -4.92 -15.24 -3.00
C ILE A 107 -5.73 -14.48 -4.04
N PHE A 108 -5.04 -13.80 -4.96
CA PHE A 108 -5.72 -13.04 -5.99
C PHE A 108 -6.24 -13.96 -7.09
N GLY A 109 -5.35 -14.82 -7.59
CA GLY A 109 -5.73 -15.76 -8.64
C GLY A 109 -6.17 -15.02 -9.90
N GLY A 1 7.78 -4.62 -36.18
CA GLY A 1 7.72 -6.06 -35.96
C GLY A 1 7.63 -6.37 -34.46
N SER A 2 8.63 -7.09 -33.96
CA SER A 2 8.65 -7.46 -32.55
C SER A 2 7.31 -8.02 -32.11
N HIS A 3 7.06 -8.01 -30.81
CA HIS A 3 5.80 -8.53 -30.28
C HIS A 3 5.58 -9.97 -30.74
N MET A 4 4.66 -10.66 -30.07
CA MET A 4 4.35 -12.04 -30.42
C MET A 4 3.04 -12.47 -29.79
N ASP A 5 2.34 -13.38 -30.44
CA ASP A 5 1.06 -13.90 -29.96
C ASP A 5 0.28 -12.82 -29.23
N SER A 6 -0.68 -12.23 -29.94
CA SER A 6 -1.52 -11.18 -29.37
C SER A 6 -0.71 -10.27 -28.45
N SER A 7 0.49 -9.91 -28.90
CA SER A 7 1.36 -9.03 -28.11
C SER A 7 1.23 -9.33 -26.62
N ILE A 8 2.01 -10.30 -26.14
CA ILE A 8 1.98 -10.66 -24.74
C ILE A 8 2.48 -9.51 -23.87
N SER A 9 1.55 -8.66 -23.43
CA SER A 9 1.91 -7.52 -22.59
C SER A 9 0.65 -6.83 -22.07
N LYS A 10 -0.14 -7.56 -21.29
CA LYS A 10 -1.36 -7.00 -20.73
C LYS A 10 -1.04 -5.86 -19.77
N GLN A 11 0.13 -5.93 -19.16
CA GLN A 11 0.55 -4.90 -18.22
C GLN A 11 0.66 -3.55 -18.93
N ALA A 12 1.59 -3.45 -19.86
CA ALA A 12 1.80 -2.21 -20.61
C ALA A 12 0.52 -1.79 -21.34
N LEU A 13 -0.21 -2.77 -21.83
CA LEU A 13 -1.46 -2.49 -22.54
C LEU A 13 -2.51 -1.99 -21.55
N SER A 14 -2.83 -2.85 -20.57
CA SER A 14 -3.83 -2.52 -19.56
C SER A 14 -3.41 -1.31 -18.73
N GLU A 15 -2.10 -1.07 -18.63
CA GLU A 15 -1.60 0.03 -17.83
C GLU A 15 -2.45 1.28 -18.02
N ILE A 16 -2.51 1.78 -19.25
CA ILE A 16 -3.29 2.98 -19.54
C ILE A 16 -4.74 2.82 -19.10
N GLU A 17 -5.21 1.59 -19.04
CA GLU A 17 -6.59 1.31 -18.64
C GLU A 17 -6.90 1.89 -17.27
N THR A 18 -5.92 2.55 -16.66
CA THR A 18 -6.14 3.14 -15.35
C THR A 18 -6.96 4.42 -15.47
N ARG A 19 -6.98 4.97 -16.68
CA ARG A 19 -7.74 6.19 -16.95
C ARG A 19 -9.23 5.93 -16.82
N HIS A 20 -9.62 4.67 -17.01
CA HIS A 20 -11.03 4.29 -16.91
C HIS A 20 -11.30 3.54 -15.62
N SER A 21 -10.48 2.54 -15.34
CA SER A 21 -10.63 1.75 -14.12
C SER A 21 -10.74 2.65 -12.90
N GLU A 22 -9.89 3.68 -12.85
CA GLU A 22 -9.89 4.61 -11.74
C GLU A 22 -11.30 5.15 -11.49
N ILE A 23 -12.01 5.45 -12.59
CA ILE A 23 -13.37 5.97 -12.48
C ILE A 23 -14.25 4.97 -11.74
N ILE A 24 -14.26 3.74 -12.26
CA ILE A 24 -15.06 2.68 -11.65
C ILE A 24 -14.66 2.46 -10.20
N LYS A 25 -13.35 2.52 -9.95
CA LYS A 25 -12.83 2.33 -8.61
C LYS A 25 -13.39 3.36 -7.64
N LEU A 26 -13.17 4.64 -7.95
CA LEU A 26 -13.66 5.72 -7.10
C LEU A 26 -15.15 5.55 -6.83
N GLU A 27 -15.90 5.24 -7.88
CA GLU A 27 -17.35 5.06 -7.76
C GLU A 27 -17.67 4.01 -6.70
N ASN A 28 -17.17 2.79 -6.92
CA ASN A 28 -17.41 1.70 -5.98
C ASN A 28 -16.87 2.05 -4.59
N SER A 29 -15.86 2.91 -4.55
CA SER A 29 -15.25 3.31 -3.29
C SER A 29 -16.22 4.15 -2.48
N ILE A 30 -17.16 4.80 -3.15
CA ILE A 30 -18.15 5.64 -2.47
C ILE A 30 -19.22 4.76 -1.82
N ARG A 31 -19.60 3.70 -2.52
CA ARG A 31 -20.63 2.79 -2.01
C ARG A 31 -20.03 1.82 -1.00
N GLU A 32 -18.73 1.63 -1.07
CA GLU A 32 -18.04 0.72 -0.17
C GLU A 32 -17.76 1.42 1.16
N LEU A 33 -16.90 2.43 1.13
CA LEU A 33 -16.55 3.17 2.35
C LEU A 33 -17.81 3.66 3.05
N HIS A 34 -18.84 3.97 2.27
CA HIS A 34 -20.09 4.45 2.83
C HIS A 34 -20.61 3.47 3.88
N ASP A 35 -20.82 2.22 3.47
CA ASP A 35 -21.32 1.20 4.38
C ASP A 35 -20.31 0.95 5.50
N MET A 36 -19.09 0.57 5.12
CA MET A 36 -18.05 0.29 6.11
C MET A 36 -18.01 1.36 7.18
N PHE A 37 -18.27 2.60 6.79
CA PHE A 37 -18.26 3.70 7.74
C PHE A 37 -18.94 3.28 9.05
N MET A 38 -20.07 2.59 8.90
CA MET A 38 -20.81 2.12 10.07
C MET A 38 -20.15 0.87 10.66
N ASP A 39 -19.43 0.13 9.82
CA ASP A 39 -18.75 -1.08 10.29
C ASP A 39 -17.58 -0.72 11.19
N MET A 40 -16.67 0.07 10.67
CA MET A 40 -15.49 0.49 11.42
C MET A 40 -15.92 1.20 12.70
N ALA A 41 -17.15 1.70 12.70
CA ALA A 41 -17.69 2.40 13.85
C ALA A 41 -17.82 1.43 15.03
N MET A 42 -17.93 0.15 14.70
CA MET A 42 -18.09 -0.89 15.71
C MET A 42 -16.82 -1.07 16.54
N LEU A 43 -15.74 -1.47 15.88
CA LEU A 43 -14.48 -1.70 16.57
C LEU A 43 -13.88 -0.38 17.06
N VAL A 44 -14.26 0.71 16.42
CA VAL A 44 -13.74 2.02 16.80
C VAL A 44 -14.26 2.43 18.18
N GLU A 45 -15.55 2.23 18.40
CA GLU A 45 -16.17 2.60 19.67
C GLU A 45 -15.96 1.53 20.74
N SER A 46 -16.31 0.31 20.41
CA SER A 46 -16.20 -0.81 21.35
C SER A 46 -14.77 -1.29 21.46
N GLN A 47 -14.29 -1.95 20.41
CA GLN A 47 -12.92 -2.47 20.41
C GLN A 47 -11.92 -1.36 20.13
N GLY A 48 -12.34 -0.12 20.28
CA GLY A 48 -11.46 1.00 20.05
C GLY A 48 -10.17 0.80 20.82
N GLU A 49 -10.29 0.12 21.94
CA GLU A 49 -9.14 -0.13 22.78
C GLU A 49 -8.03 -0.80 21.97
N MET A 50 -8.42 -1.53 20.92
CA MET A 50 -7.45 -2.21 20.07
C MET A 50 -6.93 -1.28 18.98
N ILE A 51 -7.84 -0.51 18.39
CA ILE A 51 -7.48 0.40 17.31
C ILE A 51 -6.23 1.20 17.69
N ASP A 52 -5.96 1.28 18.99
CA ASP A 52 -4.78 2.01 19.46
C ASP A 52 -3.51 1.29 19.03
N ARG A 53 -3.46 0.01 19.34
CA ARG A 53 -2.30 -0.81 18.99
C ARG A 53 -1.89 -0.57 17.54
N ILE A 54 -2.87 -0.24 16.70
CA ILE A 54 -2.59 0.01 15.29
C ILE A 54 -1.90 1.35 15.12
N GLU A 55 -2.43 2.36 15.79
CA GLU A 55 -1.85 3.68 15.71
C GLU A 55 -0.40 3.64 16.18
N TYR A 56 -0.21 3.33 17.46
CA TYR A 56 1.13 3.26 18.05
C TYR A 56 2.04 2.36 17.21
N ASN A 57 1.43 1.48 16.42
CA ASN A 57 2.21 0.57 15.58
C ASN A 57 3.25 1.36 14.78
N VAL A 58 2.94 2.61 14.48
CA VAL A 58 3.85 3.45 13.72
C VAL A 58 5.19 3.58 14.44
N GLU A 59 5.14 3.98 15.70
CA GLU A 59 6.37 4.14 16.49
C GLU A 59 7.36 3.03 16.19
N HIS A 60 6.90 1.79 16.16
CA HIS A 60 7.77 0.67 15.87
C HIS A 60 8.33 0.77 14.45
N ALA A 61 7.43 0.73 13.47
CA ALA A 61 7.83 0.81 12.06
C ALA A 61 8.72 2.01 11.79
N VAL A 62 8.69 3.00 12.69
CA VAL A 62 9.50 4.19 12.52
C VAL A 62 10.95 3.91 12.96
N ASP A 63 11.09 3.22 14.08
CA ASP A 63 12.43 2.89 14.59
C ASP A 63 13.01 1.71 13.81
N TYR A 64 12.14 0.79 13.41
CA TYR A 64 12.58 -0.38 12.67
C TYR A 64 12.96 0.01 11.24
N VAL A 65 12.42 1.13 10.77
CA VAL A 65 12.71 1.61 9.42
C VAL A 65 14.05 2.33 9.40
N GLU A 66 14.19 3.36 10.22
CA GLU A 66 15.42 4.13 10.28
C GLU A 66 16.64 3.21 10.20
N ARG A 67 16.77 2.32 11.18
CA ARG A 67 17.89 1.39 11.21
C ARG A 67 18.05 0.71 9.85
N ALA A 68 16.94 0.55 9.14
CA ALA A 68 16.98 -0.08 7.83
C ALA A 68 17.37 0.93 6.75
N VAL A 69 17.21 2.21 7.07
CA VAL A 69 17.56 3.27 6.12
C VAL A 69 19.04 3.61 6.21
N SER A 70 19.55 3.71 7.43
CA SER A 70 20.96 4.03 7.64
C SER A 70 21.84 3.22 6.69
N ASP A 71 21.36 2.02 6.33
CA ASP A 71 22.11 1.16 5.43
C ASP A 71 21.99 1.65 3.99
N THR A 72 20.85 2.27 3.67
CA THR A 72 20.62 2.78 2.32
C THR A 72 21.32 4.12 2.13
N LYS A 73 20.88 5.13 2.85
CA LYS A 73 21.48 6.46 2.76
C LYS A 73 22.70 6.57 3.66
N LYS A 74 22.49 6.36 4.95
CA LYS A 74 23.58 6.44 5.92
C LYS A 74 23.89 7.90 6.26
N ALA A 75 23.36 8.81 5.45
CA ALA A 75 23.58 10.23 5.68
C ALA A 75 22.83 10.72 6.92
N VAL A 76 22.97 12.00 7.22
CA VAL A 76 22.30 12.57 8.38
C VAL A 76 20.94 13.16 7.98
N LYS A 77 20.97 13.99 6.95
CA LYS A 77 19.75 14.62 6.46
C LYS A 77 18.91 15.15 7.62
N TYR A 78 19.29 16.31 8.13
CA TYR A 78 18.57 16.93 9.24
C TYR A 78 17.06 16.82 9.03
N GLN A 79 16.30 17.14 10.06
CA GLN A 79 14.84 17.08 9.98
C GLN A 79 14.35 17.57 8.62
N SER A 80 13.19 17.08 8.21
CA SER A 80 12.63 17.47 6.92
C SER A 80 11.51 16.51 6.51
N LYS A 81 10.89 16.78 5.37
CA LYS A 81 9.82 15.93 4.86
C LYS A 81 10.38 14.71 4.15
N ALA A 82 11.28 14.94 3.21
CA ALA A 82 11.90 13.84 2.46
C ALA A 82 12.32 12.73 3.41
N ARG A 83 12.43 13.05 4.68
CA ARG A 83 12.83 12.06 5.69
C ARG A 83 11.73 11.01 5.88
N ARG A 84 10.56 11.46 6.30
CA ARG A 84 9.43 10.57 6.53
C ARG A 84 9.07 9.83 5.23
N LYS A 85 9.17 10.54 4.11
CA LYS A 85 8.84 9.95 2.82
C LYS A 85 9.43 8.54 2.70
N LYS A 86 10.52 8.31 3.43
CA LYS A 86 11.18 7.01 3.39
C LYS A 86 10.19 5.90 3.69
N ILE A 87 9.31 6.15 4.65
CA ILE A 87 8.30 5.16 5.04
C ILE A 87 7.45 4.76 3.85
N MET A 88 7.11 5.75 3.02
CA MET A 88 6.28 5.49 1.84
C MET A 88 7.11 4.95 0.67
N ILE A 89 8.42 5.20 0.70
CA ILE A 89 9.29 4.76 -0.38
C ILE A 89 9.78 3.32 -0.20
N ILE A 90 10.44 3.04 0.92
CA ILE A 90 10.98 1.71 1.17
C ILE A 90 9.87 0.69 1.44
N ILE A 91 9.14 0.90 2.52
CA ILE A 91 8.05 -0.01 2.88
C ILE A 91 7.16 -0.29 1.69
N CYS A 92 7.20 0.59 0.69
CA CYS A 92 6.41 0.41 -0.53
C CYS A 92 7.14 -0.52 -1.49
N CYS A 93 8.32 -0.07 -1.95
CA CYS A 93 9.11 -0.86 -2.88
C CYS A 93 9.33 -2.26 -2.34
N VAL A 94 9.43 -2.39 -1.02
CA VAL A 94 9.63 -3.69 -0.40
C VAL A 94 8.38 -4.54 -0.58
N ILE A 95 7.22 -3.88 -0.51
CA ILE A 95 5.96 -4.58 -0.67
C ILE A 95 5.76 -5.01 -2.12
N LEU A 96 5.95 -4.07 -3.03
CA LEU A 96 5.79 -4.35 -4.46
C LEU A 96 6.37 -5.72 -4.80
N GLY A 97 7.51 -6.03 -4.22
CA GLY A 97 8.15 -7.32 -4.46
C GLY A 97 7.25 -8.47 -4.01
N ILE A 98 6.59 -8.28 -2.88
CA ILE A 98 5.69 -9.30 -2.35
C ILE A 98 4.41 -9.39 -3.17
N ILE A 99 3.94 -8.25 -3.68
CA ILE A 99 2.72 -8.25 -4.48
C ILE A 99 2.78 -9.32 -5.54
N ILE A 100 3.86 -9.32 -6.31
CA ILE A 100 4.03 -10.31 -7.36
C ILE A 100 3.84 -11.71 -6.78
N ALA A 101 4.52 -11.98 -5.67
CA ALA A 101 4.41 -13.27 -5.01
C ALA A 101 2.96 -13.57 -4.63
N SER A 102 2.18 -12.50 -4.44
CA SER A 102 0.76 -12.66 -4.08
C SER A 102 -0.01 -13.29 -5.23
N THR A 103 -0.07 -12.57 -6.34
CA THR A 103 -0.76 -13.05 -7.52
C THR A 103 -0.39 -14.50 -7.79
N ILE A 104 0.88 -14.81 -7.54
CA ILE A 104 1.40 -16.16 -7.73
C ILE A 104 1.23 -16.99 -6.46
N GLY A 105 0.91 -16.32 -5.36
CA GLY A 105 0.72 -17.01 -4.09
C GLY A 105 -0.60 -17.76 -4.08
N GLY A 106 -1.58 -17.23 -4.82
CA GLY A 106 -2.89 -17.84 -4.91
C GLY A 106 -3.73 -17.47 -3.70
N ILE A 107 -3.64 -16.21 -3.29
CA ILE A 107 -4.40 -15.73 -2.14
C ILE A 107 -5.84 -15.45 -2.54
N PHE A 108 -6.03 -15.05 -3.79
CA PHE A 108 -7.38 -14.75 -4.29
C PHE A 108 -8.15 -16.03 -4.58
N GLY A 109 -7.49 -17.17 -4.44
CA GLY A 109 -8.14 -18.45 -4.69
C GLY A 109 -9.28 -18.69 -3.71
N GLY A 1 -4.75 0.84 -41.46
CA GLY A 1 -6.05 0.56 -42.07
C GLY A 1 -6.40 -0.91 -41.95
N SER A 2 -5.38 -1.74 -41.71
CA SER A 2 -5.61 -3.17 -41.58
C SER A 2 -4.28 -3.90 -41.35
N HIS A 3 -4.03 -4.31 -40.11
CA HIS A 3 -2.80 -5.01 -39.78
C HIS A 3 -2.90 -5.65 -38.40
N MET A 4 -2.35 -6.86 -38.28
CA MET A 4 -2.38 -7.58 -37.00
C MET A 4 -1.36 -6.98 -36.04
N ASP A 5 -1.80 -6.73 -34.81
CA ASP A 5 -0.92 -6.16 -33.79
C ASP A 5 0.06 -7.22 -33.29
N SER A 6 -0.36 -8.47 -33.32
CA SER A 6 0.47 -9.58 -32.87
C SER A 6 1.28 -9.18 -31.63
N SER A 7 0.59 -9.03 -30.50
CA SER A 7 1.24 -8.64 -29.26
C SER A 7 0.32 -8.88 -28.08
N ILE A 8 0.88 -8.87 -26.87
CA ILE A 8 0.11 -9.10 -25.66
C ILE A 8 0.37 -8.00 -24.63
N SER A 9 1.30 -8.25 -23.71
CA SER A 9 1.65 -7.29 -22.68
C SER A 9 0.41 -6.51 -22.22
N LYS A 10 -0.42 -7.16 -21.42
CA LYS A 10 -1.64 -6.53 -20.92
C LYS A 10 -1.30 -5.39 -19.98
N GLN A 11 -0.09 -5.43 -19.40
CA GLN A 11 0.32 -4.38 -18.48
C GLN A 11 0.39 -3.04 -19.20
N ALA A 12 1.30 -2.92 -20.16
CA ALA A 12 1.45 -1.68 -20.91
C ALA A 12 0.15 -1.30 -21.60
N LEU A 13 -0.59 -2.30 -22.06
CA LEU A 13 -1.86 -2.05 -22.72
C LEU A 13 -2.89 -1.57 -21.71
N SER A 14 -3.15 -2.40 -20.71
CA SER A 14 -4.12 -2.08 -19.67
C SER A 14 -3.68 -0.88 -18.84
N GLU A 15 -2.38 -0.63 -18.80
CA GLU A 15 -1.84 0.49 -18.01
C GLU A 15 -2.73 1.73 -18.14
N ILE A 16 -2.88 2.24 -19.36
CA ILE A 16 -3.68 3.44 -19.58
C ILE A 16 -5.11 3.24 -19.09
N GLU A 17 -5.55 1.99 -19.01
CA GLU A 17 -6.90 1.68 -18.57
C GLU A 17 -7.18 2.23 -17.18
N THR A 18 -6.21 2.90 -16.59
CA THR A 18 -6.40 3.48 -15.27
C THR A 18 -7.22 4.75 -15.37
N ARG A 19 -7.28 5.30 -16.58
CA ARG A 19 -8.04 6.52 -16.82
C ARG A 19 -9.55 6.22 -16.79
N HIS A 20 -9.90 4.99 -17.15
CA HIS A 20 -11.30 4.58 -17.18
C HIS A 20 -11.62 3.66 -16.00
N SER A 21 -10.67 2.82 -15.63
CA SER A 21 -10.87 1.89 -14.52
C SER A 21 -11.03 2.64 -13.22
N GLU A 22 -10.41 3.80 -13.12
CA GLU A 22 -10.48 4.61 -11.92
C GLU A 22 -11.87 5.23 -11.73
N ILE A 23 -12.51 5.58 -12.84
CA ILE A 23 -13.83 6.19 -12.78
C ILE A 23 -14.83 5.27 -12.09
N ILE A 24 -15.07 4.11 -12.69
CA ILE A 24 -16.01 3.16 -12.12
C ILE A 24 -15.62 2.78 -10.71
N LYS A 25 -14.33 2.66 -10.48
CA LYS A 25 -13.83 2.31 -9.16
C LYS A 25 -14.27 3.34 -8.12
N LEU A 26 -13.99 4.60 -8.40
CA LEU A 26 -14.36 5.68 -7.49
C LEU A 26 -15.84 5.59 -7.13
N GLU A 27 -16.68 5.33 -8.13
CA GLU A 27 -18.10 5.22 -7.90
C GLU A 27 -18.39 4.13 -6.88
N ASN A 28 -17.93 2.91 -7.17
CA ASN A 28 -18.15 1.79 -6.26
C ASN A 28 -17.54 2.08 -4.89
N SER A 29 -16.54 2.95 -4.87
CA SER A 29 -15.87 3.31 -3.61
C SER A 29 -16.79 4.16 -2.75
N ILE A 30 -17.76 4.80 -3.37
CA ILE A 30 -18.69 5.65 -2.65
C ILE A 30 -19.78 4.80 -1.99
N ARG A 31 -20.20 3.76 -2.69
CA ARG A 31 -21.22 2.86 -2.17
C ARG A 31 -20.62 1.86 -1.19
N GLU A 32 -19.33 1.63 -1.32
CA GLU A 32 -18.63 0.70 -0.45
C GLU A 32 -18.27 1.36 0.87
N LEU A 33 -17.40 2.36 0.81
CA LEU A 33 -16.99 3.06 2.01
C LEU A 33 -18.20 3.59 2.77
N HIS A 34 -19.26 3.89 2.05
CA HIS A 34 -20.48 4.40 2.67
C HIS A 34 -20.97 3.42 3.74
N ASP A 35 -21.20 2.18 3.33
CA ASP A 35 -21.67 1.17 4.27
C ASP A 35 -20.63 0.92 5.36
N MET A 36 -19.42 0.52 4.95
CA MET A 36 -18.36 0.24 5.90
C MET A 36 -18.28 1.33 6.97
N PHE A 37 -18.55 2.57 6.58
CA PHE A 37 -18.50 3.68 7.51
C PHE A 37 -19.12 3.26 8.84
N MET A 38 -20.25 2.58 8.76
CA MET A 38 -20.95 2.13 9.96
C MET A 38 -20.26 0.90 10.56
N ASP A 39 -19.58 0.13 9.71
CA ASP A 39 -18.88 -1.06 10.18
C ASP A 39 -17.69 -0.68 11.03
N MET A 40 -16.80 0.11 10.46
CA MET A 40 -15.60 0.56 11.17
C MET A 40 -16.00 1.29 12.45
N ALA A 41 -17.23 1.76 12.49
CA ALA A 41 -17.74 2.46 13.66
C ALA A 41 -17.81 1.51 14.85
N MET A 42 -17.91 0.22 14.54
CA MET A 42 -18.01 -0.81 15.56
C MET A 42 -16.70 -0.97 16.33
N LEU A 43 -15.63 -1.35 15.62
CA LEU A 43 -14.34 -1.55 16.25
C LEU A 43 -13.74 -0.23 16.73
N VAL A 44 -14.23 0.87 16.17
CA VAL A 44 -13.73 2.19 16.55
C VAL A 44 -14.16 2.57 17.96
N GLU A 45 -15.43 2.29 18.28
CA GLU A 45 -15.97 2.64 19.59
C GLU A 45 -15.63 1.58 20.64
N SER A 46 -16.12 0.37 20.42
CA SER A 46 -15.89 -0.71 21.38
C SER A 46 -14.47 -1.26 21.27
N GLN A 47 -14.18 -1.95 20.17
CA GLN A 47 -12.86 -2.52 19.98
C GLN A 47 -11.84 -1.43 19.67
N GLY A 48 -12.22 -0.18 19.91
CA GLY A 48 -11.31 0.93 19.65
C GLY A 48 -10.04 0.74 20.45
N GLU A 49 -10.15 0.07 21.58
CA GLU A 49 -9.01 -0.17 22.43
C GLU A 49 -7.93 -0.93 21.66
N MET A 50 -8.36 -1.73 20.68
CA MET A 50 -7.42 -2.52 19.88
C MET A 50 -6.91 -1.70 18.70
N ILE A 51 -7.83 -1.08 17.98
CA ILE A 51 -7.46 -0.27 16.82
C ILE A 51 -6.29 0.66 17.15
N ASP A 52 -6.12 0.93 18.43
CA ASP A 52 -5.03 1.80 18.87
C ASP A 52 -3.69 1.11 18.67
N ARG A 53 -3.58 -0.11 19.19
CA ARG A 53 -2.36 -0.88 19.07
C ARG A 53 -1.79 -0.77 17.65
N ILE A 54 -2.69 -0.65 16.67
CA ILE A 54 -2.26 -0.54 15.28
C ILE A 54 -1.57 0.79 15.05
N GLU A 55 -2.12 1.83 15.65
CA GLU A 55 -1.55 3.16 15.52
C GLU A 55 -0.12 3.18 16.02
N TYR A 56 0.04 2.94 17.32
CA TYR A 56 1.36 2.93 17.93
C TYR A 56 2.31 2.02 17.16
N ASN A 57 1.74 1.09 16.40
CA ASN A 57 2.56 0.17 15.61
C ASN A 57 3.54 0.94 14.74
N VAL A 58 3.18 2.17 14.39
CA VAL A 58 4.04 3.00 13.55
C VAL A 58 5.40 3.21 14.21
N GLU A 59 5.39 3.68 15.46
CA GLU A 59 6.63 3.93 16.18
C GLU A 59 7.67 2.85 15.88
N HIS A 60 7.23 1.59 15.87
CA HIS A 60 8.13 0.48 15.60
C HIS A 60 8.72 0.61 14.20
N ALA A 61 7.86 0.57 13.19
CA ALA A 61 8.30 0.67 11.79
C ALA A 61 9.09 1.95 11.55
N VAL A 62 8.96 2.91 12.46
CA VAL A 62 9.68 4.17 12.33
C VAL A 62 11.08 4.04 12.91
N ASP A 63 11.16 3.71 14.19
CA ASP A 63 12.45 3.55 14.86
C ASP A 63 13.38 2.68 14.04
N TYR A 64 12.98 1.44 13.82
CA TYR A 64 13.80 0.51 13.04
C TYR A 64 14.30 1.19 11.78
N VAL A 65 13.38 1.54 10.90
CA VAL A 65 13.73 2.21 9.65
C VAL A 65 14.77 3.30 9.90
N GLU A 66 14.71 3.90 11.08
CA GLU A 66 15.65 4.96 11.42
C GLU A 66 17.07 4.41 11.50
N ARG A 67 17.22 3.22 12.07
CA ARG A 67 18.53 2.58 12.20
C ARG A 67 18.89 1.86 10.91
N ALA A 68 17.88 1.38 10.19
CA ALA A 68 18.12 0.67 8.94
C ALA A 68 18.51 1.63 7.82
N VAL A 69 17.65 2.63 7.60
CA VAL A 69 17.92 3.62 6.55
C VAL A 69 19.36 4.09 6.61
N SER A 70 19.89 4.27 7.83
CA SER A 70 21.26 4.72 8.00
C SER A 70 22.20 3.90 7.12
N ASP A 71 21.70 2.79 6.61
CA ASP A 71 22.51 1.93 5.74
C ASP A 71 22.40 2.37 4.29
N THR A 72 21.25 2.91 3.93
CA THR A 72 21.03 3.37 2.56
C THR A 72 21.68 4.73 2.33
N LYS A 73 21.21 5.74 3.07
CA LYS A 73 21.75 7.09 2.94
C LYS A 73 23.05 7.21 3.73
N LYS A 74 22.98 6.96 5.03
CA LYS A 74 24.15 7.05 5.89
C LYS A 74 24.79 8.43 5.80
N ALA A 75 24.14 9.32 5.04
CA ALA A 75 24.65 10.68 4.88
C ALA A 75 24.51 11.47 6.17
N VAL A 76 23.29 11.90 6.47
CA VAL A 76 23.06 12.68 7.68
C VAL A 76 21.76 12.27 8.37
N LYS A 77 20.97 11.44 7.68
CA LYS A 77 19.69 10.97 8.23
C LYS A 77 19.04 12.02 9.11
N TYR A 78 18.52 13.08 8.48
CA TYR A 78 17.88 14.15 9.22
C TYR A 78 16.96 14.96 8.30
N GLN A 79 16.93 14.60 7.03
CA GLN A 79 16.09 15.29 6.06
C GLN A 79 14.73 15.61 6.66
N SER A 80 14.01 16.53 6.02
CA SER A 80 12.69 16.91 6.50
C SER A 80 11.60 16.04 5.88
N LYS A 81 11.15 16.43 4.69
CA LYS A 81 10.11 15.67 4.00
C LYS A 81 10.56 14.23 3.78
N ALA A 82 11.71 14.06 3.14
CA ALA A 82 12.23 12.73 2.85
C ALA A 82 12.13 11.84 4.09
N ARG A 83 11.97 12.46 5.25
CA ARG A 83 11.85 11.71 6.50
C ARG A 83 10.55 10.93 6.52
N ARG A 84 9.43 11.64 6.47
CA ARG A 84 8.11 11.00 6.49
C ARG A 84 7.82 10.36 5.13
N LYS A 85 8.49 10.83 4.10
CA LYS A 85 8.29 10.29 2.75
C LYS A 85 8.94 8.92 2.63
N LYS A 86 10.06 8.74 3.31
CA LYS A 86 10.77 7.46 3.26
C LYS A 86 9.84 6.31 3.62
N ILE A 87 9.05 6.49 4.66
CA ILE A 87 8.12 5.47 5.10
C ILE A 87 7.28 4.97 3.94
N MET A 88 6.94 5.89 3.04
CA MET A 88 6.13 5.56 1.87
C MET A 88 6.99 4.97 0.75
N ILE A 89 8.28 5.26 0.78
CA ILE A 89 9.19 4.77 -0.27
C ILE A 89 9.72 3.37 0.02
N ILE A 90 10.33 3.19 1.19
CA ILE A 90 10.92 1.89 1.54
C ILE A 90 9.84 0.86 1.85
N ILE A 91 9.09 1.09 2.91
CA ILE A 91 8.05 0.16 3.31
C ILE A 91 7.18 -0.22 2.11
N CYS A 92 7.20 0.62 1.07
CA CYS A 92 6.44 0.32 -0.14
C CYS A 92 7.22 -0.64 -1.02
N CYS A 93 8.39 -0.19 -1.46
CA CYS A 93 9.25 -1.00 -2.32
C CYS A 93 9.47 -2.38 -1.71
N VAL A 94 9.56 -2.42 -0.38
CA VAL A 94 9.76 -3.69 0.32
C VAL A 94 8.54 -4.58 0.12
N ILE A 95 7.37 -3.97 0.16
CA ILE A 95 6.12 -4.70 -0.01
C ILE A 95 5.99 -5.16 -1.47
N LEU A 96 6.26 -4.26 -2.39
CA LEU A 96 6.18 -4.57 -3.81
C LEU A 96 6.79 -5.94 -4.09
N GLY A 97 7.93 -6.20 -3.49
CA GLY A 97 8.61 -7.48 -3.67
C GLY A 97 7.75 -8.63 -3.16
N ILE A 98 6.89 -8.33 -2.20
CA ILE A 98 6.01 -9.35 -1.62
C ILE A 98 4.75 -9.51 -2.46
N ILE A 99 4.25 -8.39 -3.01
CA ILE A 99 3.03 -8.44 -3.82
C ILE A 99 3.11 -9.55 -4.86
N ILE A 100 4.18 -9.52 -5.65
CA ILE A 100 4.36 -10.55 -6.68
C ILE A 100 4.14 -11.93 -6.07
N ALA A 101 4.73 -12.15 -4.90
CA ALA A 101 4.58 -13.43 -4.21
C ALA A 101 3.11 -13.71 -3.93
N SER A 102 2.31 -12.65 -3.86
CA SER A 102 0.87 -12.79 -3.60
C SER A 102 0.21 -13.50 -4.78
N THR A 103 0.26 -12.84 -5.93
CA THR A 103 -0.35 -13.40 -7.13
C THR A 103 0.07 -14.86 -7.28
N ILE A 104 1.30 -15.16 -6.88
CA ILE A 104 1.83 -16.52 -6.95
C ILE A 104 1.51 -17.28 -5.67
N GLY A 105 1.09 -16.55 -4.64
CA GLY A 105 0.76 -17.16 -3.37
C GLY A 105 -0.50 -18.03 -3.51
N GLY A 106 -1.36 -17.63 -4.43
CA GLY A 106 -2.60 -18.36 -4.67
C GLY A 106 -3.79 -17.60 -4.09
N ILE A 107 -3.48 -16.53 -3.38
CA ILE A 107 -4.51 -15.71 -2.75
C ILE A 107 -5.29 -14.94 -3.81
N PHE A 108 -4.57 -14.18 -4.63
CA PHE A 108 -5.21 -13.40 -5.68
C PHE A 108 -5.56 -14.29 -6.86
N GLY A 109 -4.57 -15.03 -7.35
CA GLY A 109 -4.78 -15.93 -8.48
C GLY A 109 -4.98 -15.15 -9.77
N GLY A 1 11.46 -25.60 -38.69
CA GLY A 1 12.90 -25.45 -38.93
C GLY A 1 13.48 -24.32 -38.10
N SER A 2 12.61 -23.48 -37.55
CA SER A 2 13.04 -22.36 -36.73
C SER A 2 11.96 -21.98 -35.71
N HIS A 3 12.30 -22.12 -34.43
CA HIS A 3 11.36 -21.78 -33.37
C HIS A 3 10.94 -20.31 -33.46
N MET A 4 9.88 -19.97 -32.74
CA MET A 4 9.39 -18.59 -32.75
C MET A 4 8.43 -18.37 -31.58
N ASP A 5 8.14 -17.10 -31.30
CA ASP A 5 7.25 -16.76 -30.20
C ASP A 5 6.79 -15.30 -30.31
N SER A 6 5.70 -14.98 -29.63
CA SER A 6 5.16 -13.63 -29.66
C SER A 6 4.20 -13.40 -28.50
N SER A 7 4.75 -13.01 -27.36
CA SER A 7 3.94 -12.76 -26.18
C SER A 7 3.16 -11.46 -26.33
N ILE A 8 1.98 -11.40 -25.71
CA ILE A 8 1.14 -10.21 -25.80
C ILE A 8 1.62 -9.15 -24.81
N SER A 9 0.68 -8.38 -24.26
CA SER A 9 1.02 -7.34 -23.31
C SER A 9 -0.23 -6.70 -22.72
N LYS A 10 -0.98 -7.48 -21.93
CA LYS A 10 -2.20 -6.96 -21.32
C LYS A 10 -1.87 -5.83 -20.36
N GLN A 11 -0.67 -5.89 -19.78
CA GLN A 11 -0.25 -4.85 -18.85
C GLN A 11 -0.04 -3.53 -19.58
N ALA A 12 0.94 -3.52 -20.49
CA ALA A 12 1.24 -2.32 -21.27
C ALA A 12 -0.01 -1.83 -22.01
N LEU A 13 -0.87 -2.77 -22.37
CA LEU A 13 -2.11 -2.41 -23.07
C LEU A 13 -3.15 -1.86 -22.10
N SER A 14 -3.50 -2.68 -21.11
CA SER A 14 -4.50 -2.32 -20.11
C SER A 14 -4.04 -1.19 -19.18
N GLU A 15 -2.73 -1.00 -19.06
CA GLU A 15 -2.22 0.02 -18.15
C GLU A 15 -3.05 1.30 -18.20
N ILE A 16 -3.13 1.90 -19.37
CA ILE A 16 -3.89 3.14 -19.54
C ILE A 16 -5.35 2.96 -19.15
N GLU A 17 -5.82 1.72 -19.16
CA GLU A 17 -7.22 1.43 -18.82
C GLU A 17 -7.57 1.97 -17.44
N THR A 18 -6.61 2.61 -16.78
CA THR A 18 -6.87 3.16 -15.46
C THR A 18 -7.65 4.46 -15.58
N ARG A 19 -7.63 5.04 -16.77
CA ARG A 19 -8.35 6.29 -17.03
C ARG A 19 -9.85 6.05 -16.96
N HIS A 20 -10.26 4.80 -17.19
CA HIS A 20 -11.67 4.44 -17.15
C HIS A 20 -12.00 3.70 -15.86
N SER A 21 -11.20 2.69 -15.54
CA SER A 21 -11.41 1.90 -14.33
C SER A 21 -11.51 2.82 -13.11
N GLU A 22 -10.65 3.83 -13.06
CA GLU A 22 -10.65 4.76 -11.94
C GLU A 22 -12.07 5.30 -11.69
N ILE A 23 -12.77 5.62 -12.77
CA ILE A 23 -14.13 6.13 -12.66
C ILE A 23 -15.00 5.12 -11.94
N ILE A 24 -15.02 3.90 -12.45
CA ILE A 24 -15.83 2.84 -11.87
C ILE A 24 -15.42 2.60 -10.42
N LYS A 25 -14.13 2.67 -10.16
CA LYS A 25 -13.61 2.45 -8.82
C LYS A 25 -14.18 3.48 -7.84
N LEU A 26 -13.96 4.76 -8.14
CA LEU A 26 -14.44 5.83 -7.27
C LEU A 26 -15.93 5.66 -7.01
N GLU A 27 -16.69 5.37 -8.06
CA GLU A 27 -18.13 5.19 -7.93
C GLU A 27 -18.45 4.13 -6.89
N ASN A 28 -17.96 2.92 -7.11
CA ASN A 28 -18.21 1.81 -6.19
C ASN A 28 -17.67 2.14 -4.80
N SER A 29 -16.64 2.99 -4.76
CA SER A 29 -16.04 3.38 -3.49
C SER A 29 -16.99 4.24 -2.68
N ILE A 30 -17.91 4.93 -3.36
CA ILE A 30 -18.88 5.79 -2.69
C ILE A 30 -19.97 4.94 -2.06
N ARG A 31 -20.42 3.92 -2.77
CA ARG A 31 -21.47 3.04 -2.28
C ARG A 31 -20.92 2.06 -1.26
N GLU A 32 -19.60 1.83 -1.32
CA GLU A 32 -18.96 0.91 -0.40
C GLU A 32 -18.63 1.61 0.92
N LEU A 33 -17.75 2.60 0.87
CA LEU A 33 -17.37 3.33 2.08
C LEU A 33 -18.61 3.76 2.85
N HIS A 34 -19.69 4.02 2.12
CA HIS A 34 -20.93 4.44 2.76
C HIS A 34 -21.36 3.43 3.82
N ASP A 35 -21.54 2.18 3.41
CA ASP A 35 -21.95 1.14 4.34
C ASP A 35 -20.86 0.91 5.39
N MET A 36 -19.67 0.57 4.94
CA MET A 36 -18.56 0.31 5.86
C MET A 36 -18.48 1.37 6.94
N PHE A 37 -18.80 2.60 6.58
CA PHE A 37 -18.77 3.70 7.54
C PHE A 37 -19.33 3.24 8.89
N MET A 38 -20.46 2.54 8.84
CA MET A 38 -21.09 2.03 10.05
C MET A 38 -20.35 0.80 10.57
N ASP A 39 -19.68 0.09 9.67
CA ASP A 39 -18.94 -1.11 10.05
C ASP A 39 -17.73 -0.74 10.91
N MET A 40 -16.88 0.11 10.36
CA MET A 40 -15.68 0.54 11.07
C MET A 40 -16.06 1.26 12.36
N ALA A 41 -17.28 1.76 12.40
CA ALA A 41 -17.78 2.46 13.57
C ALA A 41 -17.92 1.48 14.74
N MET A 42 -18.00 0.21 14.40
CA MET A 42 -18.16 -0.86 15.39
C MET A 42 -16.89 -1.03 16.22
N LEU A 43 -15.80 -1.42 15.57
CA LEU A 43 -14.54 -1.64 16.26
C LEU A 43 -13.93 -0.33 16.75
N VAL A 44 -14.31 0.77 16.11
CA VAL A 44 -13.78 2.07 16.47
C VAL A 44 -14.28 2.52 17.85
N GLU A 45 -15.59 2.40 18.06
CA GLU A 45 -16.18 2.82 19.33
C GLU A 45 -16.06 1.73 20.39
N SER A 46 -16.30 0.50 20.00
CA SER A 46 -16.23 -0.63 20.93
C SER A 46 -14.80 -1.11 21.10
N GLN A 47 -14.26 -1.74 20.06
CA GLN A 47 -12.89 -2.26 20.12
C GLN A 47 -11.87 -1.17 19.83
N GLY A 48 -12.29 0.08 19.96
CA GLY A 48 -11.38 1.20 19.72
C GLY A 48 -10.09 0.97 20.49
N GLU A 49 -10.23 0.25 21.60
CA GLU A 49 -9.08 -0.04 22.44
C GLU A 49 -8.01 -0.80 21.64
N MET A 50 -8.45 -1.57 20.66
CA MET A 50 -7.54 -2.35 19.83
C MET A 50 -7.01 -1.51 18.67
N ILE A 51 -7.92 -0.86 17.97
CA ILE A 51 -7.54 -0.04 16.82
C ILE A 51 -6.37 0.86 17.19
N ASP A 52 -6.19 1.09 18.48
CA ASP A 52 -5.10 1.93 18.95
C ASP A 52 -3.76 1.22 18.74
N ARG A 53 -3.69 -0.02 19.22
CA ARG A 53 -2.47 -0.81 19.08
C ARG A 53 -1.90 -0.68 17.67
N ILE A 54 -2.78 -0.50 16.69
CA ILE A 54 -2.35 -0.36 15.31
C ILE A 54 -1.63 0.97 15.12
N GLU A 55 -2.19 2.00 15.73
CA GLU A 55 -1.60 3.32 15.62
C GLU A 55 -0.17 3.30 16.15
N TYR A 56 -0.02 3.03 17.44
CA TYR A 56 1.30 2.97 18.06
C TYR A 56 2.24 2.08 17.27
N ASN A 57 1.66 1.19 16.46
CA ASN A 57 2.48 0.28 15.66
C ASN A 57 3.47 1.07 14.81
N VAL A 58 3.10 2.30 14.46
CA VAL A 58 3.96 3.15 13.65
C VAL A 58 5.32 3.35 14.32
N GLU A 59 5.29 3.82 15.56
CA GLU A 59 6.53 4.08 16.30
C GLU A 59 7.56 2.97 16.03
N HIS A 60 7.10 1.72 16.03
CA HIS A 60 8.01 0.61 15.77
C HIS A 60 8.62 0.72 14.37
N ALA A 61 7.76 0.68 13.35
CA ALA A 61 8.21 0.77 11.96
C ALA A 61 9.01 2.05 11.72
N VAL A 62 8.86 3.03 12.61
CA VAL A 62 9.57 4.29 12.48
C VAL A 62 10.98 4.17 13.05
N ASP A 63 11.14 3.28 14.01
CA ASP A 63 12.45 3.07 14.64
C ASP A 63 13.35 2.24 13.74
N TYR A 64 12.93 1.02 13.45
CA TYR A 64 13.72 0.13 12.60
C TYR A 64 14.22 0.88 11.36
N VAL A 65 13.30 1.31 10.52
CA VAL A 65 13.65 2.04 9.31
C VAL A 65 14.70 3.10 9.61
N GLU A 66 14.65 3.64 10.84
CA GLU A 66 15.61 4.66 11.24
C GLU A 66 17.03 4.11 11.20
N ARG A 67 17.24 2.97 11.86
CA ARG A 67 18.56 2.36 11.89
C ARG A 67 18.97 1.90 10.49
N ALA A 68 17.98 1.69 9.63
CA ALA A 68 18.25 1.24 8.27
C ALA A 68 18.61 2.44 7.39
N VAL A 69 18.09 3.61 7.74
CA VAL A 69 18.37 4.82 6.98
C VAL A 69 19.84 5.18 7.06
N SER A 70 20.36 5.28 8.28
CA SER A 70 21.76 5.61 8.49
C SER A 70 22.66 4.80 7.55
N ASP A 71 22.14 3.67 7.10
CA ASP A 71 22.90 2.80 6.20
C ASP A 71 22.69 3.21 4.75
N THR A 72 21.44 3.14 4.30
CA THR A 72 21.11 3.52 2.92
C THR A 72 21.58 4.95 2.63
N LYS A 73 20.96 5.91 3.30
CA LYS A 73 21.31 7.31 3.11
C LYS A 73 22.82 7.50 3.25
N LYS A 74 23.42 6.78 4.19
CA LYS A 74 24.86 6.89 4.42
C LYS A 74 25.19 8.12 5.24
N ALA A 75 24.18 8.92 5.55
CA ALA A 75 24.37 10.13 6.33
C ALA A 75 23.03 10.71 6.77
N VAL A 76 23.06 11.49 7.86
CA VAL A 76 21.83 12.10 8.37
C VAL A 76 22.14 13.45 9.01
N LYS A 77 22.14 13.47 10.34
CA LYS A 77 22.42 14.69 11.07
C LYS A 77 21.57 15.84 10.54
N TYR A 78 20.59 15.50 9.71
CA TYR A 78 19.71 16.52 9.13
C TYR A 78 18.78 15.88 8.10
N GLN A 79 17.48 15.85 8.41
CA GLN A 79 16.51 15.27 7.49
C GLN A 79 15.22 16.08 7.49
N SER A 80 14.62 16.24 6.32
CA SER A 80 13.39 16.99 6.19
C SER A 80 12.20 16.05 6.03
N LYS A 81 11.52 16.15 4.88
CA LYS A 81 10.37 15.30 4.62
C LYS A 81 10.82 13.88 4.27
N ALA A 82 11.94 13.78 3.57
CA ALA A 82 12.46 12.47 3.18
C ALA A 82 12.44 11.50 4.36
N ARG A 83 12.32 12.05 5.57
CA ARG A 83 12.28 11.22 6.76
C ARG A 83 10.98 10.41 6.81
N ARG A 84 9.86 11.11 6.84
CA ARG A 84 8.56 10.43 6.89
C ARG A 84 8.19 9.89 5.51
N LYS A 85 8.82 10.42 4.47
CA LYS A 85 8.55 9.98 3.12
C LYS A 85 9.16 8.61 2.85
N LYS A 86 10.34 8.37 3.41
CA LYS A 86 11.03 7.09 3.23
C LYS A 86 10.12 5.93 3.60
N ILE A 87 9.32 6.12 4.64
CA ILE A 87 8.41 5.08 5.08
C ILE A 87 7.52 4.62 3.93
N MET A 88 7.13 5.57 3.09
CA MET A 88 6.27 5.28 1.96
C MET A 88 7.08 4.76 0.77
N ILE A 89 8.37 5.10 0.73
CA ILE A 89 9.22 4.68 -0.38
C ILE A 89 9.82 3.28 -0.19
N ILE A 90 10.49 3.06 0.95
CA ILE A 90 11.12 1.77 1.21
C ILE A 90 10.09 0.68 1.51
N ILE A 91 9.38 0.84 2.61
CA ILE A 91 8.37 -0.14 3.02
C ILE A 91 7.48 -0.53 1.84
N CYS A 92 7.41 0.33 0.83
CA CYS A 92 6.61 0.01 -0.35
C CYS A 92 7.40 -0.89 -1.29
N CYS A 93 8.58 -0.44 -1.70
CA CYS A 93 9.42 -1.21 -2.59
C CYS A 93 9.65 -2.60 -2.03
N VAL A 94 9.70 -2.70 -0.71
CA VAL A 94 9.90 -3.99 -0.06
C VAL A 94 8.67 -4.87 -0.28
N ILE A 95 7.51 -4.25 -0.21
CA ILE A 95 6.25 -4.98 -0.41
C ILE A 95 6.16 -5.46 -1.86
N LEU A 96 6.47 -4.56 -2.79
CA LEU A 96 6.41 -4.90 -4.21
C LEU A 96 7.01 -6.27 -4.47
N GLY A 97 8.09 -6.59 -3.75
CA GLY A 97 8.74 -7.88 -3.90
C GLY A 97 7.83 -9.01 -3.45
N ILE A 98 6.98 -8.72 -2.46
CA ILE A 98 6.07 -9.73 -1.94
C ILE A 98 4.78 -9.81 -2.76
N ILE A 99 4.32 -8.67 -3.27
CA ILE A 99 3.09 -8.64 -4.06
C ILE A 99 3.14 -9.68 -5.17
N ILE A 100 4.19 -9.63 -5.98
CA ILE A 100 4.32 -10.58 -7.07
C ILE A 100 4.14 -11.99 -6.53
N ALA A 101 4.79 -12.29 -5.41
CA ALA A 101 4.68 -13.60 -4.80
C ALA A 101 3.22 -13.90 -4.41
N SER A 102 2.44 -12.85 -4.23
CA SER A 102 1.03 -13.00 -3.87
C SER A 102 0.27 -13.62 -5.03
N THR A 103 0.22 -12.90 -6.14
CA THR A 103 -0.46 -13.38 -7.33
C THR A 103 -0.09 -14.83 -7.59
N ILE A 104 1.17 -15.16 -7.31
CA ILE A 104 1.68 -16.51 -7.50
C ILE A 104 1.48 -17.34 -6.23
N GLY A 105 1.15 -16.67 -5.13
CA GLY A 105 0.93 -17.35 -3.87
C GLY A 105 -0.40 -18.11 -3.89
N GLY A 106 -1.35 -17.58 -4.67
CA GLY A 106 -2.66 -18.20 -4.78
C GLY A 106 -3.55 -17.80 -3.61
N ILE A 107 -3.46 -16.53 -3.22
CA ILE A 107 -4.25 -16.02 -2.11
C ILE A 107 -5.69 -15.76 -2.56
N PHE A 108 -5.84 -15.40 -3.84
CA PHE A 108 -7.16 -15.11 -4.38
C PHE A 108 -7.94 -16.39 -4.65
N GLY A 109 -7.29 -17.53 -4.44
CA GLY A 109 -7.94 -18.82 -4.66
C GLY A 109 -7.74 -19.29 -6.10
N GLY A 1 -2.96 -3.39 -36.76
CA GLY A 1 -3.03 -3.83 -35.37
C GLY A 1 -3.64 -5.23 -35.27
N SER A 2 -4.39 -5.45 -34.20
CA SER A 2 -5.02 -6.76 -33.98
C SER A 2 -3.98 -7.87 -34.00
N HIS A 3 -3.53 -8.27 -32.83
CA HIS A 3 -2.53 -9.32 -32.72
C HIS A 3 -3.19 -10.66 -32.41
N MET A 4 -2.37 -11.69 -32.19
CA MET A 4 -2.89 -13.01 -31.87
C MET A 4 -3.39 -13.08 -30.45
N ASP A 5 -4.67 -13.40 -30.28
CA ASP A 5 -5.27 -13.48 -28.96
C ASP A 5 -4.80 -12.33 -28.08
N SER A 6 -4.32 -12.65 -26.88
CA SER A 6 -3.85 -11.64 -25.97
C SER A 6 -2.49 -11.10 -26.40
N SER A 7 -1.45 -11.92 -26.23
CA SER A 7 -0.10 -11.51 -26.60
C SER A 7 0.22 -10.14 -26.03
N ILE A 8 1.47 -9.71 -26.25
CA ILE A 8 1.92 -8.41 -25.76
C ILE A 8 1.72 -8.29 -24.25
N SER A 9 2.58 -7.51 -23.60
CA SER A 9 2.50 -7.34 -22.15
C SER A 9 1.25 -6.55 -21.77
N LYS A 10 0.33 -7.20 -21.09
CA LYS A 10 -0.91 -6.55 -20.65
C LYS A 10 -0.59 -5.46 -19.62
N GLN A 11 0.56 -5.59 -18.97
CA GLN A 11 0.95 -4.62 -17.96
C GLN A 11 1.14 -3.24 -18.58
N ALA A 12 2.13 -3.12 -19.46
CA ALA A 12 2.41 -1.85 -20.12
C ALA A 12 1.19 -1.37 -20.89
N LEU A 13 0.43 -2.30 -21.46
CA LEU A 13 -0.76 -1.95 -22.20
C LEU A 13 -1.85 -1.47 -21.25
N SER A 14 -2.23 -2.35 -20.32
CA SER A 14 -3.26 -2.04 -19.35
C SER A 14 -2.83 -0.89 -18.42
N GLU A 15 -1.52 -0.74 -18.28
CA GLU A 15 -1.00 0.31 -17.40
C GLU A 15 -1.79 1.61 -17.55
N ILE A 16 -1.79 2.16 -18.75
CA ILE A 16 -2.50 3.42 -19.00
C ILE A 16 -3.99 3.29 -18.64
N GLU A 17 -4.50 2.08 -18.64
CA GLU A 17 -5.90 1.85 -18.33
C GLU A 17 -6.28 2.38 -16.96
N THR A 18 -5.33 3.00 -16.28
CA THR A 18 -5.61 3.56 -14.96
C THR A 18 -6.36 4.87 -15.10
N ARG A 19 -6.29 5.45 -16.30
CA ARG A 19 -6.98 6.70 -16.57
C ARG A 19 -8.50 6.51 -16.53
N HIS A 20 -8.92 5.26 -16.77
CA HIS A 20 -10.34 4.95 -16.77
C HIS A 20 -10.70 4.17 -15.51
N SER A 21 -9.96 3.10 -15.23
CA SER A 21 -10.22 2.28 -14.05
C SER A 21 -10.34 3.16 -12.81
N GLU A 22 -9.41 4.10 -12.65
CA GLU A 22 -9.43 4.99 -11.50
C GLU A 22 -10.80 5.64 -11.35
N ILE A 23 -11.38 6.05 -12.47
CA ILE A 23 -12.69 6.68 -12.46
C ILE A 23 -13.73 5.72 -11.87
N ILE A 24 -13.80 4.53 -12.44
CA ILE A 24 -14.75 3.52 -11.97
C ILE A 24 -14.51 3.19 -10.51
N LYS A 25 -13.24 3.07 -10.15
CA LYS A 25 -12.86 2.75 -8.78
C LYS A 25 -13.37 3.81 -7.82
N LEU A 26 -13.01 5.05 -8.07
CA LEU A 26 -13.44 6.15 -7.20
C LEU A 26 -14.94 6.08 -6.95
N GLU A 27 -15.70 5.83 -8.00
CA GLU A 27 -17.15 5.75 -7.89
C GLU A 27 -17.55 4.68 -6.86
N ASN A 28 -17.12 3.45 -7.11
CA ASN A 28 -17.45 2.35 -6.20
C ASN A 28 -16.91 2.62 -4.80
N SER A 29 -15.78 3.33 -4.74
CA SER A 29 -15.17 3.65 -3.46
C SER A 29 -16.11 4.49 -2.61
N ILE A 30 -17.03 5.20 -3.26
CA ILE A 30 -17.98 6.03 -2.56
C ILE A 30 -19.14 5.19 -2.03
N ARG A 31 -19.47 4.14 -2.76
CA ARG A 31 -20.57 3.26 -2.36
C ARG A 31 -20.09 2.26 -1.31
N GLU A 32 -18.78 2.04 -1.27
CA GLU A 32 -18.21 1.11 -0.31
C GLU A 32 -17.96 1.81 1.02
N LEU A 33 -17.06 2.79 1.02
CA LEU A 33 -16.75 3.53 2.24
C LEU A 33 -18.02 4.01 2.92
N HIS A 34 -19.02 4.35 2.12
CA HIS A 34 -20.29 4.82 2.67
C HIS A 34 -20.84 3.82 3.68
N ASP A 35 -21.06 2.59 3.23
CA ASP A 35 -21.57 1.56 4.11
C ASP A 35 -20.59 1.27 5.24
N MET A 36 -19.36 0.89 4.87
CA MET A 36 -18.34 0.58 5.86
C MET A 36 -18.32 1.62 6.96
N PHE A 37 -18.54 2.88 6.61
CA PHE A 37 -18.55 3.96 7.59
C PHE A 37 -19.27 3.50 8.85
N MET A 38 -20.42 2.86 8.65
CA MET A 38 -21.21 2.36 9.77
C MET A 38 -20.62 1.09 10.35
N ASP A 39 -19.89 0.35 9.52
CA ASP A 39 -19.28 -0.90 9.97
C ASP A 39 -18.12 -0.62 10.91
N MET A 40 -17.16 0.15 10.43
CA MET A 40 -16.00 0.50 11.22
C MET A 40 -16.43 1.17 12.53
N ALA A 41 -17.64 1.70 12.52
CA ALA A 41 -18.18 2.36 13.70
C ALA A 41 -18.33 1.35 14.84
N MET A 42 -18.51 0.08 14.46
CA MET A 42 -18.68 -0.99 15.43
C MET A 42 -17.40 -1.25 16.20
N LEU A 43 -16.36 -1.66 15.49
CA LEU A 43 -15.08 -1.97 16.13
C LEU A 43 -14.44 -0.72 16.70
N VAL A 44 -14.86 0.44 16.21
CA VAL A 44 -14.31 1.71 16.69
C VAL A 44 -14.80 2.02 18.11
N GLU A 45 -16.08 1.80 18.35
CA GLU A 45 -16.66 2.10 19.67
C GLU A 45 -16.42 0.97 20.66
N SER A 46 -16.91 -0.21 20.32
CA SER A 46 -16.79 -1.37 21.20
C SER A 46 -15.38 -1.95 21.15
N GLN A 47 -15.03 -2.57 20.03
CA GLN A 47 -13.72 -3.18 19.88
C GLN A 47 -12.66 -2.11 19.65
N GLY A 48 -13.00 -0.85 19.93
CA GLY A 48 -12.07 0.23 19.75
C GLY A 48 -10.78 -0.07 20.48
N GLU A 49 -10.90 -0.86 21.54
CA GLU A 49 -9.73 -1.22 22.33
C GLU A 49 -8.66 -1.86 21.45
N MET A 50 -9.09 -2.48 20.36
CA MET A 50 -8.15 -3.12 19.44
C MET A 50 -7.62 -2.11 18.44
N ILE A 51 -8.51 -1.28 17.92
CA ILE A 51 -8.13 -0.27 16.95
C ILE A 51 -6.90 0.50 17.43
N ASP A 52 -6.75 0.60 18.74
CA ASP A 52 -5.61 1.31 19.32
C ASP A 52 -4.32 0.55 19.03
N ARG A 53 -4.33 -0.72 19.37
CA ARG A 53 -3.15 -1.57 19.16
C ARG A 53 -2.56 -1.33 17.77
N ILE A 54 -3.41 -0.99 16.82
CA ILE A 54 -2.96 -0.73 15.45
C ILE A 54 -2.19 0.58 15.41
N GLU A 55 -2.71 1.56 16.11
CA GLU A 55 -2.07 2.87 16.14
C GLU A 55 -0.66 2.76 16.73
N TYR A 56 -0.60 2.38 18.00
CA TYR A 56 0.68 2.24 18.70
C TYR A 56 1.62 1.32 17.92
N ASN A 57 1.06 0.48 17.06
CA ASN A 57 1.88 -0.45 16.27
C ASN A 57 2.92 0.32 15.47
N VAL A 58 2.60 1.57 15.14
CA VAL A 58 3.53 2.40 14.37
C VAL A 58 4.86 2.54 15.11
N GLU A 59 4.80 2.98 16.37
CA GLU A 59 6.01 3.17 17.16
C GLU A 59 7.01 2.04 16.89
N HIS A 60 6.51 0.82 16.81
CA HIS A 60 7.37 -0.34 16.56
C HIS A 60 8.06 -0.20 15.20
N ALA A 61 7.27 -0.16 14.13
CA ALA A 61 7.81 -0.04 12.78
C ALA A 61 8.68 1.21 12.65
N VAL A 62 8.50 2.15 13.56
CA VAL A 62 9.28 3.39 13.53
C VAL A 62 10.64 3.18 14.20
N ASP A 63 10.68 2.28 15.17
CA ASP A 63 11.92 2.00 15.90
C ASP A 63 12.88 1.19 15.03
N TYR A 64 12.33 0.27 14.26
CA TYR A 64 13.14 -0.57 13.38
C TYR A 64 13.76 0.27 12.26
N VAL A 65 12.89 0.83 11.42
CA VAL A 65 13.35 1.65 10.31
C VAL A 65 14.46 2.61 10.76
N GLU A 66 14.52 2.87 12.06
CA GLU A 66 15.54 3.76 12.60
C GLU A 66 16.88 3.56 11.89
N ARG A 67 17.40 2.34 11.95
CA ARG A 67 18.67 2.02 11.30
C ARG A 67 18.52 2.10 9.79
N ALA A 68 17.28 1.96 9.32
CA ALA A 68 17.01 2.02 7.88
C ALA A 68 16.89 3.47 7.42
N VAL A 69 16.74 4.39 8.38
CA VAL A 69 16.61 5.80 8.06
C VAL A 69 17.97 6.39 7.69
N SER A 70 19.03 5.76 8.19
CA SER A 70 20.39 6.23 7.91
C SER A 70 20.60 6.41 6.41
N ASP A 71 19.63 5.94 5.62
CA ASP A 71 19.71 6.05 4.17
C ASP A 71 19.68 7.53 3.75
N THR A 72 19.29 8.40 4.68
CA THR A 72 19.22 9.82 4.39
C THR A 72 20.62 10.39 4.15
N LYS A 73 21.63 9.72 4.69
CA LYS A 73 23.01 10.17 4.54
C LYS A 73 23.61 9.62 3.25
N LYS A 74 22.91 8.65 2.65
CA LYS A 74 23.37 8.04 1.41
C LYS A 74 22.45 8.40 0.26
N ALA A 75 21.46 9.26 0.55
CA ALA A 75 20.50 9.67 -0.47
C ALA A 75 21.17 10.56 -1.50
N VAL A 76 21.35 11.83 -1.17
CA VAL A 76 21.97 12.78 -2.09
C VAL A 76 22.95 13.68 -1.35
N LYS A 77 22.43 14.37 -0.35
CA LYS A 77 23.26 15.28 0.45
C LYS A 77 22.56 15.63 1.76
N TYR A 78 21.42 16.31 1.65
CA TYR A 78 20.65 16.71 2.83
C TYR A 78 19.19 16.31 2.68
N GLN A 79 18.48 16.24 3.80
CA GLN A 79 17.07 15.87 3.78
C GLN A 79 16.48 15.90 5.18
N SER A 80 15.16 15.76 5.27
CA SER A 80 14.47 15.76 6.55
C SER A 80 13.23 14.85 6.49
N LYS A 81 12.21 15.32 5.78
CA LYS A 81 10.98 14.55 5.64
C LYS A 81 11.31 13.08 5.38
N ALA A 82 12.49 12.85 4.83
CA ALA A 82 12.94 11.49 4.53
C ALA A 82 12.66 10.57 5.72
N ARG A 83 12.45 11.16 6.89
CA ARG A 83 12.17 10.38 8.08
C ARG A 83 10.81 9.68 7.97
N ARG A 84 9.76 10.48 7.86
CA ARG A 84 8.42 9.94 7.73
C ARG A 84 8.20 9.32 6.35
N LYS A 85 9.01 9.76 5.39
CA LYS A 85 8.91 9.24 4.03
C LYS A 85 9.52 7.85 3.93
N LYS A 86 10.53 7.60 4.75
CA LYS A 86 11.21 6.31 4.76
C LYS A 86 10.21 5.17 4.99
N ILE A 87 9.38 5.32 6.01
CA ILE A 87 8.40 4.30 6.34
C ILE A 87 7.55 3.99 5.11
N MET A 88 7.31 5.00 4.28
CA MET A 88 6.51 4.82 3.08
C MET A 88 7.34 4.22 1.95
N ILE A 89 8.66 4.41 2.03
CA ILE A 89 9.56 3.89 1.00
C ILE A 89 9.97 2.44 1.25
N ILE A 90 10.48 2.16 2.45
CA ILE A 90 10.94 0.82 2.79
C ILE A 90 9.76 -0.13 2.98
N ILE A 91 8.95 0.13 4.00
CA ILE A 91 7.80 -0.73 4.28
C ILE A 91 7.02 -1.00 2.99
N CYS A 92 7.21 -0.12 2.00
CA CYS A 92 6.56 -0.30 0.71
C CYS A 92 7.36 -1.24 -0.17
N CYS A 93 8.57 -0.82 -0.50
CA CYS A 93 9.46 -1.61 -1.35
C CYS A 93 9.55 -3.06 -0.88
N VAL A 94 9.55 -3.26 0.44
CA VAL A 94 9.63 -4.61 0.98
C VAL A 94 8.36 -5.38 0.66
N ILE A 95 7.24 -4.68 0.63
CA ILE A 95 5.96 -5.33 0.33
C ILE A 95 5.90 -5.72 -1.14
N LEU A 96 6.34 -4.81 -2.03
CA LEU A 96 6.33 -5.09 -3.46
C LEU A 96 6.85 -6.49 -3.72
N GLY A 97 7.89 -6.87 -2.99
CA GLY A 97 8.49 -8.19 -3.15
C GLY A 97 7.50 -9.28 -2.72
N ILE A 98 6.60 -8.93 -1.81
CA ILE A 98 5.61 -9.88 -1.32
C ILE A 98 4.39 -9.92 -2.24
N ILE A 99 3.98 -8.76 -2.74
CA ILE A 99 2.80 -8.67 -3.61
C ILE A 99 2.89 -9.72 -4.71
N ILE A 100 3.99 -9.71 -5.44
CA ILE A 100 4.16 -10.67 -6.53
C ILE A 100 3.87 -12.08 -6.01
N ALA A 101 4.39 -12.39 -4.82
CA ALA A 101 4.15 -13.70 -4.22
C ALA A 101 2.66 -13.93 -3.99
N SER A 102 1.91 -12.84 -3.87
CA SER A 102 0.46 -12.93 -3.66
C SER A 102 -0.21 -13.51 -4.90
N THR A 103 -0.11 -12.78 -6.00
CA THR A 103 -0.70 -13.21 -7.26
C THR A 103 -0.35 -14.67 -7.50
N ILE A 104 0.87 -15.04 -7.10
CA ILE A 104 1.34 -16.42 -7.26
C ILE A 104 0.98 -17.25 -6.03
N GLY A 105 0.59 -16.57 -4.96
CA GLY A 105 0.20 -17.27 -3.73
C GLY A 105 -1.14 -17.96 -3.91
N GLY A 106 -1.98 -17.40 -4.78
CA GLY A 106 -3.29 -17.96 -5.04
C GLY A 106 -4.37 -17.15 -4.33
N ILE A 107 -3.94 -16.06 -3.70
CA ILE A 107 -4.85 -15.19 -2.98
C ILE A 107 -5.70 -14.39 -3.96
N PHE A 108 -5.06 -13.74 -4.91
CA PHE A 108 -5.77 -12.94 -5.90
C PHE A 108 -6.38 -13.85 -6.96
N GLY A 109 -5.57 -14.76 -7.50
CA GLY A 109 -6.03 -15.68 -8.53
C GLY A 109 -6.95 -16.74 -7.93
N GLY A 1 7.18 -21.14 -22.90
CA GLY A 1 6.69 -22.18 -22.00
C GLY A 1 5.93 -21.56 -20.83
N SER A 2 6.65 -20.87 -19.95
CA SER A 2 6.02 -20.24 -18.79
C SER A 2 4.91 -19.31 -19.24
N HIS A 3 3.91 -19.13 -18.38
CA HIS A 3 2.79 -18.26 -18.69
C HIS A 3 1.98 -17.94 -17.43
N MET A 4 1.95 -16.67 -17.05
CA MET A 4 1.22 -16.25 -15.87
C MET A 4 1.02 -14.73 -15.86
N ASP A 5 0.07 -14.27 -15.07
CA ASP A 5 -0.21 -12.84 -14.98
C ASP A 5 -0.57 -12.28 -16.35
N SER A 6 -0.64 -13.15 -17.34
CA SER A 6 -0.97 -12.74 -18.70
C SER A 6 -0.25 -11.45 -19.06
N SER A 7 1.02 -11.58 -19.42
CA SER A 7 1.82 -10.43 -19.80
C SER A 7 1.39 -9.90 -21.17
N ILE A 8 0.22 -10.33 -21.62
CA ILE A 8 -0.31 -9.92 -22.91
C ILE A 8 -1.51 -8.99 -22.73
N SER A 9 -2.56 -9.51 -22.10
CA SER A 9 -3.75 -8.72 -21.85
C SER A 9 -3.49 -7.65 -20.79
N LYS A 10 -2.51 -7.93 -19.93
CA LYS A 10 -2.17 -7.00 -18.87
C LYS A 10 -1.85 -5.62 -19.46
N GLN A 11 -0.81 -5.56 -20.26
CA GLN A 11 -0.41 -4.30 -20.89
C GLN A 11 -1.45 -3.80 -21.88
N ALA A 12 -2.29 -4.72 -22.36
CA ALA A 12 -3.31 -4.35 -23.32
C ALA A 12 -4.55 -3.79 -22.63
N LEU A 13 -5.22 -4.64 -21.85
CA LEU A 13 -6.42 -4.21 -21.14
C LEU A 13 -6.07 -3.13 -20.13
N SER A 14 -4.79 -2.98 -19.84
CA SER A 14 -4.34 -1.98 -18.88
C SER A 14 -4.84 -0.59 -19.27
N GLU A 15 -4.46 -0.13 -20.46
CA GLU A 15 -4.88 1.18 -20.93
C GLU A 15 -6.41 1.28 -21.02
N ILE A 16 -7.03 0.20 -21.48
CA ILE A 16 -8.49 0.18 -21.60
C ILE A 16 -9.15 0.24 -20.23
N GLU A 17 -8.88 -0.78 -19.42
CA GLU A 17 -9.45 -0.88 -18.08
C GLU A 17 -8.98 0.28 -17.21
N THR A 18 -7.95 0.97 -17.65
CA THR A 18 -7.41 2.08 -16.89
C THR A 18 -8.38 3.26 -16.92
N ARG A 19 -8.64 3.76 -18.11
CA ARG A 19 -9.55 4.89 -18.27
C ARG A 19 -10.96 4.50 -17.82
N HIS A 20 -11.24 3.20 -17.85
CA HIS A 20 -12.55 2.71 -17.44
C HIS A 20 -12.57 2.42 -15.94
N SER A 21 -11.39 2.28 -15.35
CA SER A 21 -11.28 1.99 -13.92
C SER A 21 -11.43 3.27 -13.12
N GLU A 22 -11.22 4.42 -13.77
CA GLU A 22 -11.32 5.70 -13.09
C GLU A 22 -12.74 5.89 -12.53
N ILE A 23 -13.72 5.96 -13.41
CA ILE A 23 -15.10 6.15 -13.00
C ILE A 23 -15.53 5.03 -12.05
N ILE A 24 -15.18 3.80 -12.39
CA ILE A 24 -15.54 2.66 -11.58
C ILE A 24 -15.02 2.84 -10.16
N LYS A 25 -13.73 3.10 -10.05
CA LYS A 25 -13.09 3.29 -8.76
C LYS A 25 -13.82 4.38 -7.97
N LEU A 26 -14.21 5.44 -8.64
CA LEU A 26 -14.91 6.54 -7.99
C LEU A 26 -16.26 6.09 -7.48
N GLU A 27 -17.09 5.57 -8.38
CA GLU A 27 -18.43 5.11 -8.01
C GLU A 27 -18.35 4.07 -6.90
N ASN A 28 -17.62 2.98 -7.15
CA ASN A 28 -17.49 1.92 -6.16
C ASN A 28 -16.93 2.45 -4.85
N SER A 29 -16.00 3.39 -4.94
CA SER A 29 -15.39 3.97 -3.74
C SER A 29 -16.43 4.69 -2.90
N ILE A 30 -17.37 5.35 -3.57
CA ILE A 30 -18.43 6.08 -2.88
C ILE A 30 -19.40 5.12 -2.21
N ARG A 31 -19.79 4.08 -2.94
CA ARG A 31 -20.72 3.09 -2.42
C ARG A 31 -20.06 2.21 -1.36
N GLU A 32 -18.73 2.17 -1.40
CA GLU A 32 -17.96 1.37 -0.46
C GLU A 32 -17.74 2.15 0.84
N LEU A 33 -17.01 3.25 0.73
CA LEU A 33 -16.72 4.09 1.90
C LEU A 33 -18.01 4.48 2.61
N HIS A 34 -19.03 4.81 1.82
CA HIS A 34 -20.32 5.21 2.38
C HIS A 34 -20.83 4.15 3.35
N ASP A 35 -21.01 2.92 2.84
CA ASP A 35 -21.49 1.83 3.68
C ASP A 35 -20.49 1.52 4.78
N MET A 36 -19.26 1.20 4.39
CA MET A 36 -18.22 0.86 5.36
C MET A 36 -18.22 1.83 6.54
N PHE A 37 -18.52 3.10 6.25
CA PHE A 37 -18.56 4.10 7.31
C PHE A 37 -19.24 3.54 8.54
N MET A 38 -20.33 2.81 8.32
CA MET A 38 -21.07 2.21 9.42
C MET A 38 -20.37 0.95 9.94
N ASP A 39 -19.67 0.26 9.04
CA ASP A 39 -18.96 -0.96 9.43
C ASP A 39 -17.80 -0.63 10.36
N MET A 40 -16.92 0.23 9.89
CA MET A 40 -15.76 0.63 10.68
C MET A 40 -16.21 1.24 12.00
N ALA A 41 -17.46 1.68 12.03
CA ALA A 41 -18.03 2.27 13.23
C ALA A 41 -18.10 1.22 14.33
N MET A 42 -18.15 -0.04 13.91
CA MET A 42 -18.24 -1.15 14.84
C MET A 42 -16.93 -1.33 15.62
N LEU A 43 -15.86 -1.62 14.91
CA LEU A 43 -14.56 -1.82 15.54
C LEU A 43 -14.01 -0.53 16.13
N VAL A 44 -14.49 0.60 15.62
CA VAL A 44 -14.04 1.90 16.12
C VAL A 44 -14.50 2.13 17.55
N GLU A 45 -15.76 1.80 17.82
CA GLU A 45 -16.32 2.00 19.16
C GLU A 45 -15.96 0.85 20.11
N SER A 46 -16.32 -0.36 19.71
CA SER A 46 -16.07 -1.53 20.55
C SER A 46 -14.60 -1.97 20.49
N GLN A 47 -14.18 -2.50 19.36
CA GLN A 47 -12.80 -2.97 19.21
C GLN A 47 -11.85 -1.81 18.97
N GLY A 48 -12.29 -0.60 19.29
CA GLY A 48 -11.45 0.57 19.11
C GLY A 48 -10.22 0.46 19.99
N GLU A 49 -10.41 -0.17 21.15
CA GLU A 49 -9.30 -0.35 22.09
C GLU A 49 -8.22 -1.22 21.48
N MET A 50 -8.63 -2.18 20.66
CA MET A 50 -7.68 -3.09 20.02
C MET A 50 -7.13 -2.47 18.73
N ILE A 51 -8.03 -2.11 17.84
CA ILE A 51 -7.63 -1.51 16.57
C ILE A 51 -6.68 -0.33 16.80
N ASP A 52 -6.83 0.31 17.95
CA ASP A 52 -5.99 1.45 18.29
C ASP A 52 -4.52 1.06 18.23
N ARG A 53 -4.20 -0.04 18.90
CA ARG A 53 -2.83 -0.52 18.95
C ARG A 53 -2.15 -0.43 17.58
N ILE A 54 -2.96 -0.40 16.51
CA ILE A 54 -2.41 -0.31 15.17
C ILE A 54 -1.68 1.01 14.99
N GLU A 55 -2.22 2.04 15.62
CA GLU A 55 -1.62 3.36 15.54
C GLU A 55 -0.19 3.32 16.07
N TYR A 56 -0.04 2.98 17.35
CA TYR A 56 1.28 2.90 17.96
C TYR A 56 2.25 2.09 17.10
N ASN A 57 1.69 1.26 16.23
CA ASN A 57 2.53 0.44 15.35
C ASN A 57 3.47 1.33 14.55
N VAL A 58 3.08 2.58 14.37
CA VAL A 58 3.88 3.54 13.62
C VAL A 58 5.24 3.74 14.28
N GLU A 59 5.23 4.14 15.55
CA GLU A 59 6.46 4.38 16.28
C GLU A 59 7.51 3.32 15.95
N HIS A 60 7.10 2.06 15.92
CA HIS A 60 8.04 0.98 15.62
C HIS A 60 8.63 1.14 14.22
N ALA A 61 7.76 1.08 13.21
CA ALA A 61 8.20 1.21 11.82
C ALA A 61 8.94 2.51 11.60
N VAL A 62 8.77 3.47 12.50
CA VAL A 62 9.44 4.75 12.39
C VAL A 62 10.84 4.67 13.00
N ASP A 63 10.94 4.02 14.16
CA ASP A 63 12.21 3.88 14.85
C ASP A 63 13.15 2.96 14.08
N TYR A 64 12.59 2.00 13.35
CA TYR A 64 13.43 1.07 12.59
C TYR A 64 13.98 1.76 11.35
N VAL A 65 13.10 2.11 10.42
CA VAL A 65 13.52 2.77 9.19
C VAL A 65 14.55 3.86 9.49
N GLU A 66 14.43 4.46 10.67
CA GLU A 66 15.37 5.52 11.06
C GLU A 66 16.81 5.02 11.00
N ARG A 67 17.02 3.79 11.47
CA ARG A 67 18.35 3.21 11.47
C ARG A 67 18.68 2.62 10.10
N ALA A 68 17.65 2.17 9.40
CA ALA A 68 17.83 1.58 8.07
C ALA A 68 17.95 2.68 7.02
N VAL A 69 17.54 3.89 7.40
CA VAL A 69 17.60 5.02 6.47
C VAL A 69 18.98 5.69 6.54
N SER A 70 19.46 5.90 7.76
CA SER A 70 20.77 6.53 7.94
C SER A 70 21.88 5.58 7.53
N ASP A 71 21.51 4.38 7.11
CA ASP A 71 22.48 3.38 6.69
C ASP A 71 22.90 3.62 5.24
N THR A 72 21.92 3.62 4.34
CA THR A 72 22.19 3.83 2.93
C THR A 72 22.80 5.22 2.70
N LYS A 73 22.26 6.21 3.39
CA LYS A 73 22.75 7.58 3.27
C LYS A 73 24.18 7.69 3.79
N LYS A 74 24.39 7.18 5.00
CA LYS A 74 25.72 7.22 5.61
C LYS A 74 26.04 8.63 6.09
N ALA A 75 25.18 9.59 5.73
CA ALA A 75 25.39 10.98 6.12
C ALA A 75 25.15 11.15 7.62
N VAL A 76 26.04 11.90 8.26
CA VAL A 76 25.91 12.14 9.70
C VAL A 76 24.93 13.27 9.97
N LYS A 77 24.53 13.96 8.91
CA LYS A 77 23.58 15.06 9.05
C LYS A 77 22.17 14.55 9.25
N TYR A 78 21.54 14.98 10.34
CA TYR A 78 20.17 14.55 10.64
C TYR A 78 19.18 15.18 9.67
N GLN A 79 18.16 14.41 9.28
CA GLN A 79 17.15 14.89 8.36
C GLN A 79 15.81 14.24 8.65
N SER A 80 15.31 14.43 9.87
CA SER A 80 14.04 13.85 10.26
C SER A 80 13.01 13.98 9.14
N LYS A 81 13.04 15.12 8.45
CA LYS A 81 12.11 15.36 7.35
C LYS A 81 12.04 14.15 6.43
N ALA A 82 13.19 13.69 5.98
CA ALA A 82 13.25 12.53 5.09
C ALA A 82 12.66 11.30 5.78
N ARG A 83 13.25 10.92 6.91
CA ARG A 83 12.79 9.74 7.64
C ARG A 83 11.27 9.65 7.66
N ARG A 84 10.60 10.78 7.44
CA ARG A 84 9.13 10.78 7.42
C ARG A 84 8.60 10.20 6.11
N LYS A 85 9.01 10.82 5.00
CA LYS A 85 8.56 10.37 3.68
C LYS A 85 9.25 9.07 3.27
N LYS A 86 10.46 8.87 3.76
CA LYS A 86 11.23 7.68 3.41
C LYS A 86 10.44 6.40 3.71
N ILE A 87 9.81 6.35 4.87
CA ILE A 87 9.04 5.18 5.24
C ILE A 87 8.09 4.79 4.10
N MET A 88 7.56 5.79 3.42
CA MET A 88 6.64 5.53 2.31
C MET A 88 7.41 5.03 1.10
N ILE A 89 8.70 5.36 1.04
CA ILE A 89 9.53 4.94 -0.08
C ILE A 89 10.11 3.54 0.15
N ILE A 90 10.66 3.34 1.35
CA ILE A 90 11.28 2.06 1.70
C ILE A 90 10.23 1.00 2.00
N ILE A 91 9.41 1.24 3.03
CA ILE A 91 8.38 0.28 3.40
C ILE A 91 7.70 -0.28 2.16
N CYS A 92 7.71 0.49 1.08
CA CYS A 92 7.10 0.04 -0.16
C CYS A 92 8.02 -0.90 -0.92
N CYS A 93 9.18 -0.38 -1.31
CA CYS A 93 10.16 -1.19 -2.04
C CYS A 93 10.26 -2.58 -1.42
N VAL A 94 10.18 -2.64 -0.10
CA VAL A 94 10.25 -3.92 0.61
C VAL A 94 9.01 -4.75 0.28
N ILE A 95 7.87 -4.08 0.26
CA ILE A 95 6.61 -4.75 -0.03
C ILE A 95 6.58 -5.23 -1.48
N LEU A 96 6.99 -4.37 -2.40
CA LEU A 96 7.00 -4.71 -3.82
C LEU A 96 7.59 -6.11 -4.02
N GLY A 97 8.57 -6.46 -3.22
CA GLY A 97 9.19 -7.77 -3.33
C GLY A 97 8.22 -8.86 -2.88
N ILE A 98 7.32 -8.49 -1.98
CA ILE A 98 6.34 -9.43 -1.46
C ILE A 98 5.12 -9.51 -2.38
N ILE A 99 4.71 -8.38 -2.93
CA ILE A 99 3.54 -8.34 -3.82
C ILE A 99 3.65 -9.43 -4.89
N ILE A 100 4.75 -9.40 -5.64
CA ILE A 100 4.93 -10.38 -6.69
C ILE A 100 4.67 -11.78 -6.15
N ALA A 101 5.24 -12.08 -4.98
CA ALA A 101 5.04 -13.38 -4.35
C ALA A 101 3.56 -13.61 -4.07
N SER A 102 2.81 -12.52 -3.96
CA SER A 102 1.36 -12.62 -3.70
C SER A 102 0.67 -13.23 -4.91
N THR A 103 0.74 -12.52 -6.03
CA THR A 103 0.13 -12.99 -7.26
C THR A 103 0.47 -14.46 -7.48
N ILE A 104 1.69 -14.82 -7.09
CA ILE A 104 2.18 -16.20 -7.23
C ILE A 104 1.84 -17.00 -5.98
N GLY A 105 1.45 -16.30 -4.92
CA GLY A 105 1.09 -16.96 -3.67
C GLY A 105 -0.20 -17.75 -3.84
N GLY A 106 -1.05 -17.27 -4.74
CA GLY A 106 -2.33 -17.93 -4.99
C GLY A 106 -3.47 -17.15 -4.35
N ILE A 107 -3.12 -16.02 -3.75
CA ILE A 107 -4.11 -15.18 -3.09
C ILE A 107 -4.99 -14.48 -4.12
N PHE A 108 -4.36 -13.77 -5.05
CA PHE A 108 -5.10 -13.06 -6.08
C PHE A 108 -5.59 -14.03 -7.15
N GLY A 109 -4.67 -14.87 -7.64
CA GLY A 109 -5.03 -15.85 -8.66
C GLY A 109 -5.90 -16.96 -8.10
N GLY A 1 -1.60 -20.37 -32.70
CA GLY A 1 -0.91 -19.65 -33.76
C GLY A 1 -1.36 -18.20 -33.81
N SER A 2 -2.51 -17.92 -33.20
CA SER A 2 -3.03 -16.56 -33.19
C SER A 2 -1.93 -15.56 -32.90
N HIS A 3 -1.95 -14.44 -33.61
CA HIS A 3 -0.94 -13.40 -33.41
C HIS A 3 -0.85 -13.01 -31.95
N MET A 4 -2.00 -12.90 -31.29
CA MET A 4 -2.05 -12.54 -29.88
C MET A 4 -1.51 -11.12 -29.69
N ASP A 5 -2.05 -10.41 -28.70
CA ASP A 5 -1.62 -9.05 -28.41
C ASP A 5 -1.32 -8.29 -29.69
N SER A 6 -0.56 -7.20 -29.56
CA SER A 6 -0.20 -6.38 -30.70
C SER A 6 0.96 -5.45 -30.37
N SER A 7 1.69 -5.80 -29.31
CA SER A 7 2.83 -4.98 -28.89
C SER A 7 3.67 -5.73 -27.86
N ILE A 8 3.65 -5.23 -26.62
CA ILE A 8 4.41 -5.84 -25.55
C ILE A 8 3.60 -6.94 -24.86
N SER A 9 2.43 -6.59 -24.37
CA SER A 9 1.57 -7.55 -23.69
C SER A 9 0.26 -6.90 -23.26
N LYS A 10 -0.57 -7.67 -22.60
CA LYS A 10 -1.86 -7.16 -22.12
C LYS A 10 -1.64 -6.09 -21.05
N GLN A 11 -0.73 -6.37 -20.12
CA GLN A 11 -0.45 -5.44 -19.04
C GLN A 11 -0.32 -4.02 -19.59
N ALA A 12 0.68 -3.82 -20.45
CA ALA A 12 0.91 -2.50 -21.05
C ALA A 12 -0.31 -2.04 -21.83
N LEU A 13 -1.08 -2.99 -22.35
CA LEU A 13 -2.28 -2.65 -23.11
C LEU A 13 -3.36 -2.11 -22.18
N SER A 14 -3.75 -2.94 -21.22
CA SER A 14 -4.78 -2.58 -20.25
C SER A 14 -4.31 -1.43 -19.35
N GLU A 15 -3.00 -1.27 -19.23
CA GLU A 15 -2.46 -0.22 -18.37
C GLU A 15 -3.26 1.06 -18.51
N ILE A 16 -3.29 1.62 -19.72
CA ILE A 16 -4.01 2.87 -19.95
C ILE A 16 -5.48 2.75 -19.55
N GLU A 17 -5.99 1.52 -19.50
CA GLU A 17 -7.39 1.30 -19.14
C GLU A 17 -7.70 1.85 -17.76
N THR A 18 -6.71 2.47 -17.12
CA THR A 18 -6.92 3.04 -15.80
C THR A 18 -7.69 4.35 -15.90
N ARG A 19 -7.66 4.93 -17.10
CA ARG A 19 -8.36 6.19 -17.35
C ARG A 19 -9.87 5.99 -17.28
N HIS A 20 -10.31 4.75 -17.51
CA HIS A 20 -11.73 4.42 -17.47
C HIS A 20 -12.07 3.65 -16.19
N SER A 21 -11.13 2.84 -15.74
CA SER A 21 -11.34 2.04 -14.53
C SER A 21 -11.31 2.93 -13.29
N GLU A 22 -10.37 3.87 -13.27
CA GLU A 22 -10.24 4.78 -12.14
C GLU A 22 -11.60 5.40 -11.78
N ILE A 23 -12.35 5.78 -12.81
CA ILE A 23 -13.66 6.38 -12.59
C ILE A 23 -14.56 5.41 -11.84
N ILE A 24 -14.73 4.23 -12.42
CA ILE A 24 -15.57 3.21 -11.81
C ILE A 24 -15.11 2.87 -10.41
N LYS A 25 -13.79 2.85 -10.23
CA LYS A 25 -13.21 2.54 -8.93
C LYS A 25 -13.64 3.57 -7.89
N LEU A 26 -13.34 4.83 -8.14
CA LEU A 26 -13.70 5.90 -7.22
C LEU A 26 -15.17 5.82 -6.82
N GLU A 27 -16.03 5.59 -7.80
CA GLU A 27 -17.45 5.51 -7.54
C GLU A 27 -17.75 4.38 -6.55
N ASN A 28 -17.26 3.17 -6.86
CA ASN A 28 -17.49 2.03 -5.98
C ASN A 28 -16.88 2.28 -4.60
N SER A 29 -15.85 3.12 -4.56
CA SER A 29 -15.18 3.43 -3.31
C SER A 29 -16.06 4.32 -2.44
N ILE A 30 -16.99 5.02 -3.07
CA ILE A 30 -17.90 5.91 -2.35
C ILE A 30 -19.09 5.13 -1.81
N ARG A 31 -19.56 4.15 -2.59
CA ARG A 31 -20.70 3.35 -2.17
C ARG A 31 -20.25 2.25 -1.20
N GLU A 32 -19.00 1.83 -1.35
CA GLU A 32 -18.45 0.79 -0.50
C GLU A 32 -18.14 1.34 0.89
N LEU A 33 -17.30 2.37 0.94
CA LEU A 33 -16.92 2.98 2.20
C LEU A 33 -18.15 3.56 2.89
N HIS A 34 -19.14 3.96 2.10
CA HIS A 34 -20.36 4.52 2.65
C HIS A 34 -20.99 3.57 3.64
N ASP A 35 -21.31 2.36 3.19
CA ASP A 35 -21.91 1.36 4.06
C ASP A 35 -20.95 0.98 5.19
N MET A 36 -19.77 0.49 4.81
CA MET A 36 -18.78 0.07 5.80
C MET A 36 -18.65 1.09 6.92
N PHE A 37 -18.84 2.36 6.59
CA PHE A 37 -18.73 3.40 7.60
C PHE A 37 -19.43 2.97 8.89
N MET A 38 -20.56 2.28 8.74
CA MET A 38 -21.30 1.81 9.90
C MET A 38 -20.66 0.56 10.49
N ASP A 39 -19.94 -0.20 9.66
CA ASP A 39 -19.28 -1.41 10.14
C ASP A 39 -18.05 -1.06 10.96
N MET A 40 -17.15 -0.31 10.35
CA MET A 40 -15.92 0.10 11.04
C MET A 40 -16.27 0.83 12.33
N ALA A 41 -17.50 1.33 12.38
CA ALA A 41 -17.96 2.04 13.56
C ALA A 41 -18.09 1.06 14.73
N MET A 42 -18.21 -0.22 14.40
CA MET A 42 -18.36 -1.26 15.40
C MET A 42 -17.08 -1.45 16.21
N LEU A 43 -16.00 -1.86 15.54
CA LEU A 43 -14.73 -2.09 16.21
C LEU A 43 -14.13 -0.77 16.71
N VAL A 44 -14.49 0.32 16.08
CA VAL A 44 -13.98 1.62 16.46
C VAL A 44 -14.52 2.05 17.82
N GLU A 45 -15.82 1.87 18.03
CA GLU A 45 -16.45 2.25 19.28
C GLU A 45 -16.29 1.18 20.35
N SER A 46 -16.60 -0.05 19.99
CA SER A 46 -16.52 -1.17 20.92
C SER A 46 -15.08 -1.66 21.10
N GLN A 47 -14.54 -2.29 20.07
CA GLN A 47 -13.19 -2.82 20.14
C GLN A 47 -12.17 -1.72 19.85
N GLY A 48 -12.60 -0.47 19.94
CA GLY A 48 -11.70 0.64 19.70
C GLY A 48 -10.43 0.43 20.48
N GLU A 49 -10.58 -0.24 21.61
CA GLU A 49 -9.43 -0.52 22.47
C GLU A 49 -8.38 -1.33 21.72
N MET A 50 -8.83 -2.23 20.85
CA MET A 50 -7.92 -3.07 20.09
C MET A 50 -7.46 -2.37 18.81
N ILE A 51 -8.42 -1.82 18.08
CA ILE A 51 -8.13 -1.14 16.82
C ILE A 51 -7.17 0.04 17.07
N ASP A 52 -7.30 0.68 18.22
CA ASP A 52 -6.44 1.81 18.55
C ASP A 52 -4.98 1.38 18.53
N ARG A 53 -4.69 0.33 19.27
CA ARG A 53 -3.33 -0.19 19.37
C ARG A 53 -2.64 -0.22 18.00
N ILE A 54 -3.44 -0.19 16.93
CA ILE A 54 -2.87 -0.21 15.59
C ILE A 54 -2.04 1.04 15.35
N GLU A 55 -2.47 2.13 15.95
CA GLU A 55 -1.77 3.40 15.80
C GLU A 55 -0.35 3.29 16.34
N TYR A 56 -0.23 3.01 17.64
CA TYR A 56 1.07 2.88 18.27
C TYR A 56 2.02 2.06 17.41
N ASN A 57 1.45 1.26 16.51
CA ASN A 57 2.27 0.43 15.63
C ASN A 57 3.32 1.29 14.92
N VAL A 58 2.99 2.55 14.70
CA VAL A 58 3.90 3.47 14.03
C VAL A 58 5.24 3.53 14.76
N GLU A 59 5.19 3.89 16.04
CA GLU A 59 6.42 4.00 16.83
C GLU A 59 7.40 2.89 16.47
N HIS A 60 6.91 1.66 16.38
CA HIS A 60 7.76 0.53 16.02
C HIS A 60 8.32 0.71 14.62
N ALA A 61 7.42 0.76 13.63
CA ALA A 61 7.82 0.91 12.23
C ALA A 61 8.72 2.13 12.03
N VAL A 62 8.73 3.04 12.99
CA VAL A 62 9.56 4.23 12.88
C VAL A 62 11.00 3.92 13.26
N ASP A 63 11.18 3.24 14.39
CA ASP A 63 12.51 2.87 14.86
C ASP A 63 13.04 1.70 14.04
N TYR A 64 12.14 0.80 13.65
CA TYR A 64 12.53 -0.37 12.86
C TYR A 64 12.93 0.05 11.45
N VAL A 65 12.41 1.19 11.01
CA VAL A 65 12.72 1.68 9.67
C VAL A 65 14.08 2.37 9.65
N GLU A 66 14.27 3.33 10.55
CA GLU A 66 15.53 4.06 10.64
C GLU A 66 16.72 3.10 10.47
N ARG A 67 16.66 1.97 11.18
CA ARG A 67 17.72 0.98 11.10
C ARG A 67 18.10 0.71 9.65
N ALA A 68 17.09 0.72 8.78
CA ALA A 68 17.32 0.46 7.35
C ALA A 68 17.75 1.74 6.65
N VAL A 69 17.26 2.88 7.12
CA VAL A 69 17.61 4.16 6.52
C VAL A 69 19.11 4.37 6.53
N SER A 70 19.73 4.16 7.69
CA SER A 70 21.17 4.34 7.82
C SER A 70 21.89 3.73 6.62
N ASP A 71 21.22 2.83 5.92
CA ASP A 71 21.81 2.18 4.76
C ASP A 71 21.82 3.14 3.56
N THR A 72 20.70 3.81 3.33
CA THR A 72 20.60 4.75 2.23
C THR A 72 21.17 6.12 2.61
N LYS A 73 21.20 6.39 3.92
CA LYS A 73 21.72 7.67 4.40
C LYS A 73 23.19 7.82 4.03
N LYS A 74 24.01 6.88 4.48
CA LYS A 74 25.44 6.92 4.19
C LYS A 74 26.07 8.19 4.75
N ALA A 75 25.25 9.02 5.36
CA ALA A 75 25.71 10.29 5.93
C ALA A 75 25.75 11.38 4.86
N VAL A 76 24.59 11.94 4.57
CA VAL A 76 24.49 12.98 3.56
C VAL A 76 23.30 13.89 3.84
N LYS A 77 23.53 14.91 4.68
CA LYS A 77 22.48 15.85 5.05
C LYS A 77 21.35 15.14 5.79
N TYR A 78 21.11 15.60 7.02
CA TYR A 78 20.06 15.02 7.85
C TYR A 78 18.81 15.90 7.83
N GLN A 79 17.69 15.34 8.27
CA GLN A 79 16.43 16.09 8.29
C GLN A 79 15.32 15.25 8.90
N SER A 80 14.11 15.82 8.92
CA SER A 80 12.95 15.12 9.47
C SER A 80 11.81 15.11 8.47
N LYS A 81 11.24 16.28 8.21
CA LYS A 81 10.14 16.40 7.26
C LYS A 81 10.47 15.68 5.96
N ALA A 82 11.76 15.68 5.62
CA ALA A 82 12.22 15.02 4.42
C ALA A 82 12.52 13.54 4.70
N ARG A 83 12.68 13.22 5.98
CA ARG A 83 12.96 11.84 6.38
C ARG A 83 11.69 11.02 6.49
N ARG A 84 10.55 11.70 6.67
CA ARG A 84 9.28 11.01 6.80
C ARG A 84 8.87 10.36 5.47
N LYS A 85 9.44 10.85 4.38
CA LYS A 85 9.13 10.33 3.06
C LYS A 85 9.66 8.91 2.90
N LYS A 86 10.80 8.63 3.51
CA LYS A 86 11.42 7.30 3.43
C LYS A 86 10.40 6.21 3.72
N ILE A 87 9.58 6.43 4.75
CA ILE A 87 8.57 5.46 5.12
C ILE A 87 7.79 5.01 3.89
N MET A 88 7.60 5.95 2.97
CA MET A 88 6.88 5.66 1.73
C MET A 88 7.78 5.01 0.68
N ILE A 89 9.08 5.22 0.82
CA ILE A 89 10.04 4.68 -0.16
C ILE A 89 10.46 3.24 0.18
N ILE A 90 10.97 3.03 1.39
CA ILE A 90 11.44 1.70 1.78
C ILE A 90 10.29 0.73 2.00
N ILE A 91 9.45 1.02 2.99
CA ILE A 91 8.32 0.16 3.29
C ILE A 91 7.52 -0.16 2.03
N CYS A 92 7.69 0.66 1.01
CA CYS A 92 6.99 0.42 -0.26
C CYS A 92 7.77 -0.60 -1.08
N CYS A 93 8.99 -0.23 -1.46
CA CYS A 93 9.84 -1.11 -2.25
C CYS A 93 9.92 -2.49 -1.62
N VAL A 94 9.89 -2.53 -0.28
CA VAL A 94 9.94 -3.80 0.43
C VAL A 94 8.67 -4.59 0.17
N ILE A 95 7.55 -3.89 0.11
CA ILE A 95 6.26 -4.52 -0.15
C ILE A 95 6.19 -5.01 -1.58
N LEU A 96 6.66 -4.19 -2.52
CA LEU A 96 6.64 -4.56 -3.93
C LEU A 96 7.12 -6.00 -4.11
N GLY A 97 8.15 -6.36 -3.34
CA GLY A 97 8.70 -7.71 -3.42
C GLY A 97 7.70 -8.73 -2.91
N ILE A 98 6.79 -8.27 -2.04
CA ILE A 98 5.77 -9.15 -1.48
C ILE A 98 4.58 -9.27 -2.43
N ILE A 99 4.19 -8.17 -3.06
CA ILE A 99 3.06 -8.19 -3.99
C ILE A 99 3.19 -9.36 -4.95
N ILE A 100 4.35 -9.47 -5.57
CA ILE A 100 4.60 -10.55 -6.51
C ILE A 100 4.28 -11.89 -5.85
N ALA A 101 4.84 -12.11 -4.67
CA ALA A 101 4.60 -13.35 -3.93
C ALA A 101 3.10 -13.52 -3.65
N SER A 102 2.37 -12.41 -3.59
CA SER A 102 0.94 -12.47 -3.34
C SER A 102 0.23 -13.13 -4.51
N THR A 103 0.29 -12.46 -5.66
CA THR A 103 -0.34 -12.98 -6.87
C THR A 103 -0.04 -14.46 -7.00
N ILE A 104 1.18 -14.84 -6.64
CA ILE A 104 1.62 -16.23 -6.72
C ILE A 104 1.31 -16.97 -5.41
N GLY A 105 0.97 -16.21 -4.37
CA GLY A 105 0.65 -16.81 -3.08
C GLY A 105 -0.72 -17.50 -3.13
N GLY A 106 -1.60 -16.96 -3.97
CA GLY A 106 -2.94 -17.51 -4.11
C GLY A 106 -3.82 -17.08 -2.94
N ILE A 107 -3.72 -15.80 -2.59
CA ILE A 107 -4.50 -15.26 -1.50
C ILE A 107 -5.93 -14.97 -1.95
N PHE A 108 -6.09 -14.69 -3.24
CA PHE A 108 -7.40 -14.40 -3.80
C PHE A 108 -8.21 -15.67 -3.99
N GLY A 109 -7.59 -16.82 -3.76
CA GLY A 109 -8.27 -18.09 -3.91
C GLY A 109 -7.68 -19.13 -2.97
#